data_1P94
#
_entry.id   1P94
#
_cell.length_a   1.000
_cell.length_b   1.000
_cell.length_c   1.000
_cell.angle_alpha   90.00
_cell.angle_beta   90.00
_cell.angle_gamma   90.00
#
_symmetry.space_group_name_H-M   'P 1'
#
_entity_poly.entity_id   1
_entity_poly.type   'polypeptide(L)'
_entity_poly.pdbx_seq_one_letter_code
;MSLEKAHTSVKKMTFGENRDLERVVTAPVSSGKIKRVNVNFDEEKHTRFKAACARKGTSITDVVNQLVDNWLKENE
;
_entity_poly.pdbx_strand_id   A,B
#
# COMPACT_ATOMS: atom_id res chain seq x y z
N MET A 1 45.62 -45.90 -5.92
CA MET A 1 46.89 -45.34 -5.38
C MET A 1 46.66 -43.95 -4.79
N SER A 2 47.65 -43.47 -4.04
CA SER A 2 47.57 -42.15 -3.43
C SER A 2 47.00 -41.15 -4.41
N LEU A 3 47.37 -41.30 -5.68
CA LEU A 3 46.85 -40.43 -6.71
C LEU A 3 45.35 -40.57 -6.79
N GLU A 4 44.90 -41.80 -6.92
CA GLU A 4 43.47 -42.08 -6.97
C GLU A 4 42.82 -41.45 -5.76
N LYS A 5 43.47 -41.62 -4.62
CA LYS A 5 42.97 -41.04 -3.38
C LYS A 5 42.79 -39.56 -3.57
N ALA A 6 43.79 -38.94 -4.21
CA ALA A 6 43.73 -37.52 -4.48
C ALA A 6 42.44 -37.22 -5.19
N HIS A 7 42.16 -37.98 -6.23
CA HIS A 7 40.93 -37.82 -6.97
C HIS A 7 39.97 -38.94 -6.58
N THR A 8 39.88 -39.19 -5.27
CA THR A 8 38.98 -40.23 -4.78
C THR A 8 37.59 -39.93 -5.28
N SER A 9 37.35 -38.65 -5.54
CA SER A 9 36.10 -38.18 -6.08
C SER A 9 36.10 -38.42 -7.58
N VAL A 10 36.88 -39.42 -7.98
CA VAL A 10 37.05 -39.78 -9.38
C VAL A 10 35.73 -39.71 -10.11
N LYS A 11 34.86 -40.67 -9.87
CA LYS A 11 33.55 -40.70 -10.52
C LYS A 11 32.95 -39.31 -10.46
N LYS A 12 33.09 -38.70 -9.28
CA LYS A 12 32.61 -37.36 -8.97
C LYS A 12 32.18 -37.33 -7.52
N MET A 13 32.48 -38.41 -6.81
CA MET A 13 32.11 -38.57 -5.41
C MET A 13 30.62 -38.36 -5.26
N THR A 14 29.91 -38.42 -6.39
CA THR A 14 28.47 -38.22 -6.41
C THR A 14 28.09 -37.02 -5.57
N PHE A 15 29.05 -36.10 -5.47
CA PHE A 15 28.89 -34.85 -4.72
C PHE A 15 27.45 -34.38 -4.78
N GLY A 16 26.91 -34.49 -5.98
CA GLY A 16 25.57 -34.09 -6.27
C GLY A 16 25.36 -34.17 -7.75
N GLU A 17 26.13 -35.03 -8.39
CA GLU A 17 26.06 -35.22 -9.82
C GLU A 17 24.64 -35.58 -10.20
N ASN A 18 24.11 -36.57 -9.52
CA ASN A 18 22.74 -36.99 -9.75
C ASN A 18 21.82 -35.88 -9.29
N ARG A 19 22.37 -34.98 -8.48
CA ARG A 19 21.61 -33.86 -7.96
C ARG A 19 21.74 -32.66 -8.87
N ASP A 20 22.66 -32.76 -9.83
CA ASP A 20 22.89 -31.69 -10.77
C ASP A 20 21.59 -31.33 -11.47
N LEU A 21 20.74 -32.33 -11.68
CA LEU A 21 19.44 -32.11 -12.33
C LEU A 21 18.80 -30.88 -11.73
N GLU A 22 19.18 -30.62 -10.50
CA GLU A 22 18.70 -29.47 -9.77
C GLU A 22 17.19 -29.43 -9.74
N ARG A 23 16.60 -30.31 -8.94
CA ARG A 23 15.16 -30.32 -8.79
C ARG A 23 14.75 -28.99 -8.21
N VAL A 24 15.75 -28.19 -7.84
CA VAL A 24 15.53 -26.87 -7.29
C VAL A 24 14.72 -26.07 -8.28
N VAL A 25 14.65 -26.57 -9.50
CA VAL A 25 13.87 -25.96 -10.56
C VAL A 25 12.52 -25.61 -10.00
N THR A 26 12.16 -26.35 -8.96
CA THR A 26 10.91 -26.14 -8.26
C THR A 26 10.96 -24.78 -7.63
N ALA A 27 10.71 -23.75 -8.42
CA ALA A 27 10.73 -22.39 -7.93
C ALA A 27 9.92 -22.35 -6.66
N PRO A 28 10.17 -21.38 -5.77
CA PRO A 28 9.44 -21.26 -4.52
C PRO A 28 7.97 -21.55 -4.72
N VAL A 29 7.47 -21.29 -5.93
CA VAL A 29 6.07 -21.49 -6.28
C VAL A 29 5.25 -20.40 -5.63
N SER A 30 5.40 -20.28 -4.32
CA SER A 30 4.73 -19.24 -3.57
C SER A 30 5.31 -17.90 -4.02
N SER A 31 6.32 -18.02 -4.87
CA SER A 31 7.00 -16.87 -5.43
C SER A 31 6.02 -15.85 -5.98
N GLY A 32 6.19 -14.61 -5.56
CA GLY A 32 5.33 -13.53 -6.03
C GLY A 32 3.85 -13.79 -5.83
N LYS A 33 3.51 -14.88 -5.16
CA LYS A 33 2.10 -15.20 -4.92
C LYS A 33 1.45 -14.12 -4.07
N ILE A 34 2.28 -13.24 -3.53
CA ILE A 34 1.81 -12.14 -2.70
C ILE A 34 2.34 -10.81 -3.24
N LYS A 35 1.43 -9.99 -3.76
CA LYS A 35 1.79 -8.70 -4.32
C LYS A 35 1.15 -7.55 -3.55
N ARG A 36 1.94 -6.53 -3.23
CA ARG A 36 1.44 -5.36 -2.51
C ARG A 36 0.79 -4.40 -3.51
N VAL A 37 0.10 -3.38 -3.00
CA VAL A 37 -0.55 -2.44 -3.88
C VAL A 37 -0.57 -1.01 -3.31
N ASN A 38 -0.76 -0.88 -2.00
CA ASN A 38 -0.80 0.44 -1.36
C ASN A 38 -1.89 1.31 -1.97
N VAL A 39 -3.01 1.46 -1.26
CA VAL A 39 -4.13 2.25 -1.75
C VAL A 39 -4.38 3.49 -0.90
N ASN A 40 -5.27 4.35 -1.40
CA ASN A 40 -5.63 5.59 -0.71
C ASN A 40 -7.10 5.54 -0.29
N PHE A 41 -7.35 5.68 1.01
CA PHE A 41 -8.72 5.64 1.52
C PHE A 41 -9.13 6.99 2.10
N ASP A 42 -10.33 7.43 1.73
CA ASP A 42 -10.85 8.71 2.22
C ASP A 42 -11.02 8.67 3.73
N GLU A 43 -11.03 9.85 4.36
CA GLU A 43 -11.18 9.94 5.81
C GLU A 43 -12.43 9.20 6.26
N GLU A 44 -13.50 9.34 5.49
CA GLU A 44 -14.77 8.69 5.79
C GLU A 44 -14.66 7.17 5.63
N LYS A 45 -13.90 6.74 4.64
CA LYS A 45 -13.71 5.33 4.36
C LYS A 45 -12.83 4.68 5.42
N HIS A 46 -11.92 5.46 6.00
CA HIS A 46 -11.02 4.95 7.02
C HIS A 46 -11.69 4.90 8.39
N THR A 47 -12.48 5.91 8.70
CA THR A 47 -13.17 5.98 9.98
C THR A 47 -14.13 4.80 10.12
N ARG A 48 -14.85 4.50 9.05
CA ARG A 48 -15.79 3.39 9.06
C ARG A 48 -15.06 2.07 8.88
N PHE A 49 -13.81 2.14 8.45
CA PHE A 49 -12.99 0.95 8.25
C PHE A 49 -12.62 0.33 9.59
N LYS A 50 -12.15 1.17 10.51
CA LYS A 50 -11.75 0.71 11.84
C LYS A 50 -12.98 0.36 12.68
N ALA A 51 -14.05 1.12 12.50
CA ALA A 51 -15.28 0.89 13.25
C ALA A 51 -15.92 -0.44 12.85
N ALA A 52 -16.11 -0.64 11.54
CA ALA A 52 -16.71 -1.86 11.04
C ALA A 52 -15.83 -3.07 11.32
N CYS A 53 -14.54 -2.93 11.09
CA CYS A 53 -13.60 -4.02 11.34
C CYS A 53 -13.58 -4.41 12.81
N ALA A 54 -13.70 -3.42 13.69
CA ALA A 54 -13.71 -3.67 15.12
C ALA A 54 -14.96 -4.44 15.54
N ARG A 55 -16.01 -4.31 14.74
CA ARG A 55 -17.28 -4.98 15.03
C ARG A 55 -17.23 -6.44 14.59
N LYS A 56 -16.66 -6.69 13.42
CA LYS A 56 -16.58 -8.05 12.88
C LYS A 56 -15.34 -8.76 13.40
N GLY A 57 -14.54 -8.05 14.20
CA GLY A 57 -13.33 -8.64 14.75
C GLY A 57 -12.35 -9.05 13.66
N THR A 58 -12.11 -8.14 12.73
CA THR A 58 -11.20 -8.39 11.62
C THR A 58 -10.10 -7.34 11.55
N SER A 59 -8.89 -7.77 11.22
CA SER A 59 -7.76 -6.86 11.11
C SER A 59 -7.96 -5.90 9.95
N ILE A 60 -7.53 -4.65 10.13
CA ILE A 60 -7.67 -3.63 9.10
C ILE A 60 -7.12 -4.10 7.76
N THR A 61 -6.07 -4.91 7.81
CA THR A 61 -5.44 -5.43 6.59
C THR A 61 -6.30 -6.54 5.98
N ASP A 62 -6.87 -7.38 6.83
CA ASP A 62 -7.71 -8.48 6.37
C ASP A 62 -9.01 -7.94 5.78
N VAL A 63 -9.44 -6.78 6.27
CA VAL A 63 -10.67 -6.17 5.78
C VAL A 63 -10.54 -5.82 4.31
N VAL A 64 -9.41 -5.21 3.95
CA VAL A 64 -9.16 -4.82 2.57
C VAL A 64 -9.16 -6.05 1.66
N ASN A 65 -8.45 -7.09 2.08
CA ASN A 65 -8.38 -8.33 1.32
C ASN A 65 -9.77 -8.95 1.15
N GLN A 66 -10.67 -8.62 2.08
CA GLN A 66 -12.03 -9.15 2.04
C GLN A 66 -12.83 -8.47 0.93
N LEU A 67 -12.86 -7.14 0.95
CA LEU A 67 -13.60 -6.38 -0.05
C LEU A 67 -13.04 -6.64 -1.45
N VAL A 68 -11.73 -6.85 -1.52
CA VAL A 68 -11.08 -7.14 -2.80
C VAL A 68 -11.57 -8.47 -3.35
N ASP A 69 -11.63 -9.47 -2.47
CA ASP A 69 -12.07 -10.80 -2.84
C ASP A 69 -13.54 -10.79 -3.26
N ASN A 70 -14.33 -9.99 -2.56
CA ASN A 70 -15.77 -9.87 -2.85
C ASN A 70 -16.00 -9.26 -4.23
N TRP A 71 -15.42 -8.09 -4.45
CA TRP A 71 -15.58 -7.37 -5.72
C TRP A 71 -14.95 -8.14 -6.88
N LEU A 72 -13.91 -8.91 -6.59
CA LEU A 72 -13.21 -9.67 -7.63
C LEU A 72 -13.90 -11.00 -7.91
N LYS A 73 -14.84 -11.39 -7.05
CA LYS A 73 -15.56 -12.65 -7.25
C LYS A 73 -17.03 -12.41 -7.56
N GLU A 74 -17.49 -11.18 -7.34
CA GLU A 74 -18.87 -10.83 -7.62
C GLU A 74 -19.01 -10.13 -8.96
N ASN A 75 -18.02 -9.29 -9.29
CA ASN A 75 -18.02 -8.55 -10.54
C ASN A 75 -17.37 -9.37 -11.65
N GLU A 76 -16.46 -10.26 -11.28
CA GLU A 76 -15.77 -11.10 -12.25
C GLU A 76 -16.52 -12.40 -12.48
N MET B 1 11.91 64.05 11.69
CA MET B 1 12.58 63.02 10.86
C MET B 1 13.91 62.61 11.47
N SER B 2 14.50 63.50 12.26
CA SER B 2 15.77 63.22 12.91
C SER B 2 15.69 61.86 13.58
N LEU B 3 14.48 61.52 14.00
CA LEU B 3 14.21 60.24 14.63
C LEU B 3 13.97 59.22 13.54
N GLU B 4 14.71 59.39 12.44
CA GLU B 4 14.64 58.55 11.24
C GLU B 4 13.27 58.58 10.59
N LYS B 5 12.23 58.87 11.38
CA LYS B 5 10.86 58.85 10.88
C LYS B 5 10.49 57.44 10.51
N ALA B 6 11.51 56.60 10.42
CA ALA B 6 11.34 55.19 10.13
C ALA B 6 11.22 54.49 11.46
N HIS B 7 11.23 55.29 12.52
CA HIS B 7 11.08 54.79 13.87
C HIS B 7 9.73 54.12 13.96
N THR B 8 8.80 54.66 13.19
CA THR B 8 7.47 54.11 13.13
C THR B 8 7.51 52.81 12.39
N SER B 9 8.56 52.63 11.60
CA SER B 9 8.73 51.43 10.81
C SER B 9 7.42 51.16 10.10
N VAL B 10 6.85 52.23 9.54
CA VAL B 10 5.57 52.17 8.87
C VAL B 10 4.48 52.12 9.93
N LYS B 11 4.47 53.14 10.77
CA LYS B 11 3.50 53.22 11.85
C LYS B 11 3.53 51.93 12.64
N LYS B 12 4.40 51.86 13.64
CA LYS B 12 4.55 50.66 14.44
C LYS B 12 4.44 49.45 13.55
N MET B 13 4.95 49.59 12.34
CA MET B 13 4.90 48.53 11.37
C MET B 13 3.51 47.95 11.27
N THR B 14 2.71 48.52 10.40
CA THR B 14 1.37 48.03 10.19
C THR B 14 1.42 46.87 9.23
N PHE B 15 2.65 46.40 9.00
CA PHE B 15 2.93 45.27 8.13
C PHE B 15 1.83 44.23 8.20
N GLY B 16 1.37 44.01 9.40
CA GLY B 16 0.35 43.04 9.64
C GLY B 16 0.34 42.62 11.09
N GLU B 17 0.65 43.56 11.97
CA GLU B 17 0.66 43.29 13.39
C GLU B 17 -0.72 42.80 13.76
N ASN B 18 -1.70 43.25 12.99
CA ASN B 18 -3.07 42.83 13.15
C ASN B 18 -3.22 41.50 12.44
N ARG B 19 -2.49 41.39 11.34
CA ARG B 19 -2.47 40.19 10.55
C ARG B 19 -1.71 39.12 11.31
N ASP B 20 -1.14 39.52 12.44
CA ASP B 20 -0.43 38.59 13.30
C ASP B 20 -1.33 37.42 13.52
N LEU B 21 -2.61 37.72 13.61
CA LEU B 21 -3.62 36.72 13.79
C LEU B 21 -3.35 35.61 12.79
N GLU B 22 -3.18 36.00 11.52
CA GLU B 22 -2.90 35.05 10.46
C GLU B 22 -3.58 33.74 10.75
N ARG B 23 -4.77 33.85 11.30
CA ARG B 23 -5.52 32.69 11.70
C ARG B 23 -6.16 32.01 10.52
N VAL B 24 -5.45 32.03 9.41
CA VAL B 24 -5.91 31.36 8.23
C VAL B 24 -6.00 29.89 8.57
N VAL B 25 -5.35 29.56 9.70
CA VAL B 25 -5.31 28.21 10.22
C VAL B 25 -5.46 27.21 9.12
N THR B 26 -4.59 27.33 8.12
CA THR B 26 -4.61 26.45 6.98
C THR B 26 -4.92 25.03 7.43
N ALA B 27 -4.46 24.72 8.65
CA ALA B 27 -4.68 23.42 9.28
C ALA B 27 -5.21 22.42 8.26
N PRO B 28 -4.35 22.01 7.31
CA PRO B 28 -4.69 21.07 6.26
C PRO B 28 -5.77 20.09 6.64
N VAL B 29 -7.01 20.55 6.55
CA VAL B 29 -8.15 19.72 6.88
C VAL B 29 -8.36 18.74 5.74
N SER B 30 -7.78 19.09 4.61
CA SER B 30 -7.87 18.27 3.41
C SER B 30 -6.86 17.14 3.48
N SER B 31 -5.76 17.40 4.18
CA SER B 31 -4.71 16.40 4.30
C SER B 31 -5.25 15.09 4.83
N GLY B 32 -5.84 15.14 6.02
CA GLY B 32 -6.40 13.95 6.63
C GLY B 32 -7.39 13.22 5.74
N LYS B 33 -8.04 13.96 4.84
CA LYS B 33 -9.04 13.39 3.94
C LYS B 33 -8.56 12.11 3.26
N ILE B 34 -7.25 11.92 3.17
CA ILE B 34 -6.71 10.72 2.54
C ILE B 34 -5.78 9.94 3.47
N LYS B 35 -5.87 8.62 3.37
CA LYS B 35 -5.04 7.72 4.17
C LYS B 35 -4.38 6.68 3.27
N ARG B 36 -3.33 6.03 3.78
CA ARG B 36 -2.63 5.03 3.00
C ARG B 36 -2.64 3.68 3.71
N VAL B 37 -2.94 2.63 2.95
CA VAL B 37 -3.00 1.29 3.51
C VAL B 37 -2.31 0.30 2.57
N ASN B 38 -1.21 -0.29 3.03
CA ASN B 38 -0.48 -1.26 2.24
C ASN B 38 -1.06 -2.66 2.41
N VAL B 39 -1.65 -3.19 1.35
CA VAL B 39 -2.25 -4.52 1.39
C VAL B 39 -1.61 -5.42 0.35
N ASN B 40 -1.47 -6.70 0.71
CA ASN B 40 -0.87 -7.67 -0.20
C ASN B 40 -1.88 -8.75 -0.56
N PHE B 41 -2.19 -8.83 -1.85
CA PHE B 41 -3.15 -9.81 -2.35
C PHE B 41 -2.46 -11.00 -2.98
N ASP B 42 -3.24 -11.99 -3.39
CA ASP B 42 -2.72 -13.19 -4.02
C ASP B 42 -2.39 -12.94 -5.48
N GLU B 43 -1.51 -13.77 -6.04
CA GLU B 43 -1.11 -13.64 -7.45
C GLU B 43 -2.35 -13.63 -8.34
N GLU B 44 -3.29 -14.53 -8.03
CA GLU B 44 -4.53 -14.62 -8.80
C GLU B 44 -5.35 -13.35 -8.65
N LYS B 45 -5.31 -12.77 -7.45
CA LYS B 45 -6.04 -11.54 -7.18
C LYS B 45 -5.50 -10.40 -8.02
N HIS B 46 -4.20 -10.45 -8.30
CA HIS B 46 -3.55 -9.43 -9.11
C HIS B 46 -3.93 -9.57 -10.58
N THR B 47 -3.88 -10.82 -11.06
CA THR B 47 -4.23 -11.09 -12.46
C THR B 47 -5.69 -10.73 -12.72
N ARG B 48 -6.56 -11.09 -11.78
CA ARG B 48 -7.97 -10.79 -11.91
C ARG B 48 -8.22 -9.30 -11.77
N PHE B 49 -7.37 -8.63 -10.99
CA PHE B 49 -7.48 -7.19 -10.79
C PHE B 49 -7.18 -6.46 -12.09
N LYS B 50 -6.18 -6.94 -12.81
CA LYS B 50 -5.79 -6.35 -14.08
C LYS B 50 -6.92 -6.44 -15.10
N ALA B 51 -7.56 -7.60 -15.14
CA ALA B 51 -8.67 -7.83 -16.06
C ALA B 51 -9.87 -6.98 -15.68
N ALA B 52 -10.09 -6.82 -14.38
CA ALA B 52 -11.20 -6.02 -13.88
C ALA B 52 -10.93 -4.53 -14.10
N CYS B 53 -9.65 -4.16 -14.08
CA CYS B 53 -9.25 -2.78 -14.28
C CYS B 53 -9.51 -2.35 -15.71
N ALA B 54 -9.12 -3.21 -16.65
CA ALA B 54 -9.30 -2.93 -18.07
C ALA B 54 -10.78 -3.05 -18.46
N ARG B 55 -11.48 -3.95 -17.79
CA ARG B 55 -12.90 -4.16 -18.06
C ARG B 55 -13.72 -2.95 -17.63
N LYS B 56 -13.35 -2.38 -16.48
CA LYS B 56 -14.05 -1.21 -15.96
C LYS B 56 -13.41 0.07 -16.47
N GLY B 57 -12.23 -0.07 -17.07
CA GLY B 57 -11.53 1.09 -17.59
C GLY B 57 -11.19 2.10 -16.51
N THR B 58 -10.43 1.66 -15.51
CA THR B 58 -10.05 2.53 -14.41
C THR B 58 -8.66 2.15 -13.88
N SER B 59 -8.09 3.02 -13.05
CA SER B 59 -6.77 2.78 -12.47
C SER B 59 -6.80 1.66 -11.45
N ILE B 60 -5.63 1.08 -11.17
CA ILE B 60 -5.52 -0.01 -10.21
C ILE B 60 -5.84 0.46 -8.80
N THR B 61 -5.65 1.75 -8.56
CA THR B 61 -5.92 2.33 -7.24
C THR B 61 -7.39 2.69 -7.09
N ASP B 62 -8.05 2.94 -8.21
CA ASP B 62 -9.46 3.30 -8.20
C ASP B 62 -10.33 2.07 -7.92
N VAL B 63 -10.01 0.95 -8.56
CA VAL B 63 -10.76 -0.28 -8.37
C VAL B 63 -10.82 -0.65 -6.89
N VAL B 64 -9.68 -0.51 -6.21
CA VAL B 64 -9.62 -0.81 -4.79
C VAL B 64 -10.55 0.11 -4.01
N ASN B 65 -10.61 1.36 -4.43
CA ASN B 65 -11.47 2.34 -3.78
C ASN B 65 -12.94 2.01 -4.04
N GLN B 66 -13.18 1.19 -5.07
CA GLN B 66 -14.53 0.79 -5.43
C GLN B 66 -15.00 -0.37 -4.56
N LEU B 67 -14.15 -1.39 -4.40
CA LEU B 67 -14.49 -2.54 -3.58
C LEU B 67 -14.75 -2.08 -2.16
N VAL B 68 -14.00 -1.07 -1.72
CA VAL B 68 -14.16 -0.52 -0.39
C VAL B 68 -15.47 0.24 -0.31
N ASP B 69 -15.89 0.79 -1.46
CA ASP B 69 -17.13 1.54 -1.54
C ASP B 69 -18.32 0.60 -1.54
N ASN B 70 -18.12 -0.61 -2.05
CA ASN B 70 -19.17 -1.61 -2.11
C ASN B 70 -19.25 -2.41 -0.81
N TRP B 71 -18.25 -2.23 0.05
CA TRP B 71 -18.22 -2.94 1.33
C TRP B 71 -18.54 -1.99 2.48
N LEU B 72 -18.11 -0.75 2.37
CA LEU B 72 -18.33 0.25 3.41
C LEU B 72 -19.79 0.70 3.47
N LYS B 73 -20.41 0.85 2.30
CA LYS B 73 -21.79 1.30 2.23
C LYS B 73 -22.78 0.13 2.19
N GLU B 74 -22.27 -1.09 2.18
CA GLU B 74 -23.13 -2.27 2.15
C GLU B 74 -23.07 -3.05 3.45
N ASN B 75 -21.87 -3.46 3.83
CA ASN B 75 -21.69 -4.23 5.07
C ASN B 75 -22.11 -3.43 6.29
N GLU B 76 -22.05 -2.11 6.18
CA GLU B 76 -22.43 -1.23 7.30
C GLU B 76 -23.87 -0.79 7.17
N MET A 1 56.16 -9.22 41.03
CA MET A 1 56.33 -7.79 40.70
C MET A 1 56.81 -7.63 39.27
N SER A 2 56.14 -6.74 38.52
CA SER A 2 56.44 -6.50 37.11
C SER A 2 56.02 -7.70 36.26
N LEU A 3 56.80 -8.78 36.30
CA LEU A 3 56.43 -10.01 35.62
C LEU A 3 55.74 -10.95 36.60
N GLU A 4 54.49 -11.27 36.32
CA GLU A 4 53.73 -12.15 37.17
C GLU A 4 54.00 -13.61 36.81
N LYS A 5 53.70 -14.51 37.74
CA LYS A 5 53.79 -15.94 37.47
C LYS A 5 52.61 -16.37 36.63
N ALA A 6 51.45 -15.82 36.97
CA ALA A 6 50.25 -16.01 36.17
C ALA A 6 50.07 -14.83 35.24
N HIS A 7 50.38 -15.04 33.98
CA HIS A 7 50.29 -14.00 32.97
C HIS A 7 49.80 -14.58 31.64
N THR A 8 48.60 -14.19 31.26
CA THR A 8 47.95 -14.74 30.09
C THR A 8 48.22 -13.90 28.85
N SER A 9 48.49 -12.61 29.07
CA SER A 9 48.76 -11.68 27.99
C SER A 9 47.61 -11.67 26.98
N VAL A 10 47.92 -11.45 25.70
CA VAL A 10 46.92 -11.50 24.65
C VAL A 10 46.85 -12.88 24.04
N LYS A 11 45.68 -13.50 24.12
CA LYS A 11 45.49 -14.84 23.60
C LYS A 11 44.29 -14.87 22.66
N LYS A 12 44.35 -15.75 21.67
CA LYS A 12 43.26 -15.90 20.71
C LYS A 12 42.33 -17.03 21.15
N MET A 13 41.06 -16.92 20.77
CA MET A 13 40.08 -17.95 21.10
C MET A 13 39.38 -18.42 19.83
N THR A 14 40.17 -18.87 18.88
CA THR A 14 39.66 -19.33 17.60
C THR A 14 39.03 -20.71 17.72
N PHE A 15 37.82 -20.86 17.17
CA PHE A 15 37.10 -22.12 17.24
C PHE A 15 37.75 -23.16 16.35
N GLY A 16 38.25 -22.70 15.22
CA GLY A 16 38.91 -23.59 14.28
C GLY A 16 38.57 -23.26 12.85
N GLU A 17 37.29 -23.08 12.59
CA GLU A 17 36.83 -22.71 11.25
C GLU A 17 35.47 -22.02 11.33
N ASN A 18 35.24 -21.09 10.43
CA ASN A 18 33.95 -20.45 10.30
C ASN A 18 32.98 -21.43 9.65
N ARG A 19 33.52 -22.17 8.68
CA ARG A 19 32.79 -23.25 8.02
C ARG A 19 31.46 -22.77 7.47
N ASP A 20 31.52 -21.82 6.55
CA ASP A 20 30.33 -21.29 5.91
C ASP A 20 29.89 -22.22 4.79
N LEU A 21 29.59 -23.46 5.15
CA LEU A 21 29.26 -24.49 4.18
C LEU A 21 27.83 -24.99 4.36
N GLU A 22 27.08 -24.29 5.20
CA GLU A 22 25.70 -24.68 5.47
C GLU A 22 24.73 -23.94 4.57
N ARG A 23 23.62 -24.59 4.25
CA ARG A 23 22.61 -23.98 3.39
C ARG A 23 21.21 -24.41 3.84
N VAL A 24 20.24 -23.54 3.63
CA VAL A 24 18.87 -23.82 4.01
C VAL A 24 18.17 -24.64 2.92
N VAL A 25 18.41 -25.94 2.94
CA VAL A 25 17.82 -26.84 1.97
C VAL A 25 16.45 -27.29 2.46
N THR A 26 16.33 -27.48 3.76
CA THR A 26 15.09 -27.88 4.39
C THR A 26 14.17 -26.68 4.60
N ALA A 27 13.81 -26.02 3.51
CA ALA A 27 12.94 -24.85 3.57
C ALA A 27 11.58 -25.17 2.97
N PRO A 28 10.54 -25.22 3.81
CA PRO A 28 9.17 -25.52 3.36
C PRO A 28 8.57 -24.38 2.56
N VAL A 29 7.84 -24.73 1.52
CA VAL A 29 7.19 -23.74 0.67
C VAL A 29 6.05 -23.05 1.44
N SER A 30 6.05 -21.73 1.41
CA SER A 30 5.09 -20.96 2.18
C SER A 30 4.13 -20.21 1.26
N SER A 31 4.00 -20.71 0.04
CA SER A 31 3.12 -20.11 -0.97
C SER A 31 3.51 -18.66 -1.23
N GLY A 32 4.63 -18.47 -1.92
CA GLY A 32 5.11 -17.13 -2.20
C GLY A 32 4.44 -16.52 -3.41
N LYS A 33 3.11 -16.51 -3.38
CA LYS A 33 2.33 -15.92 -4.45
C LYS A 33 1.55 -14.72 -3.94
N ILE A 34 2.28 -13.74 -3.43
CA ILE A 34 1.69 -12.57 -2.81
C ILE A 34 2.06 -11.30 -3.56
N LYS A 35 1.12 -10.38 -3.64
CA LYS A 35 1.32 -9.11 -4.32
C LYS A 35 1.03 -7.96 -3.36
N ARG A 36 1.61 -6.81 -3.62
CA ARG A 36 1.44 -5.67 -2.73
C ARG A 36 0.74 -4.52 -3.44
N VAL A 37 -0.25 -3.94 -2.77
CA VAL A 37 -1.01 -2.82 -3.33
C VAL A 37 -1.25 -1.77 -2.24
N ASN A 38 -0.93 -0.53 -2.54
CA ASN A 38 -1.12 0.57 -1.60
C ASN A 38 -2.28 1.45 -2.05
N VAL A 39 -3.19 1.72 -1.13
CA VAL A 39 -4.38 2.50 -1.47
C VAL A 39 -4.52 3.74 -0.60
N ASN A 40 -5.15 4.76 -1.14
CA ASN A 40 -5.42 5.99 -0.42
C ASN A 40 -6.92 6.20 -0.27
N PHE A 41 -7.42 6.08 0.95
CA PHE A 41 -8.86 6.14 1.21
C PHE A 41 -9.25 7.47 1.83
N ASP A 42 -10.50 7.86 1.58
CA ASP A 42 -11.09 9.02 2.24
C ASP A 42 -11.04 8.85 3.75
N GLU A 43 -10.93 9.96 4.47
CA GLU A 43 -10.94 9.94 5.93
C GLU A 43 -12.23 9.29 6.41
N GLU A 44 -13.31 9.56 5.70
CA GLU A 44 -14.60 8.94 5.96
C GLU A 44 -14.50 7.43 5.94
N LYS A 45 -14.01 6.90 4.83
CA LYS A 45 -13.88 5.45 4.65
C LYS A 45 -12.95 4.86 5.70
N HIS A 46 -11.89 5.58 6.03
CA HIS A 46 -10.91 5.06 6.97
C HIS A 46 -11.46 5.04 8.40
N THR A 47 -12.24 6.05 8.74
CA THR A 47 -12.86 6.11 10.05
C THR A 47 -13.89 4.98 10.19
N ARG A 48 -14.67 4.78 9.13
CA ARG A 48 -15.63 3.67 9.10
C ARG A 48 -14.91 2.34 9.01
N PHE A 49 -13.75 2.33 8.37
CA PHE A 49 -12.93 1.12 8.26
C PHE A 49 -12.60 0.58 9.64
N LYS A 50 -12.06 1.45 10.47
CA LYS A 50 -11.68 1.10 11.83
C LYS A 50 -12.89 0.64 12.62
N ALA A 51 -13.99 1.37 12.48
CA ALA A 51 -15.22 1.04 13.18
C ALA A 51 -15.79 -0.30 12.73
N ALA A 52 -15.88 -0.49 11.42
CA ALA A 52 -16.45 -1.71 10.87
C ALA A 52 -15.56 -2.93 11.15
N CYS A 53 -14.26 -2.79 10.92
CA CYS A 53 -13.34 -3.89 11.13
C CYS A 53 -13.34 -4.34 12.58
N ALA A 54 -13.42 -3.38 13.50
CA ALA A 54 -13.46 -3.69 14.92
C ALA A 54 -14.75 -4.40 15.29
N ARG A 55 -15.85 -3.99 14.66
CA ARG A 55 -17.15 -4.59 14.91
C ARG A 55 -17.20 -6.04 14.41
N LYS A 56 -16.42 -6.33 13.39
CA LYS A 56 -16.38 -7.67 12.80
C LYS A 56 -15.32 -8.53 13.46
N GLY A 57 -14.40 -7.88 14.17
CA GLY A 57 -13.26 -8.59 14.73
C GLY A 57 -12.27 -8.95 13.64
N THR A 58 -11.82 -7.95 12.93
CA THR A 58 -10.98 -8.16 11.76
C THR A 58 -9.92 -7.06 11.66
N SER A 59 -8.69 -7.45 11.33
CA SER A 59 -7.63 -6.47 11.13
C SER A 59 -7.95 -5.62 9.91
N ILE A 60 -7.67 -4.32 10.00
CA ILE A 60 -7.98 -3.40 8.92
C ILE A 60 -7.35 -3.85 7.60
N THR A 61 -6.18 -4.46 7.69
CA THR A 61 -5.50 -4.98 6.52
C THR A 61 -6.26 -6.16 5.90
N ASP A 62 -6.75 -7.05 6.76
CA ASP A 62 -7.51 -8.21 6.30
C ASP A 62 -8.89 -7.80 5.80
N VAL A 63 -9.39 -6.70 6.35
CA VAL A 63 -10.67 -6.14 5.94
C VAL A 63 -10.62 -5.70 4.47
N VAL A 64 -9.50 -5.10 4.08
CA VAL A 64 -9.32 -4.72 2.69
C VAL A 64 -9.18 -5.95 1.82
N ASN A 65 -8.42 -6.93 2.30
CA ASN A 65 -8.27 -8.20 1.60
C ASN A 65 -9.63 -8.88 1.38
N GLN A 66 -10.53 -8.67 2.33
CA GLN A 66 -11.87 -9.23 2.26
C GLN A 66 -12.69 -8.59 1.15
N LEU A 67 -12.67 -7.26 1.08
CA LEU A 67 -13.45 -6.54 0.08
C LEU A 67 -12.86 -6.75 -1.31
N VAL A 68 -11.54 -6.85 -1.40
CA VAL A 68 -10.86 -7.10 -2.66
C VAL A 68 -11.34 -8.41 -3.24
N ASP A 69 -11.25 -9.46 -2.44
CA ASP A 69 -11.69 -10.79 -2.82
C ASP A 69 -13.19 -10.79 -3.14
N ASN A 70 -13.95 -10.06 -2.34
CA ASN A 70 -15.40 -9.98 -2.51
C ASN A 70 -15.78 -9.41 -3.89
N TRP A 71 -15.43 -8.16 -4.13
CA TRP A 71 -15.79 -7.49 -5.37
C TRP A 71 -15.21 -8.21 -6.57
N LEU A 72 -13.99 -8.68 -6.43
CA LEU A 72 -13.29 -9.36 -7.52
C LEU A 72 -13.89 -10.73 -7.81
N LYS A 73 -14.54 -11.34 -6.84
CA LYS A 73 -15.13 -12.66 -7.05
C LYS A 73 -16.61 -12.56 -7.41
N GLU A 74 -17.28 -11.51 -6.94
CA GLU A 74 -18.71 -11.36 -7.16
C GLU A 74 -19.01 -10.60 -8.45
N ASN A 75 -18.25 -9.54 -8.71
CA ASN A 75 -18.47 -8.73 -9.90
C ASN A 75 -17.78 -9.33 -11.11
N GLU A 76 -16.61 -9.90 -10.89
CA GLU A 76 -15.86 -10.51 -11.98
C GLU A 76 -16.28 -11.96 -12.18
N MET B 1 53.45 38.58 -18.86
CA MET B 1 53.49 39.99 -19.32
C MET B 1 53.78 40.91 -18.15
N SER B 2 54.28 42.10 -18.46
CA SER B 2 54.54 43.11 -17.44
C SER B 2 53.23 43.57 -16.82
N LEU B 3 52.22 43.66 -17.67
CA LEU B 3 50.87 43.97 -17.24
C LEU B 3 49.87 43.22 -18.11
N GLU B 4 49.10 42.35 -17.50
CA GLU B 4 48.17 41.52 -18.24
C GLU B 4 46.93 42.32 -18.64
N LYS B 5 46.58 42.25 -19.92
CA LYS B 5 45.41 42.94 -20.43
C LYS B 5 44.14 42.27 -19.91
N ALA B 6 43.13 43.10 -19.63
CA ALA B 6 41.86 42.64 -19.05
C ALA B 6 42.07 42.18 -17.61
N HIS B 7 41.05 41.54 -17.04
CA HIS B 7 41.11 41.07 -15.66
C HIS B 7 39.93 40.18 -15.33
N THR B 8 40.17 39.16 -14.53
CA THR B 8 39.13 38.25 -14.13
C THR B 8 38.42 38.78 -12.88
N SER B 9 39.21 38.91 -11.80
CA SER B 9 38.74 39.46 -10.53
C SER B 9 37.64 38.60 -9.91
N VAL B 10 37.94 38.01 -8.76
CA VAL B 10 36.98 37.20 -8.03
C VAL B 10 36.06 38.09 -7.20
N LYS B 11 35.21 38.83 -7.89
CA LYS B 11 34.27 39.72 -7.22
C LYS B 11 33.09 38.92 -6.68
N LYS B 12 32.90 38.99 -5.37
CA LYS B 12 31.82 38.27 -4.71
C LYS B 12 30.47 38.84 -5.14
N MET B 13 29.46 37.98 -5.24
CA MET B 13 28.13 38.41 -5.64
C MET B 13 27.12 38.10 -4.55
N THR B 14 26.79 39.10 -3.77
CA THR B 14 25.85 38.94 -2.66
C THR B 14 24.41 38.90 -3.17
N PHE B 15 23.64 37.95 -2.67
CA PHE B 15 22.25 37.81 -3.08
C PHE B 15 21.42 38.95 -2.49
N GLY B 16 21.32 38.96 -1.16
CA GLY B 16 20.59 40.01 -0.48
C GLY B 16 19.09 39.81 -0.55
N GLU B 17 18.57 39.76 -1.76
CA GLU B 17 17.13 39.59 -1.98
C GLU B 17 16.76 38.11 -1.83
N ASN B 18 16.94 37.59 -0.63
CA ASN B 18 16.61 36.20 -0.35
C ASN B 18 15.10 36.04 -0.20
N ARG B 19 14.48 37.08 0.35
CA ARG B 19 13.03 37.10 0.56
C ARG B 19 12.58 35.92 1.41
N ASP B 20 13.39 35.57 2.39
CA ASP B 20 13.06 34.48 3.30
C ASP B 20 12.07 34.97 4.35
N LEU B 21 12.13 36.26 4.63
CA LEU B 21 11.20 36.90 5.56
C LEU B 21 9.85 37.15 4.88
N GLU B 22 9.23 36.08 4.43
CA GLU B 22 7.93 36.13 3.78
C GLU B 22 7.15 34.88 4.15
N ARG B 23 5.96 35.06 4.68
CA ARG B 23 5.17 33.93 5.16
C ARG B 23 3.80 33.90 4.49
N VAL B 24 3.66 33.07 3.47
CA VAL B 24 2.39 32.86 2.82
C VAL B 24 2.04 31.38 2.80
N VAL B 25 0.83 31.05 3.20
CA VAL B 25 0.39 29.68 3.28
C VAL B 25 -0.08 29.18 1.92
N THR B 26 0.85 28.67 1.14
CA THR B 26 0.53 28.11 -0.16
C THR B 26 0.20 26.63 -0.01
N ALA B 27 -1.03 26.33 0.38
CA ALA B 27 -1.45 24.97 0.62
C ALA B 27 -2.70 24.63 -0.20
N PRO B 28 -2.65 23.50 -0.92
CA PRO B 28 -3.75 23.04 -1.76
C PRO B 28 -4.91 22.48 -0.93
N VAL B 29 -5.85 21.82 -1.60
CA VAL B 29 -6.99 21.23 -0.92
C VAL B 29 -6.73 19.76 -0.61
N SER B 30 -5.46 19.38 -0.57
CA SER B 30 -5.05 18.02 -0.27
C SER B 30 -5.28 17.69 1.21
N SER B 31 -4.74 18.55 2.08
CA SER B 31 -4.87 18.40 3.52
C SER B 31 -4.44 17.00 3.97
N GLY B 32 -5.18 16.40 4.90
CA GLY B 32 -4.88 15.07 5.35
C GLY B 32 -6.12 14.21 5.42
N LYS B 33 -7.06 14.49 4.54
CA LYS B 33 -8.35 13.79 4.52
C LYS B 33 -8.27 12.48 3.75
N ILE B 34 -7.08 11.94 3.63
CA ILE B 34 -6.88 10.67 2.94
C ILE B 34 -5.86 9.82 3.67
N LYS B 35 -6.21 8.58 3.94
CA LYS B 35 -5.35 7.67 4.69
C LYS B 35 -4.91 6.50 3.81
N ARG B 36 -3.65 6.13 3.92
CA ARG B 36 -3.09 5.08 3.08
C ARG B 36 -2.84 3.79 3.85
N VAL B 37 -2.95 2.67 3.15
CA VAL B 37 -2.67 1.35 3.71
C VAL B 37 -2.17 0.42 2.62
N ASN B 38 -1.33 -0.55 3.00
CA ASN B 38 -0.80 -1.51 2.05
C ASN B 38 -1.44 -2.87 2.28
N VAL B 39 -2.03 -3.43 1.23
CA VAL B 39 -2.67 -4.72 1.32
C VAL B 39 -1.89 -5.77 0.54
N ASN B 40 -2.00 -7.01 0.96
CA ASN B 40 -1.33 -8.11 0.29
C ASN B 40 -2.34 -8.91 -0.50
N PHE B 41 -2.14 -8.98 -1.80
CA PHE B 41 -3.05 -9.69 -2.69
C PHE B 41 -2.44 -11.03 -3.08
N ASP B 42 -3.26 -11.91 -3.63
CA ASP B 42 -2.76 -13.18 -4.13
C ASP B 42 -2.48 -13.06 -5.63
N GLU B 43 -1.78 -14.05 -6.18
CA GLU B 43 -1.39 -14.02 -7.58
C GLU B 43 -2.61 -13.84 -8.48
N GLU B 44 -3.64 -14.64 -8.25
CA GLU B 44 -4.88 -14.55 -9.02
C GLU B 44 -5.53 -13.19 -8.82
N LYS B 45 -5.52 -12.72 -7.59
CA LYS B 45 -6.13 -11.44 -7.24
C LYS B 45 -5.51 -10.29 -8.02
N HIS B 46 -4.24 -10.43 -8.40
CA HIS B 46 -3.57 -9.39 -9.17
C HIS B 46 -3.95 -9.48 -10.64
N THR B 47 -4.02 -10.69 -11.18
CA THR B 47 -4.41 -10.87 -12.58
C THR B 47 -5.86 -10.48 -12.79
N ARG B 48 -6.73 -10.91 -11.89
CA ARG B 48 -8.14 -10.55 -11.94
C ARG B 48 -8.31 -9.06 -11.74
N PHE B 49 -7.46 -8.48 -10.91
CA PHE B 49 -7.50 -7.04 -10.67
C PHE B 49 -7.10 -6.29 -11.94
N LYS B 50 -6.07 -6.78 -12.61
CA LYS B 50 -5.63 -6.18 -13.87
C LYS B 50 -6.73 -6.29 -14.92
N ALA B 51 -7.43 -7.42 -14.90
CA ALA B 51 -8.56 -7.62 -15.79
C ALA B 51 -9.69 -6.66 -15.45
N ALA B 52 -9.97 -6.53 -14.16
CA ALA B 52 -11.01 -5.62 -13.67
C ALA B 52 -10.68 -4.16 -14.05
N CYS B 53 -9.41 -3.80 -13.93
CA CYS B 53 -8.96 -2.46 -14.28
C CYS B 53 -9.26 -2.17 -15.76
N ALA B 54 -9.02 -3.15 -16.61
CA ALA B 54 -9.27 -3.01 -18.03
C ALA B 54 -10.76 -3.09 -18.34
N ARG B 55 -11.46 -4.00 -17.69
CA ARG B 55 -12.89 -4.20 -17.92
C ARG B 55 -13.69 -2.97 -17.49
N LYS B 56 -13.37 -2.47 -16.30
CA LYS B 56 -14.02 -1.27 -15.79
C LYS B 56 -13.52 -0.03 -16.53
N GLY B 57 -12.23 -0.02 -16.83
CA GLY B 57 -11.63 1.09 -17.53
C GLY B 57 -11.18 2.18 -16.58
N THR B 58 -10.17 1.86 -15.78
CA THR B 58 -9.68 2.78 -14.76
C THR B 58 -8.32 2.34 -14.23
N SER B 59 -7.81 3.05 -13.23
CA SER B 59 -6.52 2.74 -12.64
C SER B 59 -6.67 1.72 -11.52
N ILE B 60 -5.60 0.98 -11.25
CA ILE B 60 -5.61 -0.09 -10.26
C ILE B 60 -6.10 0.39 -8.90
N THR B 61 -5.60 1.53 -8.45
CA THR B 61 -5.95 2.06 -7.14
C THR B 61 -7.44 2.44 -7.05
N ASP B 62 -8.02 2.85 -8.16
CA ASP B 62 -9.43 3.21 -8.21
C ASP B 62 -10.31 1.98 -8.04
N VAL B 63 -9.83 0.85 -8.58
CA VAL B 63 -10.54 -0.41 -8.42
C VAL B 63 -10.55 -0.85 -6.96
N VAL B 64 -9.43 -0.62 -6.26
CA VAL B 64 -9.35 -0.97 -4.85
C VAL B 64 -10.36 -0.17 -4.05
N ASN B 65 -10.51 1.11 -4.42
CA ASN B 65 -11.48 1.97 -3.79
C ASN B 65 -12.91 1.53 -4.11
N GLN B 66 -13.07 0.89 -5.27
CA GLN B 66 -14.38 0.37 -5.69
C GLN B 66 -14.82 -0.79 -4.82
N LEU B 67 -13.88 -1.70 -4.51
CA LEU B 67 -14.19 -2.83 -3.64
C LEU B 67 -14.56 -2.31 -2.26
N VAL B 68 -13.81 -1.30 -1.78
CA VAL B 68 -14.09 -0.69 -0.50
C VAL B 68 -15.44 0.01 -0.50
N ASP B 69 -15.78 0.61 -1.64
CA ASP B 69 -17.06 1.30 -1.79
C ASP B 69 -18.21 0.37 -1.44
N ASN B 70 -18.27 -0.74 -2.15
CA ASN B 70 -19.31 -1.72 -1.97
C ASN B 70 -19.25 -2.33 -0.57
N TRP B 71 -18.04 -2.58 -0.08
CA TRP B 71 -17.84 -3.13 1.25
C TRP B 71 -18.34 -2.17 2.32
N LEU B 72 -17.75 -0.99 2.37
CA LEU B 72 -17.99 -0.03 3.43
C LEU B 72 -19.47 0.36 3.54
N LYS B 73 -20.10 0.57 2.39
CA LYS B 73 -21.46 1.09 2.39
C LYS B 73 -22.50 -0.02 2.52
N GLU B 74 -22.15 -1.25 2.13
CA GLU B 74 -23.10 -2.35 2.22
C GLU B 74 -22.96 -3.11 3.53
N ASN B 75 -21.72 -3.32 3.98
CA ASN B 75 -21.46 -4.09 5.19
C ASN B 75 -21.96 -3.35 6.44
N GLU B 76 -22.09 -2.05 6.34
CA GLU B 76 -22.55 -1.24 7.46
C GLU B 76 -23.98 -0.74 7.23
N MET A 1 61.40 -13.59 -63.03
CA MET A 1 61.84 -12.38 -62.30
C MET A 1 60.82 -12.01 -61.23
N SER A 2 60.70 -12.85 -60.21
CA SER A 2 59.75 -12.59 -59.12
C SER A 2 60.42 -12.81 -57.77
N LEU A 3 60.34 -11.80 -56.91
CA LEU A 3 60.95 -11.86 -55.59
C LEU A 3 60.22 -12.86 -54.71
N GLU A 4 58.90 -12.91 -54.87
CA GLU A 4 58.04 -13.82 -54.10
C GLU A 4 58.22 -13.60 -52.61
N LYS A 5 58.20 -12.35 -52.19
CA LYS A 5 58.38 -12.00 -50.79
C LYS A 5 57.09 -12.26 -50.02
N ALA A 6 55.97 -11.79 -50.56
CA ALA A 6 54.68 -12.03 -49.94
C ALA A 6 54.06 -13.30 -50.51
N HIS A 7 53.83 -14.27 -49.64
CA HIS A 7 53.29 -15.55 -50.07
C HIS A 7 52.30 -16.09 -49.05
N THR A 8 51.32 -15.26 -48.70
CA THR A 8 50.29 -15.66 -47.78
C THR A 8 49.13 -16.32 -48.53
N SER A 9 49.38 -17.49 -49.08
CA SER A 9 48.39 -18.21 -49.85
C SER A 9 47.39 -18.90 -48.93
N VAL A 10 47.68 -18.87 -47.64
CA VAL A 10 46.77 -19.44 -46.64
C VAL A 10 45.56 -18.52 -46.45
N LYS A 11 44.48 -18.85 -47.12
CA LYS A 11 43.27 -18.03 -47.08
C LYS A 11 42.09 -18.84 -46.55
N LYS A 12 41.73 -18.57 -45.30
CA LYS A 12 40.62 -19.27 -44.69
C LYS A 12 39.46 -18.31 -44.46
N MET A 13 38.37 -18.54 -45.18
CA MET A 13 37.18 -17.72 -45.06
C MET A 13 36.14 -18.42 -44.19
N THR A 14 36.53 -18.73 -42.96
CA THR A 14 35.66 -19.46 -42.05
C THR A 14 35.03 -18.52 -41.03
N PHE A 15 33.73 -18.69 -40.80
CA PHE A 15 33.03 -17.90 -39.81
C PHE A 15 33.12 -18.57 -38.44
N GLY A 16 33.28 -19.89 -38.45
CA GLY A 16 33.43 -20.63 -37.21
C GLY A 16 32.10 -20.98 -36.58
N GLU A 17 31.72 -22.24 -36.66
CA GLU A 17 30.47 -22.70 -36.06
C GLU A 17 30.61 -22.77 -34.54
N ASN A 18 31.70 -23.38 -34.10
CA ASN A 18 32.06 -23.45 -32.68
C ASN A 18 30.94 -24.05 -31.85
N ARG A 19 30.46 -25.22 -32.27
CA ARG A 19 29.39 -25.94 -31.56
C ARG A 19 28.22 -25.01 -31.26
N ASP A 20 27.61 -24.47 -32.30
CA ASP A 20 26.52 -23.53 -32.13
C ASP A 20 25.19 -24.26 -32.02
N LEU A 21 25.02 -24.95 -30.91
CA LEU A 21 23.79 -25.70 -30.67
C LEU A 21 23.51 -25.75 -29.17
N GLU A 22 23.82 -24.67 -28.49
CA GLU A 22 23.57 -24.57 -27.06
C GLU A 22 22.20 -23.97 -26.81
N ARG A 23 21.27 -24.81 -26.38
CA ARG A 23 19.91 -24.37 -26.13
C ARG A 23 19.68 -24.11 -24.64
N VAL A 24 19.62 -22.83 -24.28
CA VAL A 24 19.38 -22.42 -22.90
C VAL A 24 17.91 -22.64 -22.56
N VAL A 25 17.66 -23.34 -21.45
CA VAL A 25 16.30 -23.62 -21.04
C VAL A 25 16.11 -23.34 -19.56
N THR A 26 15.19 -22.44 -19.26
CA THR A 26 14.84 -22.11 -17.88
C THR A 26 13.37 -21.75 -17.78
N ALA A 27 12.62 -22.49 -16.99
CA ALA A 27 11.20 -22.23 -16.81
C ALA A 27 10.99 -21.06 -15.85
N PRO A 28 10.21 -20.06 -16.26
CA PRO A 28 9.92 -18.88 -15.44
C PRO A 28 9.34 -19.25 -14.09
N VAL A 29 9.96 -18.77 -13.03
CA VAL A 29 9.55 -19.12 -11.68
C VAL A 29 8.81 -17.96 -11.01
N SER A 30 7.49 -18.08 -10.93
CA SER A 30 6.67 -17.07 -10.32
C SER A 30 6.45 -17.40 -8.84
N SER A 31 7.51 -17.28 -8.07
CA SER A 31 7.49 -17.63 -6.66
C SER A 31 6.81 -16.54 -5.82
N GLY A 32 6.74 -15.34 -6.39
CA GLY A 32 6.07 -14.25 -5.72
C GLY A 32 4.57 -14.33 -5.87
N LYS A 33 3.97 -15.24 -5.12
CA LYS A 33 2.53 -15.49 -5.22
C LYS A 33 1.72 -14.44 -4.47
N ILE A 34 2.40 -13.43 -3.94
CA ILE A 34 1.74 -12.33 -3.24
C ILE A 34 2.19 -10.99 -3.82
N LYS A 35 1.22 -10.14 -4.12
CA LYS A 35 1.49 -8.83 -4.68
C LYS A 35 1.02 -7.76 -3.69
N ARG A 36 1.43 -6.52 -3.88
CA ARG A 36 1.08 -5.46 -2.93
C ARG A 36 0.70 -4.16 -3.63
N VAL A 37 -0.21 -3.41 -3.01
CA VAL A 37 -0.63 -2.11 -3.51
C VAL A 37 -0.72 -1.11 -2.36
N ASN A 38 -0.46 0.16 -2.66
CA ASN A 38 -0.62 1.21 -1.68
C ASN A 38 -1.82 2.05 -2.04
N VAL A 39 -2.87 1.96 -1.23
CA VAL A 39 -4.14 2.61 -1.57
C VAL A 39 -4.34 3.86 -0.74
N ASN A 40 -5.03 4.83 -1.33
CA ASN A 40 -5.37 6.07 -0.65
C ASN A 40 -6.82 6.04 -0.23
N PHE A 41 -7.05 5.99 1.07
CA PHE A 41 -8.39 5.91 1.60
C PHE A 41 -8.82 7.25 2.19
N ASP A 42 -10.01 7.68 1.82
CA ASP A 42 -10.57 8.91 2.36
C ASP A 42 -11.06 8.66 3.79
N GLU A 43 -11.26 9.75 4.54
CA GLU A 43 -11.64 9.65 5.94
C GLU A 43 -12.93 8.85 6.13
N GLU A 44 -13.87 9.00 5.20
CA GLU A 44 -15.11 8.24 5.24
C GLU A 44 -14.81 6.75 5.19
N LYS A 45 -13.99 6.38 4.22
CA LYS A 45 -13.58 5.00 4.05
C LYS A 45 -12.87 4.49 5.30
N HIS A 46 -11.84 5.22 5.70
CA HIS A 46 -10.96 4.79 6.78
C HIS A 46 -11.70 4.69 8.12
N THR A 47 -12.57 5.66 8.40
CA THR A 47 -13.30 5.65 9.66
C THR A 47 -14.24 4.45 9.74
N ARG A 48 -15.00 4.21 8.68
CA ARG A 48 -15.89 3.06 8.63
C ARG A 48 -15.09 1.77 8.59
N PHE A 49 -13.98 1.80 7.87
CA PHE A 49 -13.07 0.66 7.77
C PHE A 49 -12.67 0.17 9.16
N LYS A 50 -12.14 1.09 9.94
CA LYS A 50 -11.69 0.79 11.29
C LYS A 50 -12.86 0.44 12.20
N ALA A 51 -13.92 1.25 12.13
CA ALA A 51 -15.10 1.05 12.99
C ALA A 51 -15.74 -0.30 12.75
N ALA A 52 -15.99 -0.63 11.49
CA ALA A 52 -16.63 -1.89 11.15
C ALA A 52 -15.74 -3.08 11.52
N CYS A 53 -14.47 -3.02 11.13
CA CYS A 53 -13.52 -4.10 11.40
C CYS A 53 -13.41 -4.38 12.89
N ALA A 54 -13.35 -3.32 13.69
CA ALA A 54 -13.26 -3.44 15.15
C ALA A 54 -14.52 -4.05 15.74
N ARG A 55 -15.66 -3.74 15.12
CA ARG A 55 -16.94 -4.26 15.60
C ARG A 55 -17.13 -5.72 15.19
N LYS A 56 -16.69 -6.06 13.99
CA LYS A 56 -16.84 -7.41 13.47
C LYS A 56 -15.78 -8.34 14.03
N GLY A 57 -14.67 -7.75 14.47
CA GLY A 57 -13.57 -8.55 14.97
C GLY A 57 -12.61 -8.94 13.86
N THR A 58 -12.60 -8.13 12.81
CA THR A 58 -11.77 -8.39 11.65
C THR A 58 -10.49 -7.57 11.69
N SER A 59 -9.41 -8.15 11.19
CA SER A 59 -8.16 -7.42 11.03
C SER A 59 -8.24 -6.55 9.79
N ILE A 60 -7.77 -5.31 9.90
CA ILE A 60 -7.89 -4.34 8.81
C ILE A 60 -7.33 -4.88 7.49
N THR A 61 -6.20 -5.57 7.57
CA THR A 61 -5.58 -6.16 6.39
C THR A 61 -6.46 -7.24 5.77
N ASP A 62 -7.12 -8.02 6.63
CA ASP A 62 -8.04 -9.05 6.17
C ASP A 62 -9.30 -8.42 5.58
N VAL A 63 -9.68 -7.27 6.11
CA VAL A 63 -10.83 -6.52 5.60
C VAL A 63 -10.60 -6.13 4.15
N VAL A 64 -9.47 -5.48 3.87
CA VAL A 64 -9.13 -5.07 2.51
C VAL A 64 -9.08 -6.28 1.58
N ASN A 65 -8.50 -7.36 2.05
CA ASN A 65 -8.40 -8.60 1.27
C ASN A 65 -9.79 -9.15 0.94
N GLN A 66 -10.73 -8.93 1.87
CA GLN A 66 -12.09 -9.40 1.69
C GLN A 66 -12.81 -8.63 0.59
N LEU A 67 -12.82 -7.31 0.70
CA LEU A 67 -13.53 -6.48 -0.28
C LEU A 67 -12.99 -6.69 -1.69
N VAL A 68 -11.67 -6.77 -1.82
CA VAL A 68 -11.05 -7.03 -3.11
C VAL A 68 -11.53 -8.35 -3.69
N ASP A 69 -11.52 -9.38 -2.84
CA ASP A 69 -12.01 -10.70 -3.25
C ASP A 69 -13.47 -10.64 -3.65
N ASN A 70 -14.29 -10.09 -2.78
CA ASN A 70 -15.73 -10.03 -3.00
C ASN A 70 -16.07 -9.28 -4.28
N TRP A 71 -15.46 -8.11 -4.46
CA TRP A 71 -15.66 -7.33 -5.68
C TRP A 71 -15.23 -8.11 -6.91
N LEU A 72 -14.08 -8.75 -6.82
CA LEU A 72 -13.52 -9.50 -7.95
C LEU A 72 -14.40 -10.66 -8.36
N LYS A 73 -15.04 -11.31 -7.38
CA LYS A 73 -15.86 -12.47 -7.67
C LYS A 73 -17.28 -12.08 -8.04
N GLU A 74 -17.78 -11.03 -7.41
CA GLU A 74 -19.16 -10.60 -7.62
C GLU A 74 -19.34 -9.83 -8.93
N ASN A 75 -18.36 -9.00 -9.27
CA ASN A 75 -18.48 -8.17 -10.47
C ASN A 75 -17.94 -8.89 -11.70
N GLU A 76 -17.33 -10.06 -11.48
CA GLU A 76 -16.84 -10.88 -12.59
C GLU A 76 -18.01 -11.40 -13.41
N MET B 1 27.90 41.25 70.14
CA MET B 1 28.31 39.83 70.26
C MET B 1 29.13 39.39 69.03
N SER B 2 28.57 39.57 67.85
CA SER B 2 29.26 39.19 66.63
C SER B 2 30.01 40.39 66.05
N LEU B 3 30.88 40.13 65.08
CA LEU B 3 31.64 41.18 64.43
C LEU B 3 30.75 41.91 63.41
N GLU B 4 29.57 41.34 63.17
CA GLU B 4 28.58 41.88 62.24
C GLU B 4 29.14 41.95 60.82
N LYS B 5 30.02 41.00 60.52
CA LYS B 5 30.57 40.87 59.18
C LYS B 5 29.69 39.95 58.35
N ALA B 6 29.16 38.92 59.01
CA ALA B 6 28.23 38.00 58.38
C ALA B 6 26.81 38.51 58.52
N HIS B 7 26.49 39.55 57.77
CA HIS B 7 25.16 40.14 57.81
C HIS B 7 24.38 39.79 56.55
N THR B 8 24.78 38.68 55.93
CA THR B 8 24.14 38.21 54.72
C THR B 8 22.68 37.85 54.96
N SER B 9 21.79 38.71 54.50
CA SER B 9 20.36 38.48 54.65
C SER B 9 19.69 38.43 53.29
N VAL B 10 19.39 37.22 52.83
CA VAL B 10 18.79 37.05 51.52
C VAL B 10 17.44 36.33 51.63
N LYS B 11 16.37 37.05 51.34
CA LYS B 11 15.03 36.51 51.37
C LYS B 11 14.29 36.94 50.12
N LYS B 12 14.74 36.45 48.98
CA LYS B 12 14.18 36.83 47.71
C LYS B 12 12.93 36.03 47.40
N MET B 13 11.80 36.47 47.95
CA MET B 13 10.52 35.83 47.69
C MET B 13 9.80 36.56 46.56
N THR B 14 10.58 36.98 45.58
CA THR B 14 10.07 37.75 44.46
C THR B 14 9.30 36.88 43.49
N PHE B 15 8.18 37.40 43.01
CA PHE B 15 7.35 36.69 42.06
C PHE B 15 7.73 37.05 40.64
N GLY B 16 7.42 36.16 39.71
CA GLY B 16 7.72 36.40 38.30
C GLY B 16 6.62 35.91 37.41
N GLU B 17 5.38 36.25 37.77
CA GLU B 17 4.20 35.82 37.02
C GLU B 17 4.27 36.31 35.58
N ASN B 18 4.63 37.58 35.42
CA ASN B 18 4.80 38.20 34.10
C ASN B 18 3.54 38.05 33.26
N ARG B 19 2.40 38.29 33.89
CA ARG B 19 1.10 38.20 33.22
C ARG B 19 0.91 36.82 32.59
N ASP B 20 0.54 35.83 33.39
CA ASP B 20 0.30 34.49 32.91
C ASP B 20 -1.05 34.38 32.22
N LEU B 21 -1.11 34.90 31.00
CA LEU B 21 -2.37 34.92 30.25
C LEU B 21 -2.25 34.03 29.02
N GLU B 22 -1.29 33.12 29.05
CA GLU B 22 -1.06 32.22 27.94
C GLU B 22 -2.09 31.12 27.94
N ARG B 23 -3.11 31.28 27.12
CA ARG B 23 -4.22 30.34 27.07
C ARG B 23 -4.60 30.04 25.62
N VAL B 24 -3.80 30.54 24.68
CA VAL B 24 -4.04 30.28 23.28
C VAL B 24 -3.45 28.93 22.90
N VAL B 25 -4.33 27.97 22.63
CA VAL B 25 -3.91 26.63 22.26
C VAL B 25 -4.17 26.39 20.78
N THR B 26 -3.20 25.81 20.10
CA THR B 26 -3.32 25.56 18.67
C THR B 26 -4.16 24.32 18.40
N ALA B 27 -5.23 24.50 17.63
CA ALA B 27 -6.16 23.43 17.33
C ALA B 27 -5.53 22.40 16.39
N PRO B 28 -5.91 21.12 16.53
CA PRO B 28 -5.37 20.04 15.71
C PRO B 28 -5.64 20.26 14.22
N VAL B 29 -4.58 20.32 13.44
CA VAL B 29 -4.71 20.50 12.00
C VAL B 29 -4.96 19.15 11.33
N SER B 30 -6.15 18.62 11.55
CA SER B 30 -6.51 17.29 11.06
C SER B 30 -7.08 17.35 9.65
N SER B 31 -6.31 17.92 8.73
CA SER B 31 -6.72 18.01 7.34
C SER B 31 -6.37 16.72 6.58
N GLY B 32 -5.93 15.72 7.33
CA GLY B 32 -5.58 14.44 6.74
C GLY B 32 -6.80 13.60 6.44
N LYS B 33 -7.60 14.05 5.49
CA LYS B 33 -8.80 13.34 5.09
C LYS B 33 -8.46 12.22 4.09
N ILE B 34 -7.16 12.00 3.91
CA ILE B 34 -6.68 10.94 3.05
C ILE B 34 -5.56 10.19 3.74
N LYS B 35 -5.66 8.87 3.76
CA LYS B 35 -4.67 8.04 4.43
C LYS B 35 -4.17 6.96 3.49
N ARG B 36 -2.90 6.61 3.60
CA ARG B 36 -2.32 5.61 2.72
C ARG B 36 -2.13 4.29 3.44
N VAL B 37 -2.68 3.24 2.87
CA VAL B 37 -2.59 1.91 3.44
C VAL B 37 -1.95 0.94 2.45
N ASN B 38 -1.01 0.13 2.93
CA ASN B 38 -0.36 -0.85 2.10
C ASN B 38 -0.92 -2.23 2.40
N VAL B 39 -1.38 -2.91 1.36
CA VAL B 39 -1.99 -4.23 1.54
C VAL B 39 -1.38 -5.22 0.57
N ASN B 40 -1.37 -6.49 0.98
CA ASN B 40 -0.85 -7.55 0.14
C ASN B 40 -1.96 -8.51 -0.27
N PHE B 41 -2.02 -8.81 -1.55
CA PHE B 41 -3.03 -9.70 -2.09
C PHE B 41 -2.37 -10.82 -2.88
N ASP B 42 -3.11 -11.90 -3.08
CA ASP B 42 -2.61 -13.03 -3.85
C ASP B 42 -2.31 -12.62 -5.29
N GLU B 43 -1.31 -13.26 -5.88
CA GLU B 43 -0.93 -12.97 -7.26
C GLU B 43 -2.09 -13.26 -8.20
N GLU B 44 -2.79 -14.36 -7.94
CA GLU B 44 -3.99 -14.72 -8.70
C GLU B 44 -5.03 -13.62 -8.59
N LYS B 45 -5.27 -13.19 -7.35
CA LYS B 45 -6.21 -12.11 -7.06
C LYS B 45 -5.73 -10.80 -7.69
N HIS B 46 -4.42 -10.71 -7.91
CA HIS B 46 -3.84 -9.55 -8.57
C HIS B 46 -4.01 -9.65 -10.09
N THR B 47 -3.99 -10.87 -10.60
CA THR B 47 -4.23 -11.10 -12.03
C THR B 47 -5.69 -10.84 -12.34
N ARG B 48 -6.56 -11.28 -11.43
CA ARG B 48 -7.98 -11.02 -11.54
C ARG B 48 -8.23 -9.53 -11.48
N PHE B 49 -7.54 -8.86 -10.56
CA PHE B 49 -7.65 -7.42 -10.39
C PHE B 49 -7.23 -6.70 -11.67
N LYS B 50 -6.15 -7.17 -12.29
CA LYS B 50 -5.67 -6.60 -13.53
C LYS B 50 -6.70 -6.75 -14.64
N ALA B 51 -7.29 -7.94 -14.74
CA ALA B 51 -8.32 -8.22 -15.73
C ALA B 51 -9.57 -7.36 -15.48
N ALA B 52 -10.01 -7.32 -14.23
CA ALA B 52 -11.21 -6.59 -13.86
C ALA B 52 -11.03 -5.08 -14.06
N CYS B 53 -9.91 -4.54 -13.59
CA CYS B 53 -9.67 -3.10 -13.72
C CYS B 53 -9.46 -2.72 -15.18
N ALA B 54 -9.03 -3.68 -15.99
CA ALA B 54 -8.90 -3.47 -17.42
C ALA B 54 -10.27 -3.37 -18.07
N ARG B 55 -11.16 -4.28 -17.67
CA ARG B 55 -12.53 -4.28 -18.16
C ARG B 55 -13.27 -3.03 -17.71
N LYS B 56 -13.02 -2.63 -16.46
CA LYS B 56 -13.65 -1.46 -15.88
C LYS B 56 -13.01 -0.17 -16.40
N GLY B 57 -11.81 -0.30 -16.95
CA GLY B 57 -11.09 0.86 -17.45
C GLY B 57 -10.75 1.83 -16.34
N THR B 58 -10.09 1.33 -15.31
CA THR B 58 -9.82 2.13 -14.13
C THR B 58 -8.48 1.73 -13.50
N SER B 59 -7.94 2.62 -12.66
CA SER B 59 -6.65 2.40 -12.00
C SER B 59 -6.76 1.27 -10.97
N ILE B 60 -5.74 0.42 -10.93
CA ILE B 60 -5.72 -0.74 -10.05
C ILE B 60 -5.92 -0.36 -8.58
N THR B 61 -5.54 0.85 -8.21
CA THR B 61 -5.70 1.30 -6.85
C THR B 61 -7.12 1.83 -6.59
N ASP B 62 -7.71 2.46 -7.60
CA ASP B 62 -9.03 3.05 -7.45
C ASP B 62 -10.12 1.99 -7.56
N VAL B 63 -9.79 0.80 -8.06
CA VAL B 63 -10.73 -0.32 -7.98
C VAL B 63 -10.81 -0.78 -6.53
N VAL B 64 -9.71 -0.62 -5.80
CA VAL B 64 -9.73 -0.88 -4.37
C VAL B 64 -10.69 0.08 -3.69
N ASN B 65 -10.59 1.35 -4.07
CA ASN B 65 -11.54 2.36 -3.60
C ASN B 65 -12.99 1.95 -3.93
N GLN B 66 -13.18 1.32 -5.09
CA GLN B 66 -14.50 0.90 -5.55
C GLN B 66 -15.02 -0.30 -4.74
N LEU B 67 -14.17 -1.28 -4.48
CA LEU B 67 -14.61 -2.46 -3.74
C LEU B 67 -14.89 -2.08 -2.28
N VAL B 68 -14.08 -1.16 -1.76
CA VAL B 68 -14.32 -0.63 -0.43
C VAL B 68 -15.62 0.14 -0.41
N ASP B 69 -15.94 0.80 -1.53
CA ASP B 69 -17.20 1.52 -1.67
C ASP B 69 -18.37 0.60 -1.45
N ASN B 70 -18.39 -0.50 -2.18
CA ASN B 70 -19.44 -1.48 -2.08
C ASN B 70 -19.55 -2.04 -0.66
N TRP B 71 -18.41 -2.47 -0.12
CA TRP B 71 -18.35 -2.99 1.23
C TRP B 71 -18.79 -1.96 2.27
N LEU B 72 -18.10 -0.83 2.28
CA LEU B 72 -18.30 0.22 3.28
C LEU B 72 -19.76 0.62 3.40
N LYS B 73 -20.36 0.94 2.27
CA LYS B 73 -21.68 1.55 2.26
C LYS B 73 -22.79 0.51 2.42
N GLU B 74 -22.50 -0.74 2.07
CA GLU B 74 -23.51 -1.79 2.13
C GLU B 74 -23.43 -2.59 3.44
N ASN B 75 -22.22 -2.82 3.95
CA ASN B 75 -22.03 -3.64 5.15
C ASN B 75 -22.52 -2.91 6.40
N GLU B 76 -22.47 -1.60 6.39
CA GLU B 76 -22.94 -0.80 7.52
C GLU B 76 -24.46 -0.73 7.50
N MET A 1 -7.78 -45.98 16.88
CA MET A 1 -8.20 -46.11 18.30
C MET A 1 -7.12 -45.56 19.23
N SER A 2 -7.43 -45.48 20.51
CA SER A 2 -6.52 -44.91 21.50
C SER A 2 -5.35 -45.86 21.84
N LEU A 3 -4.72 -46.40 20.81
CA LEU A 3 -3.58 -47.29 20.98
C LEU A 3 -2.69 -47.27 19.75
N GLU A 4 -3.05 -48.07 18.75
CA GLU A 4 -2.30 -48.16 17.50
C GLU A 4 -0.86 -48.59 17.73
N LYS A 5 -0.67 -49.40 18.76
CA LYS A 5 0.64 -49.93 19.11
C LYS A 5 0.60 -51.45 19.08
N ALA A 6 1.50 -52.12 19.79
CA ALA A 6 1.50 -53.58 19.88
C ALA A 6 0.13 -54.10 20.32
N HIS A 7 -0.29 -55.20 19.70
CA HIS A 7 -1.62 -55.76 19.93
C HIS A 7 -2.70 -54.78 19.49
N THR A 8 -2.66 -54.44 18.21
CA THR A 8 -3.57 -53.47 17.64
C THR A 8 -4.91 -54.09 17.28
N SER A 9 -5.89 -53.25 16.99
CA SER A 9 -7.19 -53.71 16.56
C SER A 9 -7.18 -53.97 15.05
N VAL A 10 -8.36 -54.01 14.44
CA VAL A 10 -8.45 -54.24 12.99
C VAL A 10 -8.03 -53.01 12.21
N LYS A 11 -6.75 -52.97 11.84
CA LYS A 11 -6.20 -51.84 11.12
C LYS A 11 -5.54 -52.31 9.82
N LYS A 12 -4.71 -51.46 9.23
CA LYS A 12 -4.00 -51.81 8.01
C LYS A 12 -2.55 -51.37 8.13
N MET A 13 -1.85 -51.94 9.11
CA MET A 13 -0.47 -51.57 9.38
C MET A 13 0.44 -51.90 8.21
N THR A 14 0.23 -53.07 7.63
CA THR A 14 1.01 -53.52 6.49
C THR A 14 0.50 -52.90 5.19
N PHE A 15 1.41 -52.41 4.37
CA PHE A 15 1.04 -51.83 3.09
C PHE A 15 0.97 -52.93 2.03
N GLY A 16 1.58 -54.07 2.34
CA GLY A 16 1.57 -55.20 1.43
C GLY A 16 2.24 -54.91 0.12
N GLU A 17 1.45 -54.89 -0.93
CA GLU A 17 1.95 -54.60 -2.26
C GLU A 17 1.08 -53.52 -2.91
N ASN A 18 0.30 -52.84 -2.09
CA ASN A 18 -0.65 -51.86 -2.58
C ASN A 18 0.03 -50.51 -2.80
N ARG A 19 0.59 -49.95 -1.74
CA ARG A 19 1.22 -48.63 -1.82
C ARG A 19 2.59 -48.74 -2.48
N ASP A 20 2.96 -47.71 -3.23
CA ASP A 20 4.25 -47.69 -3.91
C ASP A 20 5.13 -46.59 -3.33
N LEU A 21 4.66 -46.01 -2.23
CA LEU A 21 5.37 -44.97 -1.49
C LEU A 21 5.46 -43.68 -2.30
N GLU A 22 4.52 -43.50 -3.21
CA GLU A 22 4.43 -42.26 -3.96
C GLU A 22 3.47 -41.33 -3.25
N ARG A 23 3.97 -40.19 -2.82
CA ARG A 23 3.17 -39.25 -2.06
C ARG A 23 3.28 -37.85 -2.65
N VAL A 24 2.14 -37.25 -2.94
CA VAL A 24 2.10 -35.92 -3.53
C VAL A 24 2.26 -34.85 -2.46
N VAL A 25 3.29 -34.04 -2.60
CA VAL A 25 3.55 -32.95 -1.68
C VAL A 25 2.73 -31.71 -2.06
N THR A 26 2.37 -30.93 -1.07
CA THR A 26 1.56 -29.74 -1.28
C THR A 26 2.43 -28.50 -1.40
N ALA A 27 2.41 -27.88 -2.57
CA ALA A 27 3.23 -26.70 -2.83
C ALA A 27 2.73 -25.49 -2.02
N PRO A 28 3.61 -24.91 -1.20
CA PRO A 28 3.27 -23.77 -0.35
C PRO A 28 3.25 -22.46 -1.12
N VAL A 29 2.93 -21.37 -0.42
CA VAL A 29 2.91 -20.05 -1.03
C VAL A 29 4.34 -19.59 -1.32
N SER A 30 4.69 -19.54 -2.60
CA SER A 30 6.04 -19.16 -3.02
C SER A 30 6.01 -18.55 -4.41
N SER A 31 7.19 -18.17 -4.92
CA SER A 31 7.32 -17.61 -6.26
C SER A 31 6.60 -16.27 -6.38
N GLY A 32 6.68 -15.47 -5.33
CA GLY A 32 6.08 -14.15 -5.34
C GLY A 32 4.57 -14.21 -5.50
N LYS A 33 3.93 -15.00 -4.66
CA LYS A 33 2.48 -15.16 -4.72
C LYS A 33 1.79 -14.06 -3.90
N ILE A 34 2.59 -13.14 -3.39
CA ILE A 34 2.08 -11.99 -2.66
C ILE A 34 2.42 -10.71 -3.39
N LYS A 35 1.41 -9.91 -3.65
CA LYS A 35 1.56 -8.67 -4.40
C LYS A 35 1.28 -7.48 -3.49
N ARG A 36 1.69 -6.30 -3.92
CA ARG A 36 1.56 -5.10 -3.09
C ARG A 36 0.81 -4.00 -3.83
N VAL A 37 -0.09 -3.35 -3.12
CA VAL A 37 -0.85 -2.22 -3.66
C VAL A 37 -0.96 -1.12 -2.61
N ASN A 38 -0.60 0.10 -2.99
CA ASN A 38 -0.71 1.25 -2.11
C ASN A 38 -1.92 2.07 -2.50
N VAL A 39 -2.91 2.11 -1.61
CA VAL A 39 -4.20 2.69 -1.93
C VAL A 39 -4.37 4.05 -1.28
N ASN A 40 -5.22 4.86 -1.90
CA ASN A 40 -5.62 6.15 -1.37
C ASN A 40 -7.02 6.04 -0.79
N PHE A 41 -7.14 6.11 0.52
CA PHE A 41 -8.40 5.88 1.20
C PHE A 41 -9.02 7.18 1.66
N ASP A 42 -10.33 7.19 1.80
CA ASP A 42 -11.04 8.33 2.35
C ASP A 42 -11.05 8.24 3.87
N GLU A 43 -11.16 9.39 4.53
CA GLU A 43 -11.25 9.44 5.98
C GLU A 43 -12.51 8.70 6.45
N GLU A 44 -13.59 8.91 5.72
CA GLU A 44 -14.84 8.21 5.96
C GLU A 44 -14.65 6.71 5.90
N LYS A 45 -13.95 6.28 4.85
CA LYS A 45 -13.72 4.87 4.61
C LYS A 45 -12.85 4.27 5.70
N HIS A 46 -11.88 5.04 6.19
CA HIS A 46 -10.95 4.52 7.19
C HIS A 46 -11.59 4.45 8.57
N THR A 47 -12.45 5.40 8.89
CA THR A 47 -13.15 5.39 10.17
C THR A 47 -14.11 4.20 10.24
N ARG A 48 -14.80 3.93 9.14
CA ARG A 48 -15.69 2.78 9.06
C ARG A 48 -14.90 1.50 8.92
N PHE A 49 -13.68 1.62 8.43
CA PHE A 49 -12.79 0.48 8.28
C PHE A 49 -12.45 -0.09 9.64
N LYS A 50 -11.95 0.76 10.52
CA LYS A 50 -11.63 0.36 11.89
C LYS A 50 -12.89 -0.07 12.63
N ALA A 51 -13.99 0.61 12.32
CA ALA A 51 -15.28 0.28 12.93
C ALA A 51 -15.71 -1.13 12.53
N ALA A 52 -15.89 -1.34 11.23
CA ALA A 52 -16.38 -2.61 10.72
C ALA A 52 -15.39 -3.75 10.95
N CYS A 53 -14.09 -3.46 10.94
CA CYS A 53 -13.09 -4.48 11.18
C CYS A 53 -13.18 -4.98 12.61
N ALA A 54 -13.49 -4.07 13.53
CA ALA A 54 -13.68 -4.43 14.93
C ALA A 54 -15.02 -5.15 15.12
N ARG A 55 -15.98 -4.84 14.25
CA ARG A 55 -17.29 -5.46 14.29
C ARG A 55 -17.21 -6.91 13.85
N LYS A 56 -16.53 -7.14 12.72
CA LYS A 56 -16.38 -8.47 12.17
C LYS A 56 -15.35 -9.28 12.95
N GLY A 57 -14.42 -8.58 13.59
CA GLY A 57 -13.38 -9.24 14.35
C GLY A 57 -12.31 -9.80 13.44
N THR A 58 -11.72 -8.95 12.63
CA THR A 58 -10.69 -9.37 11.70
C THR A 58 -9.67 -8.25 11.49
N SER A 59 -8.48 -8.61 11.03
CA SER A 59 -7.41 -7.66 10.81
C SER A 59 -7.79 -6.66 9.72
N ILE A 60 -7.39 -5.41 9.90
CA ILE A 60 -7.72 -4.35 8.95
C ILE A 60 -7.12 -4.66 7.58
N THR A 61 -6.01 -5.38 7.57
CA THR A 61 -5.36 -5.79 6.35
C THR A 61 -6.20 -6.84 5.62
N ASP A 62 -6.83 -7.72 6.39
CA ASP A 62 -7.71 -8.75 5.85
C ASP A 62 -8.99 -8.11 5.30
N VAL A 63 -9.41 -7.01 5.91
CA VAL A 63 -10.59 -6.28 5.45
C VAL A 63 -10.40 -5.82 4.02
N VAL A 64 -9.23 -5.25 3.72
CA VAL A 64 -8.92 -4.81 2.37
C VAL A 64 -8.88 -6.01 1.43
N ASN A 65 -8.23 -7.08 1.87
CA ASN A 65 -8.17 -8.32 1.09
C ASN A 65 -9.57 -8.84 0.79
N GLN A 66 -10.47 -8.67 1.75
CA GLN A 66 -11.85 -9.13 1.61
C GLN A 66 -12.60 -8.35 0.54
N LEU A 67 -12.50 -7.03 0.55
CA LEU A 67 -13.21 -6.22 -0.43
C LEU A 67 -12.65 -6.45 -1.83
N VAL A 68 -11.34 -6.65 -1.92
CA VAL A 68 -10.71 -6.97 -3.19
C VAL A 68 -11.26 -8.29 -3.72
N ASP A 69 -11.28 -9.29 -2.85
CA ASP A 69 -11.86 -10.59 -3.16
C ASP A 69 -13.33 -10.46 -3.55
N ASN A 70 -14.06 -9.68 -2.77
CA ASN A 70 -15.49 -9.50 -2.96
C ASN A 70 -15.80 -8.81 -4.28
N TRP A 71 -15.29 -7.60 -4.49
CA TRP A 71 -15.54 -6.85 -5.71
C TRP A 71 -15.05 -7.61 -6.94
N LEU A 72 -13.97 -8.35 -6.76
CA LEU A 72 -13.40 -9.14 -7.85
C LEU A 72 -14.36 -10.24 -8.30
N LYS A 73 -14.81 -11.05 -7.36
CA LYS A 73 -15.67 -12.17 -7.68
C LYS A 73 -17.07 -11.70 -8.05
N GLU A 74 -17.48 -10.56 -7.51
CA GLU A 74 -18.83 -10.05 -7.74
C GLU A 74 -18.95 -9.34 -9.09
N ASN A 75 -17.96 -8.51 -9.43
CA ASN A 75 -18.03 -7.71 -10.65
C ASN A 75 -17.30 -8.38 -11.81
N GLU A 76 -16.39 -9.30 -11.51
CA GLU A 76 -15.69 -10.06 -12.54
C GLU A 76 -16.11 -11.52 -12.48
N MET B 1 -23.89 36.04 -24.14
CA MET B 1 -24.41 36.95 -25.17
C MET B 1 -23.33 37.23 -26.22
N SER B 2 -23.63 38.11 -27.16
CA SER B 2 -22.69 38.45 -28.22
C SER B 2 -21.71 39.52 -27.75
N LEU B 3 -22.21 40.45 -26.95
CA LEU B 3 -21.39 41.53 -26.42
C LEU B 3 -20.40 41.02 -25.38
N GLU B 4 -20.91 40.64 -24.21
CA GLU B 4 -20.09 40.17 -23.10
C GLU B 4 -19.02 41.21 -22.74
N LYS B 5 -19.44 42.47 -22.75
CA LYS B 5 -18.55 43.59 -22.45
C LYS B 5 -19.39 44.79 -22.05
N ALA B 6 -18.74 45.92 -21.77
CA ALA B 6 -19.44 47.14 -21.39
C ALA B 6 -20.34 47.63 -22.53
N HIS B 7 -21.37 48.38 -22.16
CA HIS B 7 -22.36 48.88 -23.13
C HIS B 7 -23.23 47.73 -23.63
N THR B 8 -23.59 46.85 -22.71
CA THR B 8 -24.42 45.70 -23.02
C THR B 8 -25.90 46.08 -23.03
N SER B 9 -26.70 45.31 -23.76
CA SER B 9 -28.13 45.55 -23.82
C SER B 9 -28.84 44.74 -22.74
N VAL B 10 -29.90 45.33 -22.17
CA VAL B 10 -30.68 44.70 -21.11
C VAL B 10 -29.79 44.32 -19.93
N LYS B 11 -28.82 45.17 -19.66
CA LYS B 11 -27.90 44.95 -18.55
C LYS B 11 -27.90 46.16 -17.63
N LYS B 12 -28.45 45.98 -16.44
CA LYS B 12 -28.59 47.07 -15.48
C LYS B 12 -27.22 47.61 -15.07
N MET B 13 -27.11 48.94 -15.05
CA MET B 13 -25.87 49.61 -14.68
C MET B 13 -25.73 49.69 -13.17
N THR B 14 -25.81 48.53 -12.53
CA THR B 14 -25.71 48.44 -11.08
C THR B 14 -24.93 47.19 -10.69
N PHE B 15 -24.24 47.25 -9.56
CA PHE B 15 -23.50 46.11 -9.05
C PHE B 15 -24.46 45.02 -8.61
N GLY B 16 -25.53 45.43 -7.94
CA GLY B 16 -26.54 44.49 -7.51
C GLY B 16 -26.56 44.35 -6.00
N GLU B 17 -27.38 45.19 -5.35
CA GLU B 17 -27.49 45.16 -3.89
C GLU B 17 -28.16 43.86 -3.43
N ASN B 18 -28.80 43.17 -4.36
CA ASN B 18 -29.40 41.87 -4.07
C ASN B 18 -28.33 40.78 -4.03
N ARG B 19 -27.10 41.15 -4.34
CA ARG B 19 -25.99 40.23 -4.31
C ARG B 19 -25.05 40.58 -3.16
N ASP B 20 -24.76 39.60 -2.33
CA ASP B 20 -23.92 39.81 -1.16
C ASP B 20 -22.45 39.57 -1.50
N LEU B 21 -22.22 38.95 -2.66
CA LEU B 21 -20.87 38.59 -3.10
C LEU B 21 -20.19 37.70 -2.06
N GLU B 22 -20.97 36.81 -1.47
CA GLU B 22 -20.46 35.91 -0.45
C GLU B 22 -19.73 34.75 -1.09
N ARG B 23 -18.73 34.24 -0.39
CA ARG B 23 -17.96 33.10 -0.89
C ARG B 23 -17.85 32.03 0.18
N VAL B 24 -17.83 30.78 -0.25
CA VAL B 24 -17.69 29.65 0.65
C VAL B 24 -16.73 28.64 0.05
N VAL B 25 -15.48 28.72 0.46
CA VAL B 25 -14.45 27.85 -0.07
C VAL B 25 -14.67 26.42 0.37
N THR B 26 -14.94 25.55 -0.59
CA THR B 26 -15.19 24.15 -0.31
C THR B 26 -13.91 23.48 0.20
N ALA B 27 -14.08 22.46 1.03
CA ALA B 27 -12.96 21.77 1.62
C ALA B 27 -12.46 20.65 0.70
N PRO B 28 -11.21 20.75 0.24
CA PRO B 28 -10.62 19.76 -0.66
C PRO B 28 -10.17 18.50 0.08
N VAL B 29 -9.61 17.55 -0.66
CA VAL B 29 -9.14 16.31 -0.07
C VAL B 29 -7.65 16.14 -0.34
N SER B 30 -6.84 16.86 0.42
CA SER B 30 -5.39 16.83 0.25
C SER B 30 -4.75 16.00 1.36
N SER B 31 -5.10 16.31 2.60
CA SER B 31 -4.58 15.59 3.75
C SER B 31 -5.66 15.43 4.83
N GLY B 32 -5.50 14.42 5.68
CA GLY B 32 -6.45 14.18 6.75
C GLY B 32 -7.65 13.39 6.28
N LYS B 33 -8.40 13.97 5.36
CA LYS B 33 -9.58 13.33 4.79
C LYS B 33 -9.20 12.26 3.77
N ILE B 34 -7.90 12.07 3.60
CA ILE B 34 -7.37 11.02 2.75
C ILE B 34 -6.22 10.32 3.48
N LYS B 35 -6.13 9.01 3.28
CA LYS B 35 -5.14 8.20 3.97
C LYS B 35 -4.45 7.24 3.02
N ARG B 36 -3.23 6.86 3.36
CA ARG B 36 -2.47 5.93 2.54
C ARG B 36 -2.45 4.55 3.17
N VAL B 37 -2.93 3.55 2.44
CA VAL B 37 -2.98 2.19 2.94
C VAL B 37 -2.17 1.26 2.04
N ASN B 38 -1.19 0.59 2.61
CA ASN B 38 -0.39 -0.37 1.86
C ASN B 38 -0.80 -1.78 2.23
N VAL B 39 -1.33 -2.50 1.26
CA VAL B 39 -1.83 -3.85 1.51
C VAL B 39 -1.13 -4.87 0.62
N ASN B 40 -1.19 -6.12 1.04
CA ASN B 40 -0.65 -7.22 0.25
C ASN B 40 -1.78 -8.14 -0.17
N PHE B 41 -1.76 -8.53 -1.43
CA PHE B 41 -2.80 -9.39 -1.99
C PHE B 41 -2.17 -10.61 -2.65
N ASP B 42 -2.96 -11.64 -2.86
CA ASP B 42 -2.45 -12.86 -3.47
C ASP B 42 -2.37 -12.70 -4.99
N GLU B 43 -1.50 -13.49 -5.62
CA GLU B 43 -1.24 -13.37 -7.05
C GLU B 43 -2.52 -13.53 -7.86
N GLU B 44 -3.38 -14.46 -7.43
CA GLU B 44 -4.67 -14.65 -8.08
C GLU B 44 -5.51 -13.39 -7.93
N LYS B 45 -5.55 -12.87 -6.72
CA LYS B 45 -6.25 -11.63 -6.41
C LYS B 45 -5.72 -10.49 -7.26
N HIS B 46 -4.45 -10.55 -7.62
CA HIS B 46 -3.81 -9.51 -8.42
C HIS B 46 -4.23 -9.63 -9.89
N THR B 47 -4.15 -10.83 -10.44
CA THR B 47 -4.54 -11.06 -11.83
C THR B 47 -6.05 -10.85 -12.00
N ARG B 48 -6.81 -11.33 -11.02
CA ARG B 48 -8.25 -11.13 -10.99
C ARG B 48 -8.57 -9.64 -10.94
N PHE B 49 -7.81 -8.92 -10.13
CA PHE B 49 -7.97 -7.48 -10.00
C PHE B 49 -7.66 -6.79 -11.31
N LYS B 50 -6.55 -7.16 -11.93
CA LYS B 50 -6.13 -6.58 -13.20
C LYS B 50 -7.21 -6.79 -14.27
N ALA B 51 -7.80 -7.98 -14.27
CA ALA B 51 -8.88 -8.30 -15.19
C ALA B 51 -10.10 -7.43 -14.89
N ALA B 52 -10.41 -7.28 -13.62
CA ALA B 52 -11.53 -6.44 -13.20
C ALA B 52 -11.31 -4.98 -13.58
N CYS B 53 -10.07 -4.51 -13.44
CA CYS B 53 -9.73 -3.14 -13.80
C CYS B 53 -9.98 -2.90 -15.28
N ALA B 54 -9.56 -3.85 -16.10
CA ALA B 54 -9.73 -3.74 -17.55
C ALA B 54 -11.20 -3.75 -17.94
N ARG B 55 -12.00 -4.47 -17.17
CA ARG B 55 -13.43 -4.58 -17.45
C ARG B 55 -14.18 -3.30 -17.08
N LYS B 56 -13.56 -2.44 -16.29
CA LYS B 56 -14.20 -1.21 -15.85
C LYS B 56 -13.50 0.02 -16.41
N GLY B 57 -12.24 -0.16 -16.83
CA GLY B 57 -11.46 0.94 -17.34
C GLY B 57 -11.03 1.89 -16.24
N THR B 58 -10.49 1.32 -15.16
CA THR B 58 -10.14 2.11 -13.99
C THR B 58 -8.65 2.02 -13.68
N SER B 59 -8.10 3.10 -13.15
CA SER B 59 -6.73 3.13 -12.70
C SER B 59 -6.56 2.21 -11.49
N ILE B 60 -5.54 1.36 -11.53
CA ILE B 60 -5.36 0.30 -10.53
C ILE B 60 -5.67 0.75 -9.10
N THR B 61 -5.16 1.90 -8.69
CA THR B 61 -5.41 2.42 -7.35
C THR B 61 -6.88 2.79 -7.14
N ASP B 62 -7.47 3.39 -8.17
CA ASP B 62 -8.87 3.84 -8.10
C ASP B 62 -9.84 2.66 -7.99
N VAL B 63 -9.49 1.54 -8.59
CA VAL B 63 -10.35 0.35 -8.51
C VAL B 63 -10.29 -0.27 -7.12
N VAL B 64 -9.17 -0.07 -6.43
CA VAL B 64 -9.08 -0.51 -5.04
C VAL B 64 -10.04 0.31 -4.19
N ASN B 65 -10.10 1.61 -4.47
CA ASN B 65 -11.07 2.48 -3.83
C ASN B 65 -12.50 2.02 -4.16
N GLN B 66 -12.67 1.47 -5.36
CA GLN B 66 -13.97 0.97 -5.80
C GLN B 66 -14.45 -0.22 -4.96
N LEU B 67 -13.54 -1.16 -4.67
CA LEU B 67 -13.92 -2.31 -3.84
C LEU B 67 -14.31 -1.85 -2.45
N VAL B 68 -13.53 -0.93 -1.89
CA VAL B 68 -13.83 -0.39 -0.57
C VAL B 68 -15.17 0.34 -0.57
N ASP B 69 -15.45 1.04 -1.66
CA ASP B 69 -16.71 1.77 -1.80
C ASP B 69 -17.91 0.84 -1.66
N ASN B 70 -17.86 -0.24 -2.43
CA ASN B 70 -18.91 -1.25 -2.40
C ASN B 70 -18.97 -1.91 -1.03
N TRP B 71 -17.82 -2.34 -0.54
CA TRP B 71 -17.73 -3.01 0.75
C TRP B 71 -18.27 -2.14 1.88
N LEU B 72 -17.71 -0.94 1.99
CA LEU B 72 -18.01 -0.07 3.12
C LEU B 72 -19.47 0.32 3.20
N LYS B 73 -20.01 0.82 2.11
CA LYS B 73 -21.35 1.42 2.16
C LYS B 73 -22.47 0.38 2.04
N GLU B 74 -22.14 -0.77 1.48
CA GLU B 74 -23.16 -1.81 1.28
C GLU B 74 -23.19 -2.80 2.46
N ASN B 75 -22.01 -3.15 2.96
CA ASN B 75 -21.91 -4.17 4.01
C ASN B 75 -22.18 -3.59 5.39
N GLU B 76 -21.86 -2.32 5.59
CA GLU B 76 -22.08 -1.68 6.88
C GLU B 76 -23.46 -1.06 6.94
N MET A 1 47.23 -53.04 9.09
CA MET A 1 46.72 -52.31 10.28
C MET A 1 45.92 -51.08 9.87
N SER A 2 46.49 -50.28 8.98
CA SER A 2 45.85 -49.05 8.53
C SER A 2 46.18 -48.78 7.07
N LEU A 3 46.26 -49.84 6.28
CA LEU A 3 46.63 -49.71 4.88
C LEU A 3 45.79 -50.64 4.02
N GLU A 4 44.58 -50.93 4.46
CA GLU A 4 43.66 -51.76 3.68
C GLU A 4 43.12 -50.95 2.50
N LYS A 5 42.92 -51.64 1.39
CA LYS A 5 42.47 -51.02 0.15
C LYS A 5 43.55 -50.09 -0.40
N ALA A 6 44.33 -50.63 -1.34
CA ALA A 6 45.45 -49.89 -1.93
C ALA A 6 44.95 -48.73 -2.80
N HIS A 7 43.68 -48.81 -3.20
CA HIS A 7 43.05 -47.77 -4.02
C HIS A 7 43.68 -47.71 -5.41
N THR A 8 44.09 -48.86 -5.90
CA THR A 8 44.71 -48.97 -7.22
C THR A 8 43.64 -48.98 -8.32
N SER A 9 43.78 -48.09 -9.29
CA SER A 9 42.84 -48.01 -10.40
C SER A 9 43.11 -49.08 -11.43
N VAL A 10 42.89 -50.33 -11.04
CA VAL A 10 43.10 -51.48 -11.93
C VAL A 10 41.96 -51.57 -12.93
N LYS A 11 42.31 -51.86 -14.19
CA LYS A 11 41.36 -51.93 -15.30
C LYS A 11 40.91 -50.52 -15.71
N LYS A 12 40.04 -49.94 -14.89
CA LYS A 12 39.54 -48.60 -15.13
C LYS A 12 38.93 -48.03 -13.86
N MET A 13 39.06 -46.73 -13.65
CA MET A 13 38.45 -46.06 -12.52
C MET A 13 37.34 -45.14 -12.99
N THR A 14 36.15 -45.30 -12.42
CA THR A 14 35.00 -44.54 -12.85
C THR A 14 35.06 -43.10 -12.32
N PHE A 15 34.43 -42.20 -13.06
CA PHE A 15 34.39 -40.80 -12.66
C PHE A 15 32.95 -40.30 -12.61
N GLY A 16 32.07 -41.03 -13.29
CA GLY A 16 30.67 -40.65 -13.33
C GLY A 16 30.13 -40.69 -14.74
N GLU A 17 28.97 -40.05 -14.93
CA GLU A 17 28.33 -39.95 -16.25
C GLU A 17 28.11 -41.34 -16.86
N ASN A 18 27.15 -42.07 -16.30
CA ASN A 18 26.82 -43.40 -16.81
C ASN A 18 26.20 -43.28 -18.19
N ARG A 19 25.14 -42.48 -18.28
CA ARG A 19 24.48 -42.24 -19.55
C ARG A 19 24.31 -40.75 -19.78
N ASP A 20 24.92 -40.26 -20.84
CA ASP A 20 24.85 -38.84 -21.18
C ASP A 20 23.62 -38.57 -22.05
N LEU A 21 22.44 -38.68 -21.42
CA LEU A 21 21.17 -38.52 -22.14
C LEU A 21 20.10 -38.02 -21.17
N GLU A 22 20.52 -37.29 -20.16
CA GLU A 22 19.59 -36.77 -19.16
C GLU A 22 19.07 -35.40 -19.57
N ARG A 23 17.88 -35.05 -19.07
CA ARG A 23 17.26 -33.78 -19.41
C ARG A 23 16.50 -33.22 -18.21
N VAL A 24 17.18 -32.43 -17.41
CA VAL A 24 16.55 -31.77 -16.26
C VAL A 24 15.93 -30.45 -16.70
N VAL A 25 14.72 -30.54 -17.26
CA VAL A 25 14.01 -29.37 -17.74
C VAL A 25 13.22 -28.72 -16.63
N THR A 26 13.88 -27.86 -15.87
CA THR A 26 13.24 -27.19 -14.75
C THR A 26 12.39 -26.02 -15.22
N ALA A 27 11.13 -25.99 -14.78
CA ALA A 27 10.22 -24.94 -15.17
C ALA A 27 10.50 -23.65 -14.41
N PRO A 28 10.24 -22.49 -15.03
CA PRO A 28 10.45 -21.18 -14.41
C PRO A 28 9.39 -20.88 -13.36
N VAL A 29 9.42 -21.63 -12.27
CA VAL A 29 8.43 -21.50 -11.22
C VAL A 29 8.81 -20.39 -10.24
N SER A 30 8.59 -19.15 -10.65
CA SER A 30 8.86 -18.00 -9.79
C SER A 30 7.88 -17.98 -8.62
N SER A 31 8.38 -18.26 -7.43
CA SER A 31 7.52 -18.38 -6.26
C SER A 31 7.16 -17.00 -5.69
N GLY A 32 6.58 -16.17 -6.53
CA GLY A 32 6.13 -14.86 -6.09
C GLY A 32 4.63 -14.73 -6.19
N LYS A 33 3.92 -15.57 -5.44
CA LYS A 33 2.47 -15.62 -5.51
C LYS A 33 1.81 -14.63 -4.55
N ILE A 34 2.62 -13.79 -3.93
CA ILE A 34 2.10 -12.78 -3.02
C ILE A 34 2.41 -11.39 -3.57
N LYS A 35 1.39 -10.55 -3.60
CA LYS A 35 1.49 -9.24 -4.21
C LYS A 35 1.17 -8.16 -3.17
N ARG A 36 1.82 -7.01 -3.28
CA ARG A 36 1.64 -5.94 -2.31
C ARG A 36 1.02 -4.71 -2.96
N VAL A 37 -0.23 -4.42 -2.58
CA VAL A 37 -0.95 -3.29 -3.15
C VAL A 37 -1.29 -2.27 -2.07
N ASN A 38 -0.79 -1.05 -2.25
CA ASN A 38 -1.04 0.02 -1.27
C ASN A 38 -1.88 1.12 -1.91
N VAL A 39 -2.97 1.48 -1.25
CA VAL A 39 -3.91 2.47 -1.78
C VAL A 39 -4.31 3.47 -0.71
N ASN A 40 -4.80 4.63 -1.14
CA ASN A 40 -5.24 5.68 -0.23
C ASN A 40 -6.76 5.74 -0.15
N PHE A 41 -7.27 5.81 1.07
CA PHE A 41 -8.69 5.95 1.30
C PHE A 41 -8.95 7.26 2.04
N ASP A 42 -10.05 7.93 1.71
CA ASP A 42 -10.36 9.20 2.34
C ASP A 42 -10.78 9.00 3.81
N GLU A 43 -10.82 10.10 4.54
CA GLU A 43 -11.10 10.09 5.97
C GLU A 43 -12.41 9.37 6.28
N GLU A 44 -13.44 9.61 5.47
CA GLU A 44 -14.72 8.96 5.65
C GLU A 44 -14.58 7.44 5.60
N LYS A 45 -13.98 6.97 4.50
CA LYS A 45 -13.79 5.55 4.30
C LYS A 45 -12.92 4.95 5.39
N HIS A 46 -11.90 5.69 5.79
CA HIS A 46 -10.95 5.18 6.77
C HIS A 46 -11.53 5.16 8.18
N THR A 47 -12.35 6.14 8.50
CA THR A 47 -12.98 6.20 9.81
C THR A 47 -13.96 5.03 9.96
N ARG A 48 -14.73 4.77 8.91
CA ARG A 48 -15.66 3.65 8.91
C ARG A 48 -14.89 2.33 8.80
N PHE A 49 -13.73 2.38 8.15
CA PHE A 49 -12.86 1.22 8.03
C PHE A 49 -12.48 0.70 9.41
N LYS A 50 -11.90 1.59 10.21
CA LYS A 50 -11.47 1.25 11.56
C LYS A 50 -12.67 0.83 12.42
N ALA A 51 -13.81 1.49 12.20
CA ALA A 51 -15.03 1.18 12.92
C ALA A 51 -15.48 -0.24 12.63
N ALA A 52 -15.62 -0.55 11.34
CA ALA A 52 -16.02 -1.89 10.91
C ALA A 52 -15.03 -2.95 11.37
N CYS A 53 -13.74 -2.59 11.41
CA CYS A 53 -12.71 -3.48 11.91
C CYS A 53 -12.97 -3.86 13.36
N ALA A 54 -13.44 -2.90 14.15
CA ALA A 54 -13.75 -3.16 15.54
C ALA A 54 -15.07 -3.93 15.66
N ARG A 55 -16.00 -3.62 14.76
CA ARG A 55 -17.33 -4.22 14.77
C ARG A 55 -17.28 -5.73 14.52
N LYS A 56 -16.46 -6.13 13.54
CA LYS A 56 -16.41 -7.53 13.15
C LYS A 56 -15.19 -8.25 13.72
N GLY A 57 -14.39 -7.52 14.49
CA GLY A 57 -13.17 -8.08 15.02
C GLY A 57 -12.16 -8.38 13.93
N THR A 58 -12.08 -7.48 12.99
CA THR A 58 -11.28 -7.67 11.79
C THR A 58 -10.00 -6.86 11.84
N SER A 59 -8.95 -7.39 11.21
CA SER A 59 -7.72 -6.67 11.03
C SER A 59 -7.84 -5.75 9.81
N ILE A 60 -7.32 -4.53 9.91
CA ILE A 60 -7.49 -3.55 8.84
C ILE A 60 -6.97 -4.06 7.50
N THR A 61 -5.84 -4.75 7.52
CA THR A 61 -5.29 -5.34 6.30
C THR A 61 -6.21 -6.43 5.76
N ASP A 62 -6.70 -7.29 6.66
CA ASP A 62 -7.60 -8.37 6.30
C ASP A 62 -8.93 -7.80 5.79
N VAL A 63 -9.32 -6.66 6.34
CA VAL A 63 -10.55 -5.98 5.95
C VAL A 63 -10.50 -5.60 4.47
N VAL A 64 -9.39 -5.00 4.05
CA VAL A 64 -9.22 -4.63 2.65
C VAL A 64 -9.22 -5.87 1.78
N ASN A 65 -8.55 -6.91 2.23
CA ASN A 65 -8.51 -8.16 1.50
C ASN A 65 -9.91 -8.74 1.32
N GLN A 66 -10.74 -8.59 2.35
CA GLN A 66 -12.12 -9.08 2.31
C GLN A 66 -12.92 -8.38 1.22
N LEU A 67 -12.84 -7.05 1.16
CA LEU A 67 -13.60 -6.30 0.17
C LEU A 67 -13.06 -6.55 -1.23
N VAL A 68 -11.74 -6.70 -1.36
CA VAL A 68 -11.13 -7.00 -2.65
C VAL A 68 -11.58 -8.37 -3.13
N ASP A 69 -11.52 -9.34 -2.23
CA ASP A 69 -11.94 -10.71 -2.53
C ASP A 69 -13.39 -10.73 -2.99
N ASN A 70 -14.23 -9.99 -2.27
CA ASN A 70 -15.65 -9.88 -2.60
C ASN A 70 -15.83 -9.24 -3.98
N TRP A 71 -15.29 -8.04 -4.16
CA TRP A 71 -15.41 -7.33 -5.43
C TRP A 71 -14.86 -8.15 -6.58
N LEU A 72 -13.62 -8.58 -6.44
CA LEU A 72 -12.91 -9.28 -7.50
C LEU A 72 -13.68 -10.49 -7.99
N LYS A 73 -13.97 -11.39 -7.08
CA LYS A 73 -14.52 -12.69 -7.46
C LYS A 73 -16.03 -12.63 -7.67
N GLU A 74 -16.65 -11.51 -7.35
CA GLU A 74 -18.08 -11.34 -7.62
C GLU A 74 -18.29 -10.80 -9.03
N ASN A 75 -17.28 -10.13 -9.58
CA ASN A 75 -17.42 -9.50 -10.89
C ASN A 75 -16.48 -10.11 -11.94
N GLU A 76 -15.44 -10.80 -11.50
CA GLU A 76 -14.52 -11.46 -12.43
C GLU A 76 -15.00 -12.88 -12.71
N MET B 1 17.78 69.66 -2.40
CA MET B 1 17.43 68.49 -3.25
C MET B 1 18.08 67.22 -2.72
N SER B 2 19.31 67.32 -2.22
CA SER B 2 20.03 66.16 -1.69
C SER B 2 19.30 65.58 -0.48
N LEU B 3 18.78 66.45 0.35
CA LEU B 3 17.99 66.04 1.51
C LEU B 3 16.51 66.18 1.19
N GLU B 4 15.94 65.15 0.59
CA GLU B 4 14.55 65.17 0.19
C GLU B 4 13.66 64.86 1.39
N LYS B 5 13.16 65.92 2.03
CA LYS B 5 12.34 65.80 3.24
C LYS B 5 13.15 65.26 4.41
N ALA B 6 13.71 66.15 5.21
CA ALA B 6 14.45 65.76 6.40
C ALA B 6 13.49 65.28 7.48
N HIS B 7 13.32 63.98 7.56
CA HIS B 7 12.37 63.39 8.49
C HIS B 7 13.09 62.69 9.64
N THR B 8 12.73 63.07 10.86
CA THR B 8 13.26 62.43 12.04
C THR B 8 12.14 61.70 12.76
N SER B 9 12.46 60.65 13.50
CA SER B 9 11.46 59.91 14.22
C SER B 9 11.10 60.61 15.53
N VAL B 10 10.49 61.79 15.40
CA VAL B 10 10.08 62.58 16.54
C VAL B 10 8.86 61.97 17.21
N LYS B 11 8.60 62.40 18.45
CA LYS B 11 7.50 61.88 19.26
C LYS B 11 7.74 60.40 19.58
N LYS B 12 7.26 59.52 18.71
CA LYS B 12 7.48 58.10 18.84
C LYS B 12 6.96 57.37 17.60
N MET B 13 7.87 56.94 16.74
CA MET B 13 7.49 56.22 15.53
C MET B 13 6.89 54.87 15.88
N THR B 14 5.91 54.42 15.10
CA THR B 14 5.27 53.14 15.34
C THR B 14 6.14 52.00 14.83
N PHE B 15 6.86 51.38 15.75
CA PHE B 15 7.78 50.30 15.40
C PHE B 15 7.06 48.96 15.36
N GLY B 16 5.87 48.92 15.95
CA GLY B 16 5.11 47.70 15.98
C GLY B 16 4.97 47.16 17.39
N GLU B 17 3.94 46.34 17.59
CA GLU B 17 3.63 45.80 18.92
C GLU B 17 3.42 46.95 19.90
N ASN B 18 2.79 48.01 19.41
CA ASN B 18 2.57 49.21 20.19
C ASN B 18 1.52 48.96 21.25
N ARG B 19 0.49 48.23 20.86
CA ARG B 19 -0.54 47.82 21.79
C ARG B 19 -0.41 46.33 22.09
N ASP B 20 -0.35 46.01 23.38
CA ASP B 20 -0.06 44.66 23.82
C ASP B 20 -1.32 43.79 23.84
N LEU B 21 -2.49 44.42 23.76
CA LEU B 21 -3.75 43.70 23.77
C LEU B 21 -4.07 43.14 22.39
N GLU B 22 -3.32 42.13 21.98
CA GLU B 22 -3.52 41.49 20.69
C GLU B 22 -3.75 40.00 20.89
N ARG B 23 -4.87 39.48 20.37
CA ARG B 23 -5.22 38.08 20.58
C ARG B 23 -5.89 37.47 19.36
N VAL B 24 -5.16 37.40 18.26
CA VAL B 24 -5.65 36.72 17.07
C VAL B 24 -4.82 35.47 16.81
N VAL B 25 -5.40 34.31 17.04
CA VAL B 25 -4.69 33.05 16.86
C VAL B 25 -5.46 32.11 15.93
N THR B 26 -4.73 31.45 15.04
CA THR B 26 -5.33 30.54 14.09
C THR B 26 -5.28 29.11 14.62
N ALA B 27 -6.36 28.36 14.40
CA ALA B 27 -6.43 26.98 14.85
C ALA B 27 -5.74 26.04 13.87
N PRO B 28 -4.64 25.41 14.31
CA PRO B 28 -3.86 24.50 13.47
C PRO B 28 -4.62 23.18 13.24
N VAL B 29 -5.24 23.06 12.07
CA VAL B 29 -6.02 21.88 11.76
C VAL B 29 -5.13 20.76 11.23
N SER B 30 -5.62 19.53 11.32
CA SER B 30 -4.86 18.37 10.89
C SER B 30 -5.14 18.07 9.42
N SER B 31 -4.13 18.27 8.58
CA SER B 31 -4.28 18.10 7.13
C SER B 31 -3.99 16.66 6.72
N GLY B 32 -4.89 15.76 7.07
CA GLY B 32 -4.73 14.36 6.70
C GLY B 32 -6.04 13.76 6.25
N LYS B 33 -6.48 14.15 5.05
CA LYS B 33 -7.78 13.74 4.53
C LYS B 33 -7.71 12.40 3.82
N ILE B 34 -6.50 11.87 3.66
CA ILE B 34 -6.32 10.57 3.03
C ILE B 34 -5.47 9.67 3.92
N LYS B 35 -5.88 8.42 4.02
CA LYS B 35 -5.19 7.43 4.82
C LYS B 35 -4.90 6.21 3.97
N ARG B 36 -3.65 5.75 3.96
CA ARG B 36 -3.24 4.68 3.07
C ARG B 36 -3.11 3.35 3.79
N VAL B 37 -3.47 2.29 3.10
CA VAL B 37 -3.35 0.92 3.62
C VAL B 37 -2.73 0.02 2.55
N ASN B 38 -1.87 -0.90 2.99
CA ASN B 38 -1.26 -1.85 2.07
C ASN B 38 -1.80 -3.24 2.31
N VAL B 39 -2.22 -3.91 1.24
CA VAL B 39 -2.82 -5.23 1.36
C VAL B 39 -1.92 -6.31 0.77
N ASN B 40 -2.17 -7.54 1.18
CA ASN B 40 -1.43 -8.70 0.67
C ASN B 40 -2.32 -9.46 -0.30
N PHE B 41 -1.98 -9.41 -1.57
CA PHE B 41 -2.81 -9.98 -2.61
C PHE B 41 -2.24 -11.31 -3.10
N ASP B 42 -3.10 -12.13 -3.66
CA ASP B 42 -2.68 -13.36 -4.30
C ASP B 42 -2.21 -13.08 -5.72
N GLU B 43 -1.56 -14.05 -6.34
CA GLU B 43 -1.16 -13.95 -7.73
C GLU B 43 -2.38 -13.77 -8.61
N GLU B 44 -3.42 -14.53 -8.31
CA GLU B 44 -4.70 -14.44 -9.01
C GLU B 44 -5.27 -13.03 -8.86
N LYS B 45 -5.22 -12.51 -7.63
CA LYS B 45 -5.78 -11.20 -7.32
C LYS B 45 -5.19 -10.12 -8.19
N HIS B 46 -3.90 -10.19 -8.45
CA HIS B 46 -3.23 -9.16 -9.25
C HIS B 46 -3.55 -9.32 -10.72
N THR B 47 -3.53 -10.56 -11.21
CA THR B 47 -3.80 -10.82 -12.62
C THR B 47 -5.26 -10.49 -12.97
N ARG B 48 -6.20 -10.95 -12.14
CA ARG B 48 -7.61 -10.67 -12.38
C ARG B 48 -7.89 -9.19 -12.20
N PHE B 49 -7.17 -8.54 -11.28
CA PHE B 49 -7.35 -7.11 -11.05
C PHE B 49 -7.03 -6.32 -12.31
N LYS B 50 -5.94 -6.70 -12.96
CA LYS B 50 -5.53 -6.05 -14.21
C LYS B 50 -6.60 -6.25 -15.28
N ALA B 51 -7.13 -7.47 -15.36
CA ALA B 51 -8.19 -7.79 -16.31
C ALA B 51 -9.47 -7.05 -15.96
N ALA B 52 -9.90 -7.15 -14.71
CA ALA B 52 -11.12 -6.52 -14.23
C ALA B 52 -11.07 -5.01 -14.42
N CYS B 53 -9.93 -4.41 -14.15
CA CYS B 53 -9.76 -2.96 -14.30
C CYS B 53 -9.88 -2.57 -15.76
N ALA B 54 -9.26 -3.36 -16.64
CA ALA B 54 -9.31 -3.10 -18.07
C ALA B 54 -10.74 -3.25 -18.60
N ARG B 55 -11.43 -4.26 -18.09
CA ARG B 55 -12.81 -4.50 -18.46
C ARG B 55 -13.72 -3.39 -17.96
N LYS B 56 -13.54 -3.02 -16.70
CA LYS B 56 -14.35 -1.97 -16.07
C LYS B 56 -14.02 -0.61 -16.68
N GLY B 57 -12.77 -0.43 -17.07
CA GLY B 57 -12.34 0.84 -17.61
C GLY B 57 -12.14 1.86 -16.51
N THR B 58 -11.13 1.64 -15.69
CA THR B 58 -10.88 2.51 -14.55
C THR B 58 -9.48 2.29 -13.98
N SER B 59 -9.01 3.25 -13.21
CA SER B 59 -7.69 3.21 -12.60
C SER B 59 -7.66 2.22 -11.43
N ILE B 60 -6.47 1.72 -11.11
CA ILE B 60 -6.32 0.78 -10.00
C ILE B 60 -6.68 1.43 -8.66
N THR B 61 -6.70 2.75 -8.64
CA THR B 61 -7.07 3.48 -7.44
C THR B 61 -8.59 3.45 -7.22
N ASP B 62 -9.34 3.63 -8.30
CA ASP B 62 -10.79 3.68 -8.22
C ASP B 62 -11.38 2.32 -7.89
N VAL B 63 -10.84 1.26 -8.47
CA VAL B 63 -11.35 -0.08 -8.21
C VAL B 63 -11.24 -0.43 -6.74
N VAL B 64 -10.09 -0.16 -6.14
CA VAL B 64 -9.89 -0.42 -4.73
C VAL B 64 -10.84 0.43 -3.89
N ASN B 65 -11.04 1.67 -4.32
CA ASN B 65 -11.98 2.56 -3.66
C ASN B 65 -13.41 2.03 -3.80
N GLN B 66 -13.65 1.30 -4.89
CA GLN B 66 -14.97 0.75 -5.17
C GLN B 66 -15.26 -0.49 -4.32
N LEU B 67 -14.26 -1.36 -4.16
CA LEU B 67 -14.45 -2.53 -3.32
C LEU B 67 -14.67 -2.11 -1.88
N VAL B 68 -13.92 -1.09 -1.45
CA VAL B 68 -14.10 -0.49 -0.13
C VAL B 68 -15.48 0.12 -0.03
N ASP B 69 -15.86 0.85 -1.07
CA ASP B 69 -17.17 1.50 -1.15
C ASP B 69 -18.29 0.52 -0.89
N ASN B 70 -18.35 -0.51 -1.73
CA ASN B 70 -19.36 -1.54 -1.64
C ASN B 70 -19.32 -2.21 -0.27
N TRP B 71 -18.13 -2.62 0.14
CA TRP B 71 -17.93 -3.26 1.44
C TRP B 71 -18.44 -2.38 2.57
N LEU B 72 -18.07 -1.10 2.52
CA LEU B 72 -18.45 -0.14 3.56
C LEU B 72 -19.95 -0.16 3.82
N LYS B 73 -20.73 -0.07 2.76
CA LYS B 73 -22.18 -0.03 2.88
C LYS B 73 -22.77 -1.42 3.10
N GLU B 74 -22.16 -2.44 2.53
CA GLU B 74 -22.71 -3.78 2.58
C GLU B 74 -22.38 -4.48 3.90
N ASN B 75 -21.21 -4.22 4.44
CA ASN B 75 -20.73 -4.92 5.64
C ASN B 75 -21.32 -4.31 6.92
N GLU B 76 -21.62 -3.02 6.88
CA GLU B 76 -22.08 -2.33 8.08
C GLU B 76 -23.58 -2.47 8.25
N MET A 1 90.92 -27.88 2.35
CA MET A 1 90.45 -26.64 3.01
C MET A 1 90.28 -25.53 1.99
N SER A 2 89.05 -25.35 1.51
CA SER A 2 88.77 -24.38 0.48
C SER A 2 88.18 -23.10 1.10
N LEU A 3 88.07 -22.05 0.31
CA LEU A 3 87.50 -20.80 0.77
C LEU A 3 85.98 -20.88 0.76
N GLU A 4 85.43 -21.53 1.78
CA GLU A 4 83.99 -21.76 1.86
C GLU A 4 83.22 -20.44 1.89
N LYS A 5 82.47 -20.20 0.82
CA LYS A 5 81.69 -18.98 0.71
C LYS A 5 80.22 -19.27 1.04
N ALA A 6 79.66 -20.27 0.36
CA ALA A 6 78.26 -20.66 0.54
C ALA A 6 77.31 -19.54 0.12
N HIS A 7 76.02 -19.74 0.36
CA HIS A 7 75.02 -18.73 0.02
C HIS A 7 73.89 -18.75 1.04
N THR A 8 74.24 -18.47 2.29
CA THR A 8 73.30 -18.51 3.39
C THR A 8 72.42 -17.26 3.43
N SER A 9 71.68 -17.03 2.35
CA SER A 9 70.77 -15.91 2.26
C SER A 9 69.57 -16.30 1.41
N VAL A 10 68.46 -16.60 2.07
CA VAL A 10 67.24 -17.03 1.38
C VAL A 10 66.02 -16.42 2.07
N LYS A 11 64.85 -17.01 1.86
CA LYS A 11 63.63 -16.51 2.47
C LYS A 11 62.92 -17.62 3.22
N LYS A 12 63.54 -18.10 4.29
CA LYS A 12 62.96 -19.17 5.09
C LYS A 12 61.89 -18.61 6.02
N MET A 13 60.95 -19.47 6.43
CA MET A 13 59.83 -19.08 7.26
C MET A 13 58.92 -18.10 6.52
N THR A 14 58.61 -18.41 5.27
CA THR A 14 57.74 -17.57 4.47
C THR A 14 56.27 -17.94 4.70
N PHE A 15 55.41 -16.93 4.74
CA PHE A 15 54.00 -17.14 4.99
C PHE A 15 53.34 -17.86 3.82
N GLY A 16 53.44 -17.29 2.64
CA GLY A 16 52.80 -17.88 1.48
C GLY A 16 51.40 -17.34 1.30
N GLU A 17 51.21 -16.49 0.29
CA GLU A 17 49.93 -15.85 0.04
C GLU A 17 48.97 -16.80 -0.66
N ASN A 18 48.64 -17.89 0.02
CA ASN A 18 47.71 -18.89 -0.51
C ASN A 18 46.32 -18.28 -0.68
N ARG A 19 45.89 -17.55 0.34
CA ARG A 19 44.62 -16.83 0.31
C ARG A 19 43.44 -17.77 0.08
N ASP A 20 43.00 -18.40 1.14
CA ASP A 20 41.81 -19.26 1.09
C ASP A 20 40.69 -18.67 1.92
N LEU A 21 40.10 -17.60 1.41
CA LEU A 21 39.04 -16.90 2.12
C LEU A 21 37.90 -16.56 1.15
N GLU A 22 37.09 -17.56 0.83
CA GLU A 22 35.97 -17.37 -0.08
C GLU A 22 34.71 -17.97 0.50
N ARG A 23 33.57 -17.34 0.25
CA ARG A 23 32.30 -17.81 0.76
C ARG A 23 31.19 -17.64 -0.27
N VAL A 24 30.68 -18.74 -0.78
CA VAL A 24 29.60 -18.73 -1.76
C VAL A 24 28.27 -18.39 -1.08
N VAL A 25 27.65 -17.31 -1.53
CA VAL A 25 26.36 -16.89 -0.97
C VAL A 25 25.22 -17.64 -1.66
N THR A 26 24.69 -18.62 -0.96
CA THR A 26 23.61 -19.45 -1.50
C THR A 26 22.25 -18.97 -1.00
N ALA A 27 21.99 -17.68 -1.17
CA ALA A 27 20.72 -17.10 -0.75
C ALA A 27 19.58 -17.54 -1.66
N PRO A 28 18.53 -18.13 -1.10
CA PRO A 28 17.39 -18.62 -1.87
C PRO A 28 16.51 -17.48 -2.39
N VAL A 29 15.95 -17.66 -3.57
CA VAL A 29 15.11 -16.64 -4.18
C VAL A 29 13.66 -16.81 -3.74
N SER A 30 13.16 -15.85 -2.97
CA SER A 30 11.80 -15.89 -2.48
C SER A 30 10.81 -15.58 -3.61
N SER A 31 9.85 -16.47 -3.81
CA SER A 31 8.86 -16.30 -4.86
C SER A 31 7.96 -15.11 -4.58
N GLY A 32 7.50 -14.45 -5.63
CA GLY A 32 6.65 -13.30 -5.49
C GLY A 32 5.26 -13.56 -6.04
N LYS A 33 4.53 -14.48 -5.43
CA LYS A 33 3.20 -14.82 -5.90
C LYS A 33 2.16 -13.88 -5.31
N ILE A 34 2.62 -12.93 -4.51
CA ILE A 34 1.75 -11.92 -3.96
C ILE A 34 2.23 -10.54 -4.40
N LYS A 35 1.31 -9.60 -4.47
CA LYS A 35 1.60 -8.25 -4.93
C LYS A 35 1.23 -7.26 -3.85
N ARG A 36 2.10 -6.30 -3.60
CA ARG A 36 1.87 -5.30 -2.55
C ARG A 36 1.51 -3.96 -3.17
N VAL A 37 0.28 -3.53 -2.96
CA VAL A 37 -0.18 -2.27 -3.50
C VAL A 37 -0.57 -1.31 -2.38
N ASN A 38 -0.25 -0.04 -2.58
CA ASN A 38 -0.57 1.01 -1.61
C ASN A 38 -1.75 1.82 -2.12
N VAL A 39 -2.79 1.90 -1.30
CA VAL A 39 -4.00 2.59 -1.69
C VAL A 39 -4.20 3.86 -0.88
N ASN A 40 -5.06 4.73 -1.37
CA ASN A 40 -5.41 5.95 -0.65
C ASN A 40 -6.90 5.93 -0.29
N PHE A 41 -7.19 5.87 0.99
CA PHE A 41 -8.56 5.77 1.47
C PHE A 41 -9.02 7.09 2.03
N ASP A 42 -10.21 7.52 1.64
CA ASP A 42 -10.79 8.74 2.19
C ASP A 42 -11.03 8.57 3.68
N GLU A 43 -10.97 9.68 4.42
CA GLU A 43 -11.11 9.64 5.87
C GLU A 43 -12.43 9.01 6.29
N GLU A 44 -13.48 9.21 5.49
CA GLU A 44 -14.77 8.59 5.77
C GLU A 44 -14.65 7.08 5.76
N LYS A 45 -14.00 6.57 4.72
CA LYS A 45 -13.80 5.15 4.54
C LYS A 45 -12.95 4.56 5.66
N HIS A 46 -12.07 5.37 6.21
CA HIS A 46 -11.19 4.89 7.27
C HIS A 46 -11.85 5.01 8.65
N THR A 47 -12.66 6.05 8.84
CA THR A 47 -13.40 6.21 10.08
C THR A 47 -14.41 5.09 10.22
N ARG A 48 -15.10 4.79 9.12
CA ARG A 48 -16.01 3.66 9.07
C ARG A 48 -15.26 2.37 9.28
N PHE A 49 -14.08 2.29 8.66
CA PHE A 49 -13.23 1.11 8.77
C PHE A 49 -13.01 0.74 10.23
N LYS A 50 -12.52 1.68 11.00
CA LYS A 50 -12.29 1.45 12.43
C LYS A 50 -13.54 0.94 13.12
N ALA A 51 -14.66 1.61 12.90
CA ALA A 51 -15.92 1.25 13.56
C ALA A 51 -16.46 -0.11 13.08
N ALA A 52 -16.71 -0.22 11.78
CA ALA A 52 -17.31 -1.42 11.19
C ALA A 52 -16.47 -2.66 11.46
N CYS A 53 -15.18 -2.57 11.18
CA CYS A 53 -14.29 -3.71 11.34
C CYS A 53 -14.11 -4.09 12.82
N ALA A 54 -14.17 -3.11 13.72
CA ALA A 54 -14.07 -3.40 15.14
C ALA A 54 -15.22 -4.28 15.60
N ARG A 55 -16.41 -3.97 15.09
CA ARG A 55 -17.60 -4.76 15.40
C ARG A 55 -17.48 -6.17 14.84
N LYS A 56 -16.97 -6.28 13.62
CA LYS A 56 -16.85 -7.57 12.96
C LYS A 56 -15.65 -8.37 13.48
N GLY A 57 -14.71 -7.67 14.09
CA GLY A 57 -13.50 -8.32 14.56
C GLY A 57 -12.51 -8.51 13.43
N THR A 58 -12.27 -7.44 12.68
CA THR A 58 -11.40 -7.51 11.52
C THR A 58 -10.21 -6.57 11.66
N SER A 59 -9.02 -7.11 11.41
CA SER A 59 -7.81 -6.31 11.41
C SER A 59 -7.79 -5.41 10.18
N ILE A 60 -7.29 -4.18 10.36
CA ILE A 60 -7.33 -3.16 9.32
C ILE A 60 -6.79 -3.66 7.96
N THR A 61 -5.81 -4.55 7.98
CA THR A 61 -5.28 -5.13 6.75
C THR A 61 -6.20 -6.24 6.23
N ASP A 62 -6.73 -7.02 7.14
CA ASP A 62 -7.63 -8.12 6.80
C ASP A 62 -8.90 -7.63 6.11
N VAL A 63 -9.35 -6.44 6.47
CA VAL A 63 -10.55 -5.87 5.86
C VAL A 63 -10.36 -5.70 4.36
N VAL A 64 -9.31 -5.00 3.97
CA VAL A 64 -9.03 -4.75 2.57
C VAL A 64 -8.88 -6.06 1.82
N ASN A 65 -8.27 -7.04 2.48
CA ASN A 65 -8.13 -8.38 1.92
C ASN A 65 -9.50 -9.03 1.72
N GLN A 66 -10.41 -8.78 2.65
CA GLN A 66 -11.77 -9.32 2.57
C GLN A 66 -12.53 -8.70 1.41
N LEU A 67 -12.61 -7.37 1.38
CA LEU A 67 -13.41 -6.68 0.37
C LEU A 67 -12.85 -6.90 -1.03
N VAL A 68 -11.51 -6.95 -1.15
CA VAL A 68 -10.90 -7.19 -2.45
C VAL A 68 -11.26 -8.58 -2.96
N ASP A 69 -11.32 -9.54 -2.04
CA ASP A 69 -11.74 -10.89 -2.37
C ASP A 69 -13.21 -10.89 -2.79
N ASN A 70 -14.02 -10.17 -2.04
CA ASN A 70 -15.45 -10.07 -2.30
C ASN A 70 -15.73 -9.46 -3.67
N TRP A 71 -15.28 -8.23 -3.87
CA TRP A 71 -15.55 -7.50 -5.11
C TRP A 71 -14.99 -8.23 -6.33
N LEU A 72 -13.77 -8.71 -6.22
CA LEU A 72 -13.11 -9.35 -7.36
C LEU A 72 -13.82 -10.63 -7.77
N LYS A 73 -14.32 -11.38 -6.80
CA LYS A 73 -14.96 -12.66 -7.08
C LYS A 73 -16.42 -12.50 -7.48
N GLU A 74 -17.00 -11.34 -7.17
CA GLU A 74 -18.40 -11.10 -7.52
C GLU A 74 -18.51 -10.35 -8.84
N ASN A 75 -17.81 -9.23 -8.94
CA ASN A 75 -17.87 -8.38 -10.13
C ASN A 75 -17.17 -9.03 -11.32
N GLU A 76 -16.18 -9.86 -11.05
CA GLU A 76 -15.44 -10.55 -12.09
C GLU A 76 -15.66 -12.04 -12.00
N MET B 1 54.48 67.64 18.45
CA MET B 1 55.71 67.97 17.70
C MET B 1 56.94 67.38 18.37
N SER B 2 56.94 67.34 19.70
CA SER B 2 58.09 66.85 20.45
C SER B 2 58.19 65.32 20.38
N LEU B 3 57.27 64.64 21.04
CA LEU B 3 57.27 63.18 21.06
C LEU B 3 55.93 62.63 20.59
N GLU B 4 55.91 62.09 19.38
CA GLU B 4 54.70 61.51 18.83
C GLU B 4 54.81 59.99 18.75
N LYS B 5 53.74 59.31 19.11
CA LYS B 5 53.71 57.86 19.09
C LYS B 5 53.69 57.33 17.66
N ALA B 6 52.81 57.90 16.84
CA ALA B 6 52.65 57.50 15.45
C ALA B 6 52.36 56.01 15.35
N HIS B 7 51.37 55.57 16.11
CA HIS B 7 51.00 54.18 16.15
C HIS B 7 49.81 53.91 15.23
N THR B 8 50.00 52.98 14.31
CA THR B 8 48.96 52.62 13.36
C THR B 8 48.82 51.10 13.33
N SER B 9 49.09 50.49 14.47
CA SER B 9 49.03 49.05 14.62
C SER B 9 47.60 48.58 14.86
N VAL B 10 46.73 48.85 13.90
CA VAL B 10 45.34 48.45 13.99
C VAL B 10 45.05 47.33 13.00
N LYS B 11 44.44 46.26 13.47
CA LYS B 11 44.12 45.12 12.63
C LYS B 11 43.03 45.48 11.63
N LYS B 12 41.98 46.13 12.13
CA LYS B 12 40.87 46.61 11.31
C LYS B 12 40.38 45.52 10.36
N MET B 13 40.17 44.33 10.89
CA MET B 13 39.70 43.21 10.10
C MET B 13 38.38 42.70 10.67
N THR B 14 37.52 43.64 11.03
CA THR B 14 36.23 43.33 11.61
C THR B 14 35.26 42.80 10.56
N PHE B 15 34.52 41.76 10.91
CA PHE B 15 33.53 41.17 10.03
C PHE B 15 32.27 40.82 10.81
N GLY B 16 32.45 40.45 12.08
CA GLY B 16 31.33 40.15 12.93
C GLY B 16 30.83 38.73 12.75
N GLU B 17 30.44 38.10 13.85
CA GLU B 17 29.89 36.76 13.81
C GLU B 17 28.38 36.80 13.93
N ASN B 18 27.77 37.63 13.10
CA ASN B 18 26.33 37.80 13.11
C ASN B 18 25.61 36.56 12.59
N ARG B 19 26.11 36.03 11.48
CA ARG B 19 25.53 34.85 10.84
C ARG B 19 24.04 35.06 10.58
N ASP B 20 23.72 36.19 9.99
CA ASP B 20 22.34 36.59 9.74
C ASP B 20 21.75 35.82 8.55
N LEU B 21 21.59 34.53 8.71
CA LEU B 21 21.05 33.70 7.65
C LEU B 21 19.99 32.75 8.19
N GLU B 22 18.89 33.32 8.66
CA GLU B 22 17.77 32.53 9.17
C GLU B 22 16.94 31.98 8.04
N ARG B 23 17.53 31.07 7.28
CA ARG B 23 16.83 30.46 6.14
C ARG B 23 15.96 29.31 6.60
N VAL B 24 15.00 29.62 7.47
CA VAL B 24 14.06 28.63 7.95
C VAL B 24 13.00 28.36 6.89
N VAL B 25 12.79 27.10 6.58
CA VAL B 25 11.85 26.71 5.54
C VAL B 25 10.69 25.93 6.13
N THR B 26 9.61 26.63 6.43
CA THR B 26 8.43 26.02 7.02
C THR B 26 7.68 25.20 5.98
N ALA B 27 7.64 23.89 6.19
CA ALA B 27 6.93 22.99 5.30
C ALA B 27 5.43 23.08 5.56
N PRO B 28 4.59 22.94 4.51
CA PRO B 28 3.14 23.02 4.64
C PRO B 28 2.60 21.96 5.59
N VAL B 29 1.73 22.37 6.50
CA VAL B 29 1.14 21.45 7.47
C VAL B 29 0.05 20.62 6.81
N SER B 30 0.46 19.61 6.05
CA SER B 30 -0.47 18.79 5.29
C SER B 30 -1.37 17.99 6.22
N SER B 31 -2.67 18.10 5.99
CA SER B 31 -3.65 17.38 6.78
C SER B 31 -3.79 15.94 6.27
N GLY B 32 -4.45 15.10 7.05
CA GLY B 32 -4.64 13.72 6.66
C GLY B 32 -6.08 13.42 6.32
N LYS B 33 -6.54 13.99 5.21
CA LYS B 33 -7.90 13.78 4.75
C LYS B 33 -8.00 12.47 3.97
N ILE B 34 -6.84 11.97 3.57
CA ILE B 34 -6.74 10.67 2.92
C ILE B 34 -5.76 9.80 3.69
N LYS B 35 -6.03 8.51 3.73
CA LYS B 35 -5.23 7.57 4.49
C LYS B 35 -4.46 6.65 3.54
N ARG B 36 -3.32 6.17 3.99
CA ARG B 36 -2.50 5.28 3.17
C ARG B 36 -2.63 3.84 3.64
N VAL B 37 -2.98 2.96 2.71
CA VAL B 37 -3.22 1.57 3.03
C VAL B 37 -2.30 0.66 2.23
N ASN B 38 -1.54 -0.18 2.91
CA ASN B 38 -0.71 -1.17 2.24
C ASN B 38 -1.34 -2.54 2.40
N VAL B 39 -1.58 -3.21 1.29
CA VAL B 39 -2.23 -4.52 1.32
C VAL B 39 -1.57 -5.47 0.33
N ASN B 40 -1.82 -6.76 0.53
CA ASN B 40 -1.27 -7.79 -0.32
C ASN B 40 -2.37 -8.46 -1.15
N PHE B 41 -2.11 -8.62 -2.43
CA PHE B 41 -3.05 -9.25 -3.35
C PHE B 41 -2.35 -10.36 -4.12
N ASP B 42 -2.90 -11.55 -4.08
CA ASP B 42 -2.26 -12.71 -4.70
C ASP B 42 -2.28 -12.60 -6.22
N GLU B 43 -1.36 -13.32 -6.88
CA GLU B 43 -1.19 -13.22 -8.32
C GLU B 43 -2.47 -13.61 -9.08
N GLU B 44 -3.24 -14.54 -8.52
CA GLU B 44 -4.54 -14.91 -9.11
C GLU B 44 -5.49 -13.72 -9.03
N LYS B 45 -5.55 -13.14 -7.85
CA LYS B 45 -6.35 -11.94 -7.61
C LYS B 45 -5.83 -10.80 -8.48
N HIS B 46 -4.54 -10.83 -8.78
CA HIS B 46 -3.92 -9.81 -9.63
C HIS B 46 -4.37 -9.95 -11.08
N THR B 47 -4.54 -11.18 -11.55
CA THR B 47 -5.03 -11.40 -12.90
C THR B 47 -6.49 -10.97 -13.01
N ARG B 48 -7.23 -11.21 -11.93
CA ARG B 48 -8.61 -10.75 -11.83
C ARG B 48 -8.64 -9.23 -11.75
N PHE B 49 -7.71 -8.67 -10.99
CA PHE B 49 -7.59 -7.22 -10.84
C PHE B 49 -7.29 -6.57 -12.17
N LYS B 50 -6.36 -7.16 -12.92
CA LYS B 50 -5.97 -6.64 -14.23
C LYS B 50 -7.17 -6.59 -15.16
N ALA B 51 -7.96 -7.66 -15.15
CA ALA B 51 -9.16 -7.73 -15.95
C ALA B 51 -10.20 -6.72 -15.46
N ALA B 52 -10.32 -6.60 -14.14
CA ALA B 52 -11.26 -5.66 -13.54
C ALA B 52 -10.92 -4.23 -13.92
N CYS B 53 -9.62 -3.90 -13.91
CA CYS B 53 -9.16 -2.57 -14.30
C CYS B 53 -9.49 -2.29 -15.76
N ALA B 54 -9.37 -3.33 -16.58
CA ALA B 54 -9.67 -3.21 -18.00
C ALA B 54 -11.17 -3.02 -18.23
N ARG B 55 -11.96 -3.86 -17.57
CA ARG B 55 -13.40 -3.83 -17.71
C ARG B 55 -13.99 -2.53 -17.18
N LYS B 56 -13.64 -2.19 -15.94
CA LYS B 56 -14.14 -0.98 -15.30
C LYS B 56 -13.57 0.26 -15.96
N GLY B 57 -12.33 0.16 -16.43
CA GLY B 57 -11.68 1.30 -17.07
C GLY B 57 -11.13 2.26 -16.06
N THR B 58 -10.18 1.80 -15.26
CA THR B 58 -9.64 2.59 -14.18
C THR B 58 -8.31 2.00 -13.66
N SER B 59 -7.67 2.71 -12.75
CA SER B 59 -6.38 2.30 -12.20
C SER B 59 -6.56 1.19 -11.17
N ILE B 60 -5.51 0.40 -10.96
CA ILE B 60 -5.55 -0.70 -10.01
C ILE B 60 -5.82 -0.21 -8.58
N THR B 61 -5.47 1.04 -8.31
CA THR B 61 -5.72 1.63 -7.01
C THR B 61 -7.19 2.01 -6.86
N ASP B 62 -7.77 2.49 -7.96
CA ASP B 62 -9.16 2.92 -7.96
C ASP B 62 -10.10 1.74 -7.76
N VAL B 63 -9.77 0.60 -8.34
CA VAL B 63 -10.60 -0.60 -8.17
C VAL B 63 -10.51 -1.11 -6.72
N VAL B 64 -9.44 -0.75 -6.03
CA VAL B 64 -9.36 -1.06 -4.60
C VAL B 64 -10.34 -0.19 -3.83
N ASN B 65 -10.46 1.06 -4.26
CA ASN B 65 -11.45 1.97 -3.69
C ASN B 65 -12.86 1.47 -4.02
N GLN B 66 -12.99 0.72 -5.11
CA GLN B 66 -14.27 0.16 -5.52
C GLN B 66 -14.71 -0.95 -4.57
N LEU B 67 -13.79 -1.84 -4.20
CA LEU B 67 -14.13 -2.92 -3.28
C LEU B 67 -14.52 -2.38 -1.92
N VAL B 68 -13.75 -1.41 -1.43
CA VAL B 68 -14.04 -0.80 -0.14
C VAL B 68 -15.33 0.01 -0.21
N ASP B 69 -15.62 0.52 -1.40
CA ASP B 69 -16.86 1.25 -1.64
C ASP B 69 -18.06 0.33 -1.47
N ASN B 70 -17.93 -0.87 -2.02
CA ASN B 70 -18.99 -1.87 -1.94
C ASN B 70 -19.14 -2.35 -0.50
N TRP B 71 -18.00 -2.61 0.13
CA TRP B 71 -17.99 -3.07 1.51
C TRP B 71 -18.59 -2.02 2.44
N LEU B 72 -18.12 -0.80 2.33
CA LEU B 72 -18.52 0.27 3.23
C LEU B 72 -19.99 0.62 3.08
N LYS B 73 -20.42 0.89 1.86
CA LYS B 73 -21.73 1.47 1.62
C LYS B 73 -22.81 0.41 1.35
N GLU B 74 -22.44 -0.64 0.63
CA GLU B 74 -23.42 -1.65 0.22
C GLU B 74 -23.44 -2.84 1.17
N ASN B 75 -22.56 -2.84 2.16
CA ASN B 75 -22.47 -3.96 3.10
C ASN B 75 -22.54 -3.46 4.54
N GLU B 76 -21.77 -2.43 4.86
CA GLU B 76 -21.77 -1.86 6.20
C GLU B 76 -22.81 -0.74 6.31
N MET A 1 46.81 -36.03 -31.14
CA MET A 1 45.86 -36.67 -32.08
C MET A 1 46.52 -36.92 -33.42
N SER A 2 46.19 -38.05 -34.05
CA SER A 2 46.77 -38.40 -35.34
C SER A 2 46.25 -37.49 -36.45
N LEU A 3 44.96 -37.60 -36.76
CA LEU A 3 44.37 -36.81 -37.83
C LEU A 3 43.14 -36.05 -37.35
N GLU A 4 42.87 -36.12 -36.05
CA GLU A 4 41.71 -35.48 -35.42
C GLU A 4 40.42 -36.23 -35.77
N LYS A 5 40.08 -36.25 -37.05
CA LYS A 5 38.88 -36.94 -37.54
C LYS A 5 37.63 -36.34 -36.90
N ALA A 6 37.56 -35.01 -36.91
CA ALA A 6 36.41 -34.30 -36.37
C ALA A 6 35.26 -34.34 -37.35
N HIS A 7 34.30 -35.21 -37.08
CA HIS A 7 33.16 -35.40 -37.96
C HIS A 7 31.91 -35.74 -37.16
N THR A 8 30.78 -35.22 -37.60
CA THR A 8 29.50 -35.50 -36.97
C THR A 8 29.07 -36.93 -37.29
N SER A 9 28.42 -37.58 -36.34
CA SER A 9 27.96 -38.94 -36.51
C SER A 9 26.94 -39.02 -37.65
N VAL A 10 26.93 -40.12 -38.37
CA VAL A 10 26.04 -40.29 -39.52
C VAL A 10 24.59 -40.38 -39.06
N LYS A 11 23.89 -39.26 -39.17
CA LYS A 11 22.51 -39.18 -38.76
C LYS A 11 21.59 -39.42 -39.95
N LYS A 12 21.56 -40.66 -40.41
CA LYS A 12 20.72 -41.03 -41.56
C LYS A 12 19.40 -41.62 -41.08
N MET A 13 19.05 -41.31 -39.84
CA MET A 13 17.81 -41.78 -39.25
C MET A 13 16.89 -40.59 -38.96
N THR A 14 15.62 -40.89 -38.70
CA THR A 14 14.65 -39.85 -38.38
C THR A 14 14.90 -39.31 -36.97
N PHE A 15 14.81 -38.00 -36.82
CA PHE A 15 15.07 -37.37 -35.53
C PHE A 15 13.80 -36.76 -34.96
N GLY A 16 12.91 -36.34 -35.85
CA GLY A 16 11.65 -35.75 -35.43
C GLY A 16 10.65 -35.71 -36.56
N GLU A 17 10.28 -36.89 -37.04
CA GLU A 17 9.34 -37.00 -38.15
C GLU A 17 7.95 -37.37 -37.66
N ASN A 18 7.83 -37.57 -36.36
CA ASN A 18 6.56 -37.98 -35.77
C ASN A 18 5.83 -36.77 -35.18
N ARG A 19 6.54 -35.95 -34.41
CA ARG A 19 5.95 -34.78 -33.79
C ARG A 19 6.85 -33.57 -33.99
N ASP A 20 6.28 -32.39 -33.77
CA ASP A 20 7.00 -31.13 -33.95
C ASP A 20 6.62 -30.14 -32.86
N LEU A 21 5.86 -30.62 -31.88
CA LEU A 21 5.37 -29.76 -30.79
C LEU A 21 6.49 -29.38 -29.84
N GLU A 22 6.66 -28.08 -29.63
CA GLU A 22 7.65 -27.57 -28.70
C GLU A 22 7.03 -27.35 -27.33
N ARG A 23 7.81 -26.84 -26.40
CA ARG A 23 7.33 -26.56 -25.05
C ARG A 23 7.90 -25.24 -24.54
N VAL A 24 7.33 -24.14 -25.01
CA VAL A 24 7.77 -22.81 -24.59
C VAL A 24 6.64 -22.09 -23.87
N VAL A 25 6.45 -22.42 -22.60
CA VAL A 25 5.38 -21.82 -21.82
C VAL A 25 5.90 -20.66 -20.99
N THR A 26 5.93 -19.49 -21.59
CA THR A 26 6.42 -18.29 -20.92
C THR A 26 5.34 -17.71 -20.02
N ALA A 27 5.52 -17.86 -18.72
CA ALA A 27 4.55 -17.37 -17.76
C ALA A 27 5.20 -16.35 -16.83
N PRO A 28 4.60 -15.16 -16.71
CA PRO A 28 5.13 -14.07 -15.88
C PRO A 28 4.68 -14.20 -14.43
N VAL A 29 4.29 -15.42 -14.04
CA VAL A 29 3.83 -15.69 -12.69
C VAL A 29 4.94 -16.37 -11.88
N SER A 30 6.17 -15.92 -12.08
CA SER A 30 7.32 -16.49 -11.41
C SER A 30 7.80 -15.55 -10.30
N SER A 31 6.89 -14.69 -9.84
CA SER A 31 7.19 -13.71 -8.81
C SER A 31 7.15 -14.34 -7.42
N GLY A 32 6.82 -13.53 -6.41
CA GLY A 32 6.77 -14.02 -5.05
C GLY A 32 5.41 -14.56 -4.67
N LYS A 33 4.53 -14.63 -5.66
CA LYS A 33 3.17 -15.15 -5.48
C LYS A 33 2.33 -14.23 -4.59
N ILE A 34 2.84 -13.03 -4.34
CA ILE A 34 2.14 -12.02 -3.57
C ILE A 34 2.39 -10.65 -4.19
N LYS A 35 1.33 -9.89 -4.37
CA LYS A 35 1.40 -8.59 -5.00
C LYS A 35 1.10 -7.49 -3.98
N ARG A 36 1.80 -6.38 -4.09
CA ARG A 36 1.68 -5.30 -3.12
C ARG A 36 0.86 -4.15 -3.69
N VAL A 37 -0.15 -3.73 -2.94
CA VAL A 37 -1.01 -2.63 -3.35
C VAL A 37 -1.21 -1.64 -2.18
N ASN A 38 -0.93 -0.37 -2.45
CA ASN A 38 -1.13 0.69 -1.48
C ASN A 38 -2.31 1.56 -1.90
N VAL A 39 -3.27 1.73 -1.01
CA VAL A 39 -4.49 2.45 -1.34
C VAL A 39 -4.68 3.69 -0.47
N ASN A 40 -5.40 4.68 -1.00
CA ASN A 40 -5.71 5.89 -0.26
C ASN A 40 -7.22 5.97 -0.04
N PHE A 41 -7.61 6.09 1.22
CA PHE A 41 -9.02 6.15 1.59
C PHE A 41 -9.40 7.56 2.03
N ASP A 42 -10.68 7.84 2.00
CA ASP A 42 -11.20 9.10 2.51
C ASP A 42 -11.26 9.04 4.03
N GLU A 43 -11.41 10.18 4.68
CA GLU A 43 -11.58 10.23 6.12
C GLU A 43 -12.84 9.46 6.53
N GLU A 44 -13.85 9.51 5.67
CA GLU A 44 -15.08 8.77 5.88
C GLU A 44 -14.82 7.27 5.81
N LYS A 45 -14.13 6.86 4.76
CA LYS A 45 -13.84 5.45 4.54
C LYS A 45 -13.03 4.87 5.67
N HIS A 46 -12.22 5.70 6.31
CA HIS A 46 -11.36 5.23 7.38
C HIS A 46 -12.13 5.09 8.69
N THR A 47 -13.03 6.02 8.96
CA THR A 47 -13.86 5.92 10.15
C THR A 47 -14.82 4.74 10.01
N ARG A 48 -15.31 4.55 8.79
CA ARG A 48 -16.12 3.40 8.46
C ARG A 48 -15.30 2.12 8.62
N PHE A 49 -14.10 2.14 8.06
CA PHE A 49 -13.18 1.00 8.15
C PHE A 49 -12.97 0.59 9.60
N LYS A 50 -12.55 1.55 10.41
CA LYS A 50 -12.28 1.30 11.83
C LYS A 50 -13.50 0.76 12.56
N ALA A 51 -14.63 1.43 12.40
CA ALA A 51 -15.86 1.05 13.10
C ALA A 51 -16.41 -0.28 12.60
N ALA A 52 -16.55 -0.41 11.29
CA ALA A 52 -17.15 -1.61 10.70
C ALA A 52 -16.28 -2.84 10.92
N CYS A 53 -14.96 -2.67 10.82
CA CYS A 53 -14.05 -3.79 11.04
C CYS A 53 -14.08 -4.22 12.50
N ALA A 54 -14.21 -3.24 13.40
CA ALA A 54 -14.31 -3.53 14.83
C ALA A 54 -15.56 -4.33 15.13
N ARG A 55 -16.65 -4.00 14.43
CA ARG A 55 -17.92 -4.71 14.56
C ARG A 55 -17.76 -6.20 14.29
N LYS A 56 -17.09 -6.52 13.18
CA LYS A 56 -16.93 -7.91 12.77
C LYS A 56 -15.62 -8.51 13.31
N GLY A 57 -14.98 -7.81 14.24
CA GLY A 57 -13.73 -8.28 14.82
C GLY A 57 -12.68 -8.58 13.77
N THR A 58 -12.56 -7.68 12.81
CA THR A 58 -11.67 -7.88 11.68
C THR A 58 -10.45 -6.96 11.75
N SER A 59 -9.29 -7.52 11.42
CA SER A 59 -8.05 -6.76 11.38
C SER A 59 -8.03 -5.88 10.14
N ILE A 60 -7.54 -4.65 10.30
CA ILE A 60 -7.58 -3.66 9.23
C ILE A 60 -7.03 -4.22 7.90
N THR A 61 -5.91 -4.93 7.96
CA THR A 61 -5.32 -5.52 6.76
C THR A 61 -6.24 -6.59 6.16
N ASP A 62 -6.86 -7.36 7.05
CA ASP A 62 -7.78 -8.41 6.64
C ASP A 62 -9.01 -7.82 5.95
N VAL A 63 -9.46 -6.67 6.45
CA VAL A 63 -10.61 -5.97 5.89
C VAL A 63 -10.39 -5.69 4.41
N VAL A 64 -9.27 -5.03 4.10
CA VAL A 64 -8.96 -4.66 2.73
C VAL A 64 -8.89 -5.89 1.84
N ASN A 65 -8.25 -6.95 2.31
CA ASN A 65 -8.16 -8.19 1.53
C ASN A 65 -9.55 -8.79 1.32
N GLN A 66 -10.41 -8.62 2.31
CA GLN A 66 -11.78 -9.13 2.24
C GLN A 66 -12.57 -8.47 1.12
N LEU A 67 -12.56 -7.13 1.07
CA LEU A 67 -13.33 -6.41 0.07
C LEU A 67 -12.78 -6.64 -1.33
N VAL A 68 -11.47 -6.81 -1.42
CA VAL A 68 -10.84 -7.11 -2.69
C VAL A 68 -11.36 -8.44 -3.22
N ASP A 69 -11.41 -9.41 -2.33
CA ASP A 69 -11.98 -10.72 -2.64
C ASP A 69 -13.45 -10.59 -3.02
N ASN A 70 -14.19 -9.84 -2.20
CA ASN A 70 -15.62 -9.64 -2.39
C ASN A 70 -15.95 -9.16 -3.80
N TRP A 71 -15.50 -7.96 -4.13
CA TRP A 71 -15.82 -7.34 -5.41
C TRP A 71 -15.26 -8.14 -6.57
N LEU A 72 -14.05 -8.66 -6.42
CA LEU A 72 -13.41 -9.43 -7.48
C LEU A 72 -14.23 -10.66 -7.84
N LYS A 73 -14.58 -11.45 -6.83
CA LYS A 73 -15.35 -12.66 -7.03
C LYS A 73 -16.76 -12.35 -7.53
N GLU A 74 -17.25 -11.17 -7.21
CA GLU A 74 -18.59 -10.77 -7.62
C GLU A 74 -18.64 -10.39 -9.10
N ASN A 75 -17.69 -9.57 -9.53
CA ASN A 75 -17.68 -9.08 -10.91
C ASN A 75 -17.06 -10.09 -11.88
N GLU A 76 -16.24 -10.99 -11.36
CA GLU A 76 -15.60 -11.99 -12.20
C GLU A 76 -16.57 -13.11 -12.54
N MET B 1 11.23 50.58 35.68
CA MET B 1 9.84 51.08 35.85
C MET B 1 9.77 52.17 36.91
N SER B 2 10.89 52.87 37.11
CA SER B 2 11.00 53.94 38.10
C SER B 2 10.72 53.41 39.51
N LEU B 3 9.51 53.63 40.01
CA LEU B 3 9.17 53.18 41.36
C LEU B 3 8.50 51.80 41.32
N GLU B 4 8.39 51.24 40.11
CA GLU B 4 7.75 49.96 39.88
C GLU B 4 6.31 49.99 40.36
N LYS B 5 6.07 49.45 41.55
CA LYS B 5 4.74 49.43 42.15
C LYS B 5 3.72 48.80 41.22
N ALA B 6 4.09 47.66 40.65
CA ALA B 6 3.20 46.94 39.75
C ALA B 6 1.98 46.45 40.51
N HIS B 7 0.82 46.99 40.16
CA HIS B 7 -0.41 46.66 40.85
C HIS B 7 -0.82 45.22 40.56
N THR B 8 -1.07 44.46 41.63
CA THR B 8 -1.51 43.08 41.50
C THR B 8 -2.91 43.03 40.92
N SER B 9 -3.16 42.07 40.04
CA SER B 9 -4.44 41.95 39.37
C SER B 9 -5.57 41.76 40.37
N VAL B 10 -6.42 42.77 40.49
CA VAL B 10 -7.54 42.74 41.41
C VAL B 10 -8.72 42.00 40.77
N LYS B 11 -8.88 40.74 41.11
CA LYS B 11 -9.97 39.93 40.58
C LYS B 11 -11.16 39.97 41.51
N LYS B 12 -11.50 41.17 41.96
CA LYS B 12 -12.64 41.38 42.83
C LYS B 12 -13.90 41.56 42.01
N MET B 13 -14.14 40.63 41.10
CA MET B 13 -15.27 40.68 40.19
C MET B 13 -15.48 39.33 39.52
N THR B 14 -16.59 39.20 38.81
CA THR B 14 -16.86 37.99 38.05
C THR B 14 -16.13 38.03 36.72
N PHE B 15 -15.63 36.89 36.28
CA PHE B 15 -14.90 36.81 35.02
C PHE B 15 -15.74 36.10 33.97
N GLY B 16 -16.80 35.44 34.43
CA GLY B 16 -17.66 34.69 33.54
C GLY B 16 -17.87 33.27 34.02
N GLU B 17 -18.07 33.11 35.33
CA GLU B 17 -18.24 31.80 35.94
C GLU B 17 -19.60 31.22 35.58
N ASN B 18 -20.62 32.08 35.59
CA ASN B 18 -21.98 31.68 35.23
C ASN B 18 -22.06 31.32 33.75
N ARG B 19 -21.12 31.85 32.97
CA ARG B 19 -21.02 31.52 31.56
C ARG B 19 -20.34 30.16 31.38
N ASP B 20 -21.13 29.15 31.10
CA ASP B 20 -20.61 27.81 30.91
C ASP B 20 -20.16 27.62 29.47
N LEU B 21 -18.86 27.48 29.28
CA LEU B 21 -18.31 27.34 27.94
C LEU B 21 -17.00 26.54 27.98
N GLU B 22 -17.10 25.31 28.44
CA GLU B 22 -15.95 24.42 28.47
C GLU B 22 -16.03 23.42 27.33
N ARG B 23 -15.27 23.67 26.28
CA ARG B 23 -15.31 22.82 25.09
C ARG B 23 -14.01 22.06 24.93
N VAL B 24 -14.02 20.79 25.31
CA VAL B 24 -12.83 19.96 25.22
C VAL B 24 -12.94 18.98 24.05
N VAL B 25 -12.79 19.49 22.85
CA VAL B 25 -12.85 18.68 21.64
C VAL B 25 -11.63 18.94 20.77
N THR B 26 -10.82 17.92 20.57
CA THR B 26 -9.60 18.05 19.80
C THR B 26 -9.45 16.88 18.82
N ALA B 27 -9.62 17.17 17.54
CA ALA B 27 -9.51 16.16 16.50
C ALA B 27 -8.15 16.25 15.82
N PRO B 28 -7.30 15.23 16.01
CA PRO B 28 -5.95 15.20 15.46
C PRO B 28 -5.93 14.89 13.96
N VAL B 29 -6.23 15.89 13.16
CA VAL B 29 -6.27 15.71 11.72
C VAL B 29 -4.90 15.96 11.11
N SER B 30 -4.08 14.92 11.10
CA SER B 30 -2.75 14.99 10.53
C SER B 30 -2.81 14.80 9.02
N SER B 31 -3.75 13.99 8.59
CA SER B 31 -4.00 13.77 7.17
C SER B 31 -5.38 14.29 6.81
N GLY B 32 -5.41 15.33 5.99
CA GLY B 32 -6.66 15.99 5.67
C GLY B 32 -7.54 15.20 4.72
N LYS B 33 -8.47 14.43 5.28
CA LYS B 33 -9.47 13.69 4.51
C LYS B 33 -8.85 12.62 3.63
N ILE B 34 -7.61 12.27 3.90
CA ILE B 34 -6.94 11.22 3.14
C ILE B 34 -6.20 10.26 4.07
N LYS B 35 -6.43 8.98 3.84
CA LYS B 35 -5.83 7.93 4.65
C LYS B 35 -5.21 6.88 3.74
N ARG B 36 -4.37 6.01 4.26
CA ARG B 36 -3.72 5.03 3.40
C ARG B 36 -3.55 3.69 4.12
N VAL B 37 -3.46 2.63 3.32
CA VAL B 37 -3.26 1.29 3.85
C VAL B 37 -2.37 0.49 2.91
N ASN B 38 -1.68 -0.50 3.46
CA ASN B 38 -0.80 -1.37 2.68
C ASN B 38 -1.31 -2.79 2.73
N VAL B 39 -1.59 -3.37 1.57
CA VAL B 39 -2.12 -4.72 1.50
C VAL B 39 -1.33 -5.58 0.52
N ASN B 40 -1.33 -6.89 0.77
CA ASN B 40 -0.67 -7.84 -0.11
C ASN B 40 -1.67 -8.90 -0.57
N PHE B 41 -1.79 -9.05 -1.88
CA PHE B 41 -2.76 -9.96 -2.47
C PHE B 41 -2.06 -11.07 -3.23
N ASP B 42 -2.79 -12.12 -3.57
CA ASP B 42 -2.21 -13.23 -4.33
C ASP B 42 -2.24 -12.95 -5.84
N GLU B 43 -1.59 -13.81 -6.61
CA GLU B 43 -1.49 -13.63 -8.05
C GLU B 43 -2.87 -13.67 -8.73
N GLU B 44 -3.72 -14.58 -8.27
CA GLU B 44 -5.07 -14.71 -8.83
C GLU B 44 -5.85 -13.42 -8.62
N LYS B 45 -5.71 -12.86 -7.42
CA LYS B 45 -6.34 -11.60 -7.07
C LYS B 45 -5.89 -10.50 -8.02
N HIS B 46 -4.67 -10.61 -8.51
CA HIS B 46 -4.11 -9.62 -9.41
C HIS B 46 -4.57 -9.86 -10.85
N THR B 47 -4.71 -11.12 -11.23
CA THR B 47 -5.20 -11.47 -12.55
C THR B 47 -6.66 -11.07 -12.69
N ARG B 48 -7.43 -11.30 -11.63
CA ARG B 48 -8.82 -10.88 -11.57
C ARG B 48 -8.88 -9.35 -11.55
N PHE B 49 -7.92 -8.74 -10.86
CA PHE B 49 -7.82 -7.29 -10.78
C PHE B 49 -7.55 -6.68 -12.15
N LYS B 50 -6.61 -7.25 -12.88
CA LYS B 50 -6.24 -6.77 -14.20
C LYS B 50 -7.44 -6.82 -15.15
N ALA B 51 -8.25 -7.86 -14.99
CA ALA B 51 -9.46 -8.01 -15.79
C ALA B 51 -10.48 -6.94 -15.41
N ALA B 52 -10.66 -6.74 -14.11
CA ALA B 52 -11.59 -5.74 -13.58
C ALA B 52 -11.16 -4.32 -13.97
N CYS B 53 -9.86 -4.05 -13.86
CA CYS B 53 -9.31 -2.75 -14.21
C CYS B 53 -9.62 -2.41 -15.67
N ALA B 54 -9.35 -3.36 -16.55
CA ALA B 54 -9.60 -3.18 -17.98
C ALA B 54 -11.10 -3.15 -18.27
N ARG B 55 -11.89 -3.80 -17.44
CA ARG B 55 -13.33 -3.85 -17.60
C ARG B 55 -13.94 -2.48 -17.27
N LYS B 56 -13.50 -1.92 -16.14
CA LYS B 56 -14.02 -0.64 -15.69
C LYS B 56 -13.42 0.51 -16.50
N GLY B 57 -12.16 0.35 -16.89
CA GLY B 57 -11.48 1.42 -17.59
C GLY B 57 -11.04 2.52 -16.64
N THR B 58 -10.34 2.13 -15.59
CA THR B 58 -9.96 3.05 -14.54
C THR B 58 -8.60 2.68 -13.97
N SER B 59 -8.02 3.59 -13.20
CA SER B 59 -6.72 3.38 -12.59
C SER B 59 -6.78 2.25 -11.56
N ILE B 60 -5.71 1.47 -11.47
CA ILE B 60 -5.67 0.29 -10.60
C ILE B 60 -6.04 0.67 -9.16
N THR B 61 -5.54 1.80 -8.69
CA THR B 61 -5.82 2.25 -7.34
C THR B 61 -7.31 2.57 -7.13
N ASP B 62 -7.97 2.99 -8.19
CA ASP B 62 -9.40 3.28 -8.13
C ASP B 62 -10.22 2.00 -8.14
N VAL B 63 -9.63 0.93 -8.65
CA VAL B 63 -10.29 -0.37 -8.61
C VAL B 63 -10.22 -0.93 -7.19
N VAL B 64 -9.10 -0.68 -6.50
CA VAL B 64 -8.97 -1.09 -5.11
C VAL B 64 -9.98 -0.35 -4.26
N ASN B 65 -10.13 0.94 -4.52
CA ASN B 65 -11.11 1.76 -3.83
C ASN B 65 -12.53 1.32 -4.18
N GLN B 66 -12.69 0.74 -5.37
CA GLN B 66 -13.98 0.22 -5.79
C GLN B 66 -14.38 -1.00 -4.97
N LEU B 67 -13.38 -1.81 -4.61
CA LEU B 67 -13.61 -2.96 -3.74
C LEU B 67 -14.03 -2.47 -2.36
N VAL B 68 -13.31 -1.47 -1.86
CA VAL B 68 -13.64 -0.87 -0.57
C VAL B 68 -15.01 -0.21 -0.62
N ASP B 69 -15.31 0.39 -1.76
CA ASP B 69 -16.61 1.05 -1.96
C ASP B 69 -17.75 0.08 -1.71
N ASN B 70 -17.64 -1.09 -2.33
CA ASN B 70 -18.62 -2.16 -2.16
C ASN B 70 -18.78 -2.50 -0.69
N TRP B 71 -17.68 -2.95 -0.09
CA TRP B 71 -17.66 -3.31 1.33
C TRP B 71 -18.19 -2.20 2.21
N LEU B 72 -17.49 -1.07 2.18
CA LEU B 72 -17.73 0.05 3.07
C LEU B 72 -19.21 0.40 3.19
N LYS B 73 -19.86 0.56 2.05
CA LYS B 73 -21.21 1.09 2.05
C LYS B 73 -22.27 -0.01 2.01
N GLU B 74 -21.87 -1.24 1.71
CA GLU B 74 -22.82 -2.34 1.69
C GLU B 74 -22.82 -3.09 3.03
N ASN B 75 -21.68 -3.11 3.70
CA ASN B 75 -21.53 -3.86 4.95
C ASN B 75 -22.12 -3.09 6.14
N GLU B 76 -22.43 -1.82 5.91
CA GLU B 76 -23.03 -1.00 6.96
C GLU B 76 -24.46 -1.46 7.26
N MET A 1 29.54 -83.66 38.66
CA MET A 1 30.87 -84.32 38.61
C MET A 1 31.76 -83.80 39.73
N SER A 2 32.81 -84.54 40.04
CA SER A 2 33.75 -84.11 41.07
C SER A 2 34.53 -82.89 40.57
N LEU A 3 34.96 -82.95 39.33
CA LEU A 3 35.58 -81.81 38.69
C LEU A 3 34.58 -81.14 37.76
N GLU A 4 33.69 -80.35 38.34
CA GLU A 4 32.63 -79.70 37.59
C GLU A 4 33.20 -78.65 36.66
N LYS A 5 32.82 -78.71 35.39
CA LYS A 5 33.33 -77.78 34.38
C LYS A 5 32.19 -77.31 33.48
N ALA A 6 31.09 -76.92 34.10
CA ALA A 6 29.93 -76.43 33.37
C ALA A 6 30.01 -74.92 33.20
N HIS A 7 29.69 -74.44 32.01
CA HIS A 7 29.67 -73.01 31.74
C HIS A 7 28.38 -72.62 31.04
N THR A 8 27.64 -71.72 31.67
CA THR A 8 26.34 -71.30 31.17
C THR A 8 26.31 -69.78 31.01
N SER A 9 26.76 -69.30 29.87
CA SER A 9 26.78 -67.87 29.60
C SER A 9 26.04 -67.55 28.30
N VAL A 10 24.98 -66.78 28.42
CA VAL A 10 24.17 -66.41 27.25
C VAL A 10 24.63 -65.06 26.70
N LYS A 11 25.13 -65.06 25.47
CA LYS A 11 25.59 -63.85 24.83
C LYS A 11 24.53 -63.32 23.88
N LYS A 12 24.01 -62.15 24.18
CA LYS A 12 22.97 -61.54 23.37
C LYS A 12 23.39 -60.15 22.92
N MET A 13 22.97 -59.76 21.72
CA MET A 13 23.30 -58.45 21.19
C MET A 13 22.07 -57.54 21.18
N THR A 14 21.10 -57.88 22.01
CA THR A 14 19.88 -57.10 22.12
C THR A 14 20.12 -55.87 22.98
N PHE A 15 20.51 -54.77 22.33
CA PHE A 15 20.86 -53.56 23.06
C PHE A 15 19.77 -52.51 22.93
N GLY A 16 18.66 -52.89 22.34
CA GLY A 16 17.56 -51.97 22.18
C GLY A 16 17.72 -51.09 20.96
N GLU A 17 18.46 -51.58 19.97
CA GLU A 17 18.69 -50.84 18.75
C GLU A 17 17.92 -51.48 17.60
N ASN A 18 16.76 -52.03 17.92
CA ASN A 18 15.89 -52.63 16.91
C ASN A 18 15.04 -51.56 16.24
N ARG A 19 14.91 -50.44 16.93
CA ARG A 19 14.19 -49.28 16.41
C ARG A 19 15.11 -48.47 15.48
N ASP A 20 15.50 -49.08 14.37
CA ASP A 20 16.41 -48.44 13.44
C ASP A 20 15.76 -48.24 12.07
N LEU A 21 15.02 -47.15 11.94
CA LEU A 21 14.34 -46.83 10.68
C LEU A 21 13.82 -45.40 10.73
N GLU A 22 14.43 -44.53 9.96
CA GLU A 22 14.05 -43.13 9.93
C GLU A 22 13.32 -42.81 8.64
N ARG A 23 12.36 -41.90 8.73
CA ARG A 23 11.58 -41.48 7.58
C ARG A 23 11.33 -39.98 7.64
N VAL A 24 12.24 -39.21 7.08
CA VAL A 24 12.16 -37.76 7.13
C VAL A 24 12.20 -37.17 5.72
N VAL A 25 11.06 -37.16 5.06
CA VAL A 25 10.96 -36.59 3.72
C VAL A 25 10.29 -35.22 3.78
N THR A 26 11.08 -34.17 3.56
CA THR A 26 10.60 -32.81 3.65
C THR A 26 10.48 -32.18 2.27
N ALA A 27 9.29 -31.68 1.97
CA ALA A 27 9.04 -31.03 0.69
C ALA A 27 8.06 -29.87 0.89
N PRO A 28 8.59 -28.68 1.23
CA PRO A 28 7.79 -27.49 1.52
C PRO A 28 7.25 -26.84 0.25
N VAL A 29 6.46 -27.59 -0.52
CA VAL A 29 5.87 -27.08 -1.75
C VAL A 29 4.55 -26.39 -1.47
N SER A 30 4.57 -25.49 -0.50
CA SER A 30 3.37 -24.78 -0.08
C SER A 30 3.22 -23.48 -0.87
N SER A 31 2.03 -23.25 -1.40
CA SER A 31 1.76 -22.07 -2.20
C SER A 31 1.72 -20.81 -1.34
N GLY A 32 1.90 -19.67 -1.98
CA GLY A 32 1.90 -18.41 -1.25
C GLY A 32 2.35 -17.27 -2.12
N LYS A 33 1.70 -17.10 -3.26
CA LYS A 33 2.02 -16.02 -4.18
C LYS A 33 1.18 -14.79 -3.88
N ILE A 34 1.82 -13.75 -3.37
CA ILE A 34 1.13 -12.55 -2.93
C ILE A 34 1.64 -11.34 -3.69
N LYS A 35 0.80 -10.31 -3.76
CA LYS A 35 1.12 -9.06 -4.43
C LYS A 35 0.85 -7.90 -3.46
N ARG A 36 1.59 -6.80 -3.61
CA ARG A 36 1.42 -5.66 -2.74
C ARG A 36 0.79 -4.49 -3.47
N VAL A 37 0.07 -3.66 -2.74
CA VAL A 37 -0.62 -2.49 -3.31
C VAL A 37 -0.54 -1.31 -2.35
N ASN A 38 -0.41 -0.12 -2.90
CA ASN A 38 -0.47 1.11 -2.12
C ASN A 38 -1.80 1.79 -2.38
N VAL A 39 -2.65 1.81 -1.37
CA VAL A 39 -4.02 2.27 -1.54
C VAL A 39 -4.26 3.56 -0.77
N ASN A 40 -5.15 4.39 -1.29
CA ASN A 40 -5.49 5.66 -0.66
C ASN A 40 -6.88 5.57 -0.03
N PHE A 41 -6.98 5.96 1.23
CA PHE A 41 -8.22 5.83 1.97
C PHE A 41 -8.72 7.18 2.46
N ASP A 42 -9.93 7.52 2.04
CA ASP A 42 -10.57 8.76 2.47
C ASP A 42 -10.94 8.70 3.95
N GLU A 43 -11.06 9.87 4.57
CA GLU A 43 -11.32 9.98 6.02
C GLU A 43 -12.48 9.09 6.45
N GLU A 44 -13.60 9.16 5.73
CA GLU A 44 -14.78 8.34 6.03
C GLU A 44 -14.44 6.86 5.96
N LYS A 45 -13.93 6.45 4.80
CA LYS A 45 -13.59 5.06 4.54
C LYS A 45 -12.63 4.53 5.61
N HIS A 46 -11.71 5.36 6.05
CA HIS A 46 -10.74 4.94 7.06
C HIS A 46 -11.36 4.88 8.45
N THR A 47 -12.18 5.86 8.78
CA THR A 47 -12.83 5.91 10.08
C THR A 47 -13.78 4.72 10.26
N ARG A 48 -14.62 4.48 9.26
CA ARG A 48 -15.53 3.36 9.32
C ARG A 48 -14.78 2.05 9.20
N PHE A 49 -13.64 2.06 8.52
CA PHE A 49 -12.82 0.87 8.39
C PHE A 49 -12.41 0.34 9.76
N LYS A 50 -11.95 1.24 10.61
CA LYS A 50 -11.56 0.89 11.96
C LYS A 50 -12.75 0.37 12.75
N ALA A 51 -13.87 1.09 12.66
CA ALA A 51 -15.10 0.69 13.33
C ALA A 51 -15.59 -0.68 12.83
N ALA A 52 -15.66 -0.84 11.52
CA ALA A 52 -16.09 -2.08 10.90
C ALA A 52 -15.16 -3.24 11.25
N CYS A 53 -13.86 -2.97 11.31
CA CYS A 53 -12.87 -4.00 11.63
C CYS A 53 -13.13 -4.59 13.02
N ALA A 54 -13.52 -3.71 13.95
CA ALA A 54 -13.87 -4.16 15.29
C ALA A 54 -15.20 -4.89 15.29
N ARG A 55 -16.12 -4.43 14.44
CA ARG A 55 -17.43 -5.03 14.29
C ARG A 55 -17.33 -6.44 13.71
N LYS A 56 -16.38 -6.62 12.81
CA LYS A 56 -16.19 -7.91 12.14
C LYS A 56 -15.28 -8.81 12.96
N GLY A 57 -14.46 -8.19 13.80
CA GLY A 57 -13.52 -8.95 14.62
C GLY A 57 -12.35 -9.46 13.82
N THR A 58 -11.77 -8.60 13.01
CA THR A 58 -10.63 -8.97 12.18
C THR A 58 -9.68 -7.78 12.03
N SER A 59 -8.46 -8.05 11.57
CA SER A 59 -7.46 -7.01 11.40
C SER A 59 -7.89 -6.04 10.30
N ILE A 60 -7.49 -4.78 10.43
CA ILE A 60 -7.85 -3.75 9.47
C ILE A 60 -7.35 -4.12 8.07
N THR A 61 -6.23 -4.84 8.03
CA THR A 61 -5.65 -5.30 6.78
C THR A 61 -6.49 -6.43 6.16
N ASP A 62 -7.11 -7.22 7.03
CA ASP A 62 -7.96 -8.31 6.58
C ASP A 62 -9.27 -7.79 6.01
N VAL A 63 -9.75 -6.68 6.55
CA VAL A 63 -10.95 -6.04 6.03
C VAL A 63 -10.75 -5.66 4.58
N VAL A 64 -9.57 -5.11 4.28
CA VAL A 64 -9.22 -4.77 2.91
C VAL A 64 -9.27 -6.00 2.02
N ASN A 65 -8.65 -7.08 2.49
CA ASN A 65 -8.65 -8.35 1.76
C ASN A 65 -10.08 -8.83 1.47
N GLN A 66 -10.97 -8.66 2.44
CA GLN A 66 -12.35 -9.09 2.32
C GLN A 66 -13.07 -8.38 1.17
N LEU A 67 -12.92 -7.06 1.10
CA LEU A 67 -13.60 -6.29 0.05
C LEU A 67 -13.05 -6.65 -1.32
N VAL A 68 -11.73 -6.84 -1.41
CA VAL A 68 -11.11 -7.25 -2.67
C VAL A 68 -11.62 -8.61 -3.10
N ASP A 69 -11.76 -9.50 -2.12
CA ASP A 69 -12.30 -10.83 -2.36
C ASP A 69 -13.68 -10.75 -2.96
N ASN A 70 -14.52 -9.90 -2.38
CA ASN A 70 -15.90 -9.74 -2.84
C ASN A 70 -15.96 -9.07 -4.21
N TRP A 71 -15.10 -8.08 -4.44
CA TRP A 71 -15.06 -7.38 -5.71
C TRP A 71 -14.65 -8.32 -6.84
N LEU A 72 -13.67 -9.18 -6.56
CA LEU A 72 -13.15 -10.09 -7.56
C LEU A 72 -14.06 -11.30 -7.75
N LYS A 73 -14.70 -11.74 -6.67
CA LYS A 73 -15.61 -12.87 -6.74
C LYS A 73 -16.86 -12.51 -7.53
N GLU A 74 -17.21 -11.23 -7.50
CA GLU A 74 -18.34 -10.73 -8.27
C GLU A 74 -17.89 -10.44 -9.71
N ASN A 75 -16.60 -10.61 -9.95
CA ASN A 75 -16.03 -10.36 -11.26
C ASN A 75 -15.88 -11.65 -12.04
N GLU A 76 -15.10 -12.57 -11.47
CA GLU A 76 -14.83 -13.85 -12.12
C GLU A 76 -15.31 -15.00 -11.25
N MET B 1 -1.07 87.69 -38.21
CA MET B 1 -1.12 88.81 -37.23
C MET B 1 0.28 89.16 -36.74
N SER B 2 0.49 90.42 -36.42
CA SER B 2 1.79 90.89 -35.97
C SER B 2 2.14 90.31 -34.60
N LEU B 3 1.14 90.27 -33.73
CA LEU B 3 1.33 89.71 -32.39
C LEU B 3 0.35 88.57 -32.13
N GLU B 4 0.83 87.35 -32.29
CA GLU B 4 0.02 86.17 -32.02
C GLU B 4 0.56 85.43 -30.81
N LYS B 5 0.41 86.04 -29.65
CA LYS B 5 0.91 85.45 -28.41
C LYS B 5 -0.12 84.51 -27.82
N ALA B 6 -0.49 83.49 -28.59
CA ALA B 6 -1.42 82.49 -28.12
C ALA B 6 -0.65 81.29 -27.55
N HIS B 7 -1.22 80.66 -26.54
CA HIS B 7 -0.58 79.50 -25.92
C HIS B 7 -1.64 78.49 -25.47
N THR B 8 -2.44 78.08 -26.43
CA THR B 8 -3.49 77.11 -26.19
C THR B 8 -2.94 75.69 -26.36
N SER B 9 -2.09 75.30 -25.42
CA SER B 9 -1.43 74.01 -25.47
C SER B 9 -2.40 72.89 -25.15
N VAL B 10 -2.24 71.76 -25.84
CA VAL B 10 -3.07 70.60 -25.60
C VAL B 10 -2.24 69.51 -24.93
N LYS B 11 -2.34 69.45 -23.61
CA LYS B 11 -1.57 68.50 -22.84
C LYS B 11 -2.39 67.26 -22.53
N LYS B 12 -1.98 66.13 -23.08
CA LYS B 12 -2.64 64.86 -22.84
C LYS B 12 -2.17 64.28 -21.51
N MET B 13 -2.46 64.97 -20.43
CA MET B 13 -1.98 64.60 -19.11
C MET B 13 -2.97 63.66 -18.42
N THR B 14 -4.14 63.51 -19.02
CA THR B 14 -5.15 62.63 -18.46
C THR B 14 -5.20 61.30 -19.21
N PHE B 15 -4.85 60.24 -18.50
CA PHE B 15 -4.79 58.91 -19.11
C PHE B 15 -5.06 57.83 -18.06
N GLY B 16 -4.78 58.14 -16.80
CA GLY B 16 -5.02 57.21 -15.72
C GLY B 16 -3.87 56.26 -15.49
N GLU B 17 -3.28 56.34 -14.31
CA GLU B 17 -2.16 55.46 -13.94
C GLU B 17 -2.60 54.44 -12.91
N ASN B 18 -3.74 54.70 -12.27
CA ASN B 18 -4.26 53.81 -11.23
C ASN B 18 -4.80 52.52 -11.84
N ARG B 19 -4.55 51.42 -11.17
CA ARG B 19 -4.98 50.12 -11.64
C ARG B 19 -5.23 49.17 -10.47
N ASP B 20 -6.49 49.03 -10.09
CA ASP B 20 -6.87 48.10 -9.02
C ASP B 20 -7.38 46.80 -9.63
N LEU B 21 -6.46 46.00 -10.13
CA LEU B 21 -6.82 44.79 -10.83
C LEU B 21 -6.34 43.56 -10.07
N GLU B 22 -5.69 43.79 -8.94
CA GLU B 22 -5.13 42.69 -8.14
C GLU B 22 -6.23 41.74 -7.68
N ARG B 23 -6.11 40.48 -8.08
CA ARG B 23 -7.10 39.47 -7.76
C ARG B 23 -6.42 38.20 -7.29
N VAL B 24 -6.00 38.20 -6.03
CA VAL B 24 -5.33 37.04 -5.44
C VAL B 24 -6.03 36.59 -4.18
N VAL B 25 -5.85 35.32 -3.83
CA VAL B 25 -6.44 34.77 -2.62
C VAL B 25 -5.55 33.64 -2.09
N THR B 26 -5.53 33.47 -0.79
CA THR B 26 -4.65 32.51 -0.16
C THR B 26 -5.42 31.45 0.62
N ALA B 27 -5.96 30.48 -0.10
CA ALA B 27 -6.69 29.38 0.54
C ALA B 27 -6.28 28.06 -0.08
N PRO B 28 -5.12 27.53 0.32
CA PRO B 28 -4.60 26.29 -0.25
C PRO B 28 -5.20 25.05 0.40
N VAL B 29 -5.16 23.94 -0.32
CA VAL B 29 -5.66 22.65 0.16
C VAL B 29 -7.15 22.73 0.49
N SER B 30 -7.99 22.40 -0.49
CA SER B 30 -9.43 22.38 -0.28
C SER B 30 -9.86 21.07 0.35
N SER B 31 -9.13 20.01 0.03
CA SER B 31 -9.39 18.70 0.62
C SER B 31 -8.08 17.97 0.88
N GLY B 32 -7.89 17.55 2.13
CA GLY B 32 -6.67 16.87 2.51
C GLY B 32 -6.88 15.92 3.66
N LYS B 33 -7.76 14.96 3.47
CA LYS B 33 -8.09 14.01 4.52
C LYS B 33 -7.99 12.57 4.00
N ILE B 34 -6.95 12.30 3.24
CA ILE B 34 -6.75 10.98 2.67
C ILE B 34 -5.53 10.30 3.30
N LYS B 35 -5.69 9.04 3.65
CA LYS B 35 -4.64 8.26 4.30
C LYS B 35 -4.12 7.17 3.37
N ARG B 36 -2.89 6.75 3.56
CA ARG B 36 -2.31 5.72 2.72
C ARG B 36 -2.26 4.39 3.46
N VAL B 37 -2.56 3.31 2.74
CA VAL B 37 -2.56 1.98 3.33
C VAL B 37 -1.82 0.99 2.42
N ASN B 38 -1.13 0.05 3.03
CA ASN B 38 -0.38 -0.95 2.29
C ASN B 38 -0.95 -2.33 2.56
N VAL B 39 -1.47 -2.96 1.51
CA VAL B 39 -2.09 -4.27 1.64
C VAL B 39 -1.46 -5.27 0.70
N ASN B 40 -1.73 -6.55 0.96
CA ASN B 40 -1.20 -7.62 0.13
C ASN B 40 -2.33 -8.52 -0.34
N PHE B 41 -2.54 -8.53 -1.66
CA PHE B 41 -3.57 -9.36 -2.26
C PHE B 41 -2.92 -10.55 -2.94
N ASP B 42 -3.70 -11.57 -3.24
CA ASP B 42 -3.19 -12.77 -3.89
C ASP B 42 -2.68 -12.46 -5.30
N GLU B 43 -1.80 -13.33 -5.80
CA GLU B 43 -1.28 -13.20 -7.15
C GLU B 43 -2.41 -13.34 -8.15
N GLU B 44 -3.31 -14.28 -7.88
CA GLU B 44 -4.47 -14.51 -8.72
C GLU B 44 -5.38 -13.28 -8.75
N LYS B 45 -5.47 -12.58 -7.64
CA LYS B 45 -6.30 -11.39 -7.54
C LYS B 45 -5.73 -10.27 -8.39
N HIS B 46 -4.43 -10.32 -8.64
CA HIS B 46 -3.78 -9.31 -9.48
C HIS B 46 -4.06 -9.59 -10.95
N THR B 47 -4.14 -10.88 -11.30
CA THR B 47 -4.47 -11.28 -12.66
C THR B 47 -5.88 -10.82 -13.01
N ARG B 48 -6.82 -11.06 -12.09
CA ARG B 48 -8.19 -10.60 -12.26
C ARG B 48 -8.24 -9.08 -12.21
N PHE B 49 -7.44 -8.49 -11.34
CA PHE B 49 -7.38 -7.04 -11.19
C PHE B 49 -7.04 -6.37 -12.52
N LYS B 50 -6.01 -6.89 -13.18
CA LYS B 50 -5.59 -6.36 -14.47
C LYS B 50 -6.71 -6.46 -15.50
N ALA B 51 -7.28 -7.65 -15.63
CA ALA B 51 -8.35 -7.88 -16.60
C ALA B 51 -9.59 -7.06 -16.25
N ALA B 52 -9.97 -7.06 -14.98
CA ALA B 52 -11.17 -6.35 -14.53
C ALA B 52 -10.98 -4.85 -14.64
N CYS B 53 -9.79 -4.36 -14.33
CA CYS B 53 -9.52 -2.92 -14.40
C CYS B 53 -9.58 -2.44 -15.85
N ALA B 54 -9.22 -3.32 -16.78
CA ALA B 54 -9.31 -3.00 -18.19
C ALA B 54 -10.75 -3.09 -18.68
N ARG B 55 -11.53 -3.94 -18.01
CA ARG B 55 -12.94 -4.12 -18.34
C ARG B 55 -13.78 -2.98 -17.78
N LYS B 56 -13.37 -2.48 -16.63
CA LYS B 56 -14.15 -1.47 -15.92
C LYS B 56 -13.62 -0.08 -16.18
N GLY B 57 -12.42 0.02 -16.71
CA GLY B 57 -11.78 1.30 -16.90
C GLY B 57 -11.35 1.90 -15.58
N THR B 58 -10.51 1.16 -14.87
CA THR B 58 -10.14 1.51 -13.50
C THR B 58 -8.63 1.41 -13.30
N SER B 59 -8.10 2.25 -12.42
CA SER B 59 -6.68 2.24 -12.09
C SER B 59 -6.39 1.21 -11.01
N ILE B 60 -5.12 0.85 -10.84
CA ILE B 60 -4.73 -0.17 -9.87
C ILE B 60 -5.05 0.27 -8.44
N THR B 61 -5.07 1.57 -8.21
CA THR B 61 -5.44 2.11 -6.93
C THR B 61 -6.96 2.27 -6.83
N ASP B 62 -7.56 2.63 -7.95
CA ASP B 62 -8.99 2.91 -8.00
C ASP B 62 -9.82 1.64 -7.81
N VAL B 63 -9.34 0.52 -8.32
CA VAL B 63 -10.07 -0.75 -8.18
C VAL B 63 -10.27 -1.09 -6.71
N VAL B 64 -9.22 -0.85 -5.93
CA VAL B 64 -9.29 -1.07 -4.49
C VAL B 64 -10.26 -0.10 -3.84
N ASN B 65 -10.19 1.17 -4.25
CA ASN B 65 -11.12 2.17 -3.76
C ASN B 65 -12.57 1.78 -4.06
N GLN B 66 -12.76 1.09 -5.18
CA GLN B 66 -14.08 0.66 -5.63
C GLN B 66 -14.62 -0.49 -4.76
N LEU B 67 -13.77 -1.45 -4.43
CA LEU B 67 -14.22 -2.59 -3.64
C LEU B 67 -14.52 -2.17 -2.22
N VAL B 68 -13.68 -1.27 -1.69
CA VAL B 68 -13.93 -0.73 -0.36
C VAL B 68 -15.24 0.04 -0.35
N ASP B 69 -15.50 0.76 -1.43
CA ASP B 69 -16.73 1.53 -1.58
C ASP B 69 -17.95 0.67 -1.39
N ASN B 70 -18.07 -0.37 -2.21
CA ASN B 70 -19.22 -1.25 -2.16
C ASN B 70 -19.42 -1.84 -0.77
N TRP B 71 -18.38 -2.48 -0.25
CA TRP B 71 -18.45 -3.12 1.05
C TRP B 71 -18.75 -2.11 2.15
N LEU B 72 -17.93 -1.09 2.25
CA LEU B 72 -17.99 -0.13 3.36
C LEU B 72 -19.38 0.46 3.51
N LYS B 73 -19.98 0.86 2.40
CA LYS B 73 -21.25 1.57 2.45
C LYS B 73 -22.45 0.61 2.40
N GLU B 74 -22.24 -0.61 1.91
CA GLU B 74 -23.34 -1.57 1.79
C GLU B 74 -23.40 -2.54 2.96
N ASN B 75 -22.25 -2.94 3.49
CA ASN B 75 -22.21 -3.98 4.52
C ASN B 75 -22.49 -3.40 5.90
N GLU B 76 -22.20 -2.12 6.07
CA GLU B 76 -22.44 -1.45 7.34
C GLU B 76 -23.88 -0.98 7.43
N MET A 1 63.56 -26.34 -42.61
CA MET A 1 64.72 -26.78 -41.79
C MET A 1 64.61 -28.28 -41.49
N SER A 2 63.94 -28.63 -40.40
CA SER A 2 63.82 -30.03 -40.00
C SER A 2 62.36 -30.44 -39.91
N LEU A 3 61.75 -30.75 -41.04
CA LEU A 3 60.35 -31.17 -41.11
C LEU A 3 59.44 -30.12 -40.49
N GLU A 4 59.57 -28.87 -40.99
CA GLU A 4 58.75 -27.74 -40.55
C GLU A 4 59.17 -27.23 -39.17
N LYS A 5 60.23 -27.81 -38.63
CA LYS A 5 60.76 -27.37 -37.34
C LYS A 5 62.04 -26.59 -37.54
N ALA A 6 62.07 -25.37 -37.02
CA ALA A 6 63.24 -24.51 -37.14
C ALA A 6 63.55 -23.82 -35.83
N HIS A 7 62.70 -22.86 -35.45
CA HIS A 7 62.87 -22.13 -34.20
C HIS A 7 61.50 -21.88 -33.57
N THR A 8 60.99 -22.88 -32.87
CA THR A 8 59.68 -22.78 -32.23
C THR A 8 59.79 -22.12 -30.85
N SER A 9 59.98 -20.81 -30.85
CA SER A 9 60.15 -20.06 -29.62
C SER A 9 58.92 -19.18 -29.35
N VAL A 10 57.97 -19.20 -30.27
CA VAL A 10 56.75 -18.43 -30.11
C VAL A 10 55.66 -19.28 -29.47
N LYS A 11 55.01 -18.74 -28.45
CA LYS A 11 53.92 -19.41 -27.78
C LYS A 11 52.96 -18.39 -27.20
N LYS A 12 51.66 -18.68 -27.26
CA LYS A 12 50.66 -17.76 -26.76
C LYS A 12 50.67 -17.74 -25.24
N MET A 13 51.08 -16.62 -24.68
CA MET A 13 51.22 -16.48 -23.24
C MET A 13 49.87 -16.14 -22.61
N THR A 14 49.15 -17.16 -22.20
CA THR A 14 47.85 -16.98 -21.57
C THR A 14 48.01 -16.57 -20.11
N PHE A 15 47.57 -15.35 -19.80
CA PHE A 15 47.66 -14.82 -18.44
C PHE A 15 46.61 -15.47 -17.56
N GLY A 16 45.50 -15.86 -18.17
CA GLY A 16 44.46 -16.58 -17.46
C GLY A 16 43.82 -15.77 -16.36
N GLU A 17 43.02 -14.79 -16.75
CA GLU A 17 42.21 -14.04 -15.79
C GLU A 17 40.87 -14.73 -15.64
N ASN A 18 40.39 -15.31 -16.73
CA ASN A 18 39.14 -16.05 -16.77
C ASN A 18 38.00 -15.22 -16.18
N ARG A 19 37.71 -14.10 -16.82
CA ARG A 19 36.67 -13.20 -16.36
C ARG A 19 35.30 -13.63 -16.91
N ASP A 20 34.99 -14.91 -16.75
CA ASP A 20 33.72 -15.46 -17.19
C ASP A 20 32.69 -15.35 -16.09
N LEU A 21 31.47 -14.95 -16.43
CA LEU A 21 30.43 -14.74 -15.44
C LEU A 21 29.19 -15.56 -15.76
N GLU A 22 28.45 -15.95 -14.73
CA GLU A 22 27.23 -16.73 -14.90
C GLU A 22 26.04 -15.81 -15.12
N ARG A 23 25.95 -15.24 -16.32
CA ARG A 23 24.88 -14.30 -16.65
C ARG A 23 23.65 -15.01 -17.19
N VAL A 24 23.01 -15.77 -16.32
CA VAL A 24 21.78 -16.45 -16.68
C VAL A 24 20.57 -15.69 -16.14
N VAL A 25 19.65 -15.34 -17.04
CA VAL A 25 18.51 -14.52 -16.66
C VAL A 25 17.20 -15.29 -16.78
N THR A 26 17.04 -16.28 -15.93
CA THR A 26 15.80 -17.03 -15.86
C THR A 26 14.82 -16.30 -14.95
N ALA A 27 13.68 -15.90 -15.51
CA ALA A 27 12.69 -15.15 -14.76
C ALA A 27 11.93 -16.06 -13.79
N PRO A 28 11.95 -15.73 -12.50
CA PRO A 28 11.27 -16.50 -11.46
C PRO A 28 9.77 -16.25 -11.45
N VAL A 29 9.09 -16.79 -12.45
CA VAL A 29 7.66 -16.58 -12.60
C VAL A 29 6.86 -17.50 -11.68
N SER A 30 7.13 -17.40 -10.39
CA SER A 30 6.47 -18.24 -9.40
C SER A 30 4.99 -17.89 -9.28
N SER A 31 4.15 -18.91 -9.24
CA SER A 31 2.72 -18.73 -9.11
C SER A 31 2.36 -18.44 -7.66
N GLY A 32 3.09 -19.06 -6.74
CA GLY A 32 2.89 -18.82 -5.34
C GLY A 32 3.62 -17.59 -4.85
N LYS A 33 3.27 -16.43 -5.42
CA LYS A 33 3.87 -15.17 -5.05
C LYS A 33 2.77 -14.20 -4.60
N ILE A 34 3.09 -13.38 -3.62
CA ILE A 34 2.15 -12.41 -3.09
C ILE A 34 2.51 -11.02 -3.59
N LYS A 35 1.49 -10.25 -3.94
CA LYS A 35 1.67 -8.93 -4.51
C LYS A 35 1.21 -7.86 -3.53
N ARG A 36 1.75 -6.67 -3.65
CA ARG A 36 1.40 -5.58 -2.74
C ARG A 36 0.69 -4.45 -3.48
N VAL A 37 -0.42 -4.00 -2.92
CA VAL A 37 -1.17 -2.89 -3.49
C VAL A 37 -1.31 -1.77 -2.46
N ASN A 38 -1.02 -0.56 -2.88
CA ASN A 38 -1.09 0.60 -1.99
C ASN A 38 -2.34 1.40 -2.30
N VAL A 39 -3.28 1.38 -1.39
CA VAL A 39 -4.56 2.02 -1.60
C VAL A 39 -4.67 3.32 -0.82
N ASN A 40 -5.38 4.28 -1.41
CA ASN A 40 -5.65 5.54 -0.75
C ASN A 40 -7.10 5.56 -0.29
N PHE A 41 -7.29 5.48 1.01
CA PHE A 41 -8.63 5.41 1.58
C PHE A 41 -9.03 6.75 2.16
N ASP A 42 -10.22 7.21 1.80
CA ASP A 42 -10.74 8.48 2.30
C ASP A 42 -10.96 8.39 3.81
N GLU A 43 -10.75 9.51 4.50
CA GLU A 43 -10.81 9.55 5.96
C GLU A 43 -12.14 9.04 6.50
N GLU A 44 -13.22 9.38 5.82
CA GLU A 44 -14.55 8.90 6.19
C GLU A 44 -14.59 7.38 6.11
N LYS A 45 -14.23 6.87 4.93
CA LYS A 45 -14.19 5.44 4.68
C LYS A 45 -13.27 4.74 5.67
N HIS A 46 -12.12 5.34 5.92
CA HIS A 46 -11.10 4.73 6.77
C HIS A 46 -11.55 4.70 8.23
N THR A 47 -12.28 5.71 8.66
CA THR A 47 -12.79 5.75 10.03
C THR A 47 -13.88 4.68 10.20
N ARG A 48 -14.72 4.53 9.19
CA ARG A 48 -15.71 3.47 9.18
C ARG A 48 -15.01 2.12 9.10
N PHE A 49 -13.96 2.08 8.29
CA PHE A 49 -13.17 0.86 8.09
C PHE A 49 -12.73 0.27 9.43
N LYS A 50 -12.07 1.10 10.24
CA LYS A 50 -11.60 0.67 11.56
C LYS A 50 -12.76 0.23 12.45
N ALA A 51 -13.79 1.06 12.51
CA ALA A 51 -14.93 0.80 13.36
C ALA A 51 -15.68 -0.47 12.94
N ALA A 52 -16.09 -0.51 11.67
CA ALA A 52 -16.88 -1.62 11.14
C ALA A 52 -16.15 -2.95 11.27
N CYS A 53 -14.90 -3.00 10.83
CA CYS A 53 -14.13 -4.25 10.86
C CYS A 53 -13.92 -4.73 12.29
N ALA A 54 -13.74 -3.80 13.22
CA ALA A 54 -13.58 -4.14 14.63
C ALA A 54 -14.87 -4.72 15.19
N ARG A 55 -15.99 -4.26 14.66
CA ARG A 55 -17.30 -4.75 15.07
C ARG A 55 -17.51 -6.19 14.61
N LYS A 56 -17.13 -6.48 13.37
CA LYS A 56 -17.32 -7.82 12.81
C LYS A 56 -16.24 -8.79 13.29
N GLY A 57 -15.01 -8.30 13.38
CA GLY A 57 -13.90 -9.15 13.80
C GLY A 57 -12.90 -9.37 12.69
N THR A 58 -12.82 -8.41 11.79
CA THR A 58 -11.91 -8.48 10.65
C THR A 58 -10.72 -7.53 10.84
N SER A 59 -9.52 -8.01 10.54
CA SER A 59 -8.32 -7.19 10.65
C SER A 59 -8.29 -6.16 9.52
N ILE A 60 -7.90 -4.93 9.85
CA ILE A 60 -7.99 -3.79 8.93
C ILE A 60 -7.47 -4.11 7.52
N THR A 61 -6.31 -4.75 7.44
CA THR A 61 -5.72 -5.09 6.15
C THR A 61 -6.49 -6.25 5.51
N ASP A 62 -6.98 -7.15 6.33
CA ASP A 62 -7.75 -8.29 5.86
C ASP A 62 -9.08 -7.85 5.27
N VAL A 63 -9.62 -6.73 5.77
CA VAL A 63 -10.86 -6.17 5.24
C VAL A 63 -10.66 -5.82 3.78
N VAL A 64 -9.55 -5.15 3.48
CA VAL A 64 -9.22 -4.78 2.11
C VAL A 64 -9.16 -6.02 1.23
N ASN A 65 -8.54 -7.07 1.76
CA ASN A 65 -8.47 -8.34 1.05
C ASN A 65 -9.86 -8.93 0.84
N GLN A 66 -10.75 -8.68 1.80
CA GLN A 66 -12.13 -9.17 1.74
C GLN A 66 -12.94 -8.45 0.66
N LEU A 67 -12.83 -7.12 0.59
CA LEU A 67 -13.56 -6.37 -0.42
C LEU A 67 -13.02 -6.70 -1.80
N VAL A 68 -11.69 -6.82 -1.88
CA VAL A 68 -11.03 -7.22 -3.12
C VAL A 68 -11.51 -8.61 -3.54
N ASP A 69 -11.60 -9.49 -2.56
CA ASP A 69 -12.12 -10.84 -2.79
C ASP A 69 -13.53 -10.80 -3.34
N ASN A 70 -14.39 -10.07 -2.64
CA ASN A 70 -15.81 -9.99 -3.01
C ASN A 70 -15.99 -9.40 -4.41
N TRP A 71 -15.43 -8.22 -4.61
CA TRP A 71 -15.52 -7.52 -5.90
C TRP A 71 -14.96 -8.36 -7.03
N LEU A 72 -13.84 -9.04 -6.77
CA LEU A 72 -13.18 -9.84 -7.79
C LEU A 72 -13.95 -11.12 -8.09
N LYS A 73 -14.28 -11.88 -7.05
CA LYS A 73 -14.91 -13.18 -7.25
C LYS A 73 -16.34 -13.05 -7.76
N GLU A 74 -17.01 -11.95 -7.42
CA GLU A 74 -18.41 -11.78 -7.79
C GLU A 74 -18.55 -11.08 -9.14
N ASN A 75 -17.93 -9.92 -9.28
CA ASN A 75 -18.12 -9.10 -10.48
C ASN A 75 -17.08 -9.42 -11.56
N GLU A 76 -15.89 -9.80 -11.13
CA GLU A 76 -14.80 -10.07 -12.05
C GLU A 76 -14.57 -11.58 -12.19
N MET B 1 24.68 61.38 46.91
CA MET B 1 24.28 62.70 47.47
C MET B 1 22.95 62.59 48.20
N SER B 2 22.49 63.70 48.77
CA SER B 2 21.23 63.73 49.51
C SER B 2 20.05 63.33 48.62
N LEU B 3 19.06 62.71 49.24
CA LEU B 3 17.87 62.20 48.55
C LEU B 3 18.25 61.13 47.53
N GLU B 4 19.32 60.40 47.84
CA GLU B 4 19.82 59.32 46.99
C GLU B 4 20.02 59.78 45.56
N LYS B 5 20.73 60.89 45.39
CA LYS B 5 21.00 61.43 44.06
C LYS B 5 22.44 61.12 43.65
N ALA B 6 22.61 60.67 42.42
CA ALA B 6 23.94 60.33 41.91
C ALA B 6 23.93 60.30 40.38
N HIS B 7 24.01 59.11 39.81
CA HIS B 7 23.94 58.96 38.36
C HIS B 7 23.27 57.63 37.99
N THR B 8 22.10 57.72 37.40
CA THR B 8 21.33 56.53 37.04
C THR B 8 22.09 55.67 36.04
N SER B 9 22.30 54.42 36.39
CA SER B 9 23.03 53.50 35.53
C SER B 9 22.19 52.25 35.28
N VAL B 10 20.91 52.46 34.98
CA VAL B 10 19.99 51.36 34.72
C VAL B 10 19.85 51.10 33.23
N LYS B 11 20.78 51.65 32.45
CA LYS B 11 20.77 51.49 31.02
C LYS B 11 21.07 50.05 30.63
N LYS B 12 20.07 49.36 30.11
CA LYS B 12 20.24 47.99 29.68
C LYS B 12 20.53 47.94 28.19
N MET B 13 21.65 47.34 27.82
CA MET B 13 22.06 47.28 26.42
C MET B 13 21.06 46.50 25.59
N THR B 14 20.72 47.04 24.43
CA THR B 14 19.81 46.39 23.52
C THR B 14 20.40 45.07 23.04
N PHE B 15 19.59 44.04 23.05
CA PHE B 15 20.05 42.69 22.78
C PHE B 15 20.46 42.51 21.32
N GLY B 16 19.80 43.25 20.43
CA GLY B 16 20.12 43.15 19.01
C GLY B 16 19.35 42.05 18.33
N GLU B 17 19.51 40.82 18.81
CA GLU B 17 18.82 39.68 18.24
C GLU B 17 17.40 39.58 18.78
N ASN B 18 17.30 39.25 20.07
CA ASN B 18 16.00 39.12 20.75
C ASN B 18 15.13 38.06 20.08
N ARG B 19 15.61 36.82 20.09
CA ARG B 19 14.88 35.71 19.48
C ARG B 19 13.61 35.40 20.26
N ASP B 20 12.53 35.13 19.54
CA ASP B 20 11.27 34.76 20.14
C ASP B 20 10.83 33.39 19.65
N LEU B 21 10.86 32.41 20.53
CA LEU B 21 10.54 31.04 20.16
C LEU B 21 9.02 30.85 20.10
N GLU B 22 8.51 30.67 18.89
CA GLU B 22 7.10 30.42 18.68
C GLU B 22 6.87 28.96 18.36
N ARG B 23 5.78 28.41 18.86
CA ARG B 23 5.44 27.01 18.62
C ARG B 23 4.05 26.91 18.03
N VAL B 24 3.99 26.80 16.71
CA VAL B 24 2.72 26.70 16.02
C VAL B 24 2.41 25.23 15.74
N VAL B 25 1.92 24.54 16.75
CA VAL B 25 1.58 23.13 16.61
C VAL B 25 0.08 22.95 16.51
N THR B 26 -0.60 24.02 16.18
CA THR B 26 -2.05 24.02 16.05
C THR B 26 -2.47 23.29 14.78
N ALA B 27 -2.92 22.05 14.93
CA ALA B 27 -3.35 21.24 13.81
C ALA B 27 -4.53 20.38 14.22
N PRO B 28 -5.74 20.78 13.82
CA PRO B 28 -6.97 20.06 14.16
C PRO B 28 -7.24 18.90 13.20
N VAL B 29 -8.44 18.35 13.29
CA VAL B 29 -8.86 17.27 12.40
C VAL B 29 -9.11 17.80 10.99
N SER B 30 -8.81 16.99 9.99
CA SER B 30 -8.98 17.38 8.61
C SER B 30 -10.44 17.23 8.19
N SER B 31 -10.76 17.68 6.99
CA SER B 31 -12.10 17.57 6.46
C SER B 31 -12.11 16.65 5.26
N GLY B 32 -12.09 15.35 5.52
CA GLY B 32 -12.05 14.38 4.45
C GLY B 32 -10.67 14.24 3.84
N LYS B 33 -9.74 13.71 4.60
CA LYS B 33 -8.39 13.49 4.11
C LYS B 33 -8.28 12.12 3.46
N ILE B 34 -7.05 11.65 3.28
CA ILE B 34 -6.81 10.34 2.68
C ILE B 34 -5.80 9.55 3.51
N LYS B 35 -5.83 8.24 3.36
CA LYS B 35 -4.99 7.34 4.13
C LYS B 35 -4.30 6.34 3.20
N ARG B 36 -3.08 5.94 3.55
CA ARG B 36 -2.32 5.01 2.72
C ARG B 36 -2.23 3.65 3.39
N VAL B 37 -2.86 2.65 2.77
CA VAL B 37 -2.84 1.29 3.30
C VAL B 37 -2.23 0.35 2.27
N ASN B 38 -1.23 -0.42 2.69
CA ASN B 38 -0.59 -1.39 1.80
C ASN B 38 -1.06 -2.79 2.14
N VAL B 39 -1.69 -3.43 1.17
CA VAL B 39 -2.24 -4.77 1.37
C VAL B 39 -1.51 -5.77 0.50
N ASN B 40 -1.43 -7.01 0.96
CA ASN B 40 -0.76 -8.07 0.23
C ASN B 40 -1.77 -9.06 -0.31
N PHE B 41 -1.98 -9.03 -1.62
CA PHE B 41 -2.92 -9.92 -2.27
C PHE B 41 -2.19 -11.02 -3.02
N ASP B 42 -2.91 -12.08 -3.35
CA ASP B 42 -2.33 -13.19 -4.11
C ASP B 42 -2.04 -12.79 -5.55
N GLU B 43 -1.32 -13.64 -6.27
CA GLU B 43 -1.04 -13.41 -7.68
C GLU B 43 -2.32 -13.41 -8.48
N GLU B 44 -3.23 -14.32 -8.13
CA GLU B 44 -4.55 -14.38 -8.77
C GLU B 44 -5.29 -13.06 -8.61
N LYS B 45 -5.18 -12.49 -7.44
CA LYS B 45 -5.84 -11.23 -7.12
C LYS B 45 -5.28 -10.10 -7.95
N HIS B 46 -4.01 -10.21 -8.30
CA HIS B 46 -3.36 -9.21 -9.12
C HIS B 46 -3.73 -9.38 -10.58
N THR B 47 -3.74 -10.62 -11.05
CA THR B 47 -4.11 -10.90 -12.44
C THR B 47 -5.56 -10.53 -12.69
N ARG B 48 -6.42 -10.86 -11.74
CA ARG B 48 -7.83 -10.48 -11.80
C ARG B 48 -7.97 -8.96 -11.74
N PHE B 49 -7.14 -8.33 -10.91
CA PHE B 49 -7.16 -6.88 -10.77
C PHE B 49 -6.75 -6.20 -12.06
N LYS B 50 -5.78 -6.78 -12.76
CA LYS B 50 -5.32 -6.25 -14.04
C LYS B 50 -6.47 -6.23 -15.03
N ALA B 51 -7.20 -7.34 -15.09
CA ALA B 51 -8.36 -7.46 -15.95
C ALA B 51 -9.45 -6.49 -15.51
N ALA B 52 -9.65 -6.37 -14.20
CA ALA B 52 -10.63 -5.46 -13.64
C ALA B 52 -10.32 -4.01 -14.02
N CYS B 53 -9.04 -3.65 -13.92
CA CYS B 53 -8.59 -2.31 -14.27
C CYS B 53 -8.81 -2.03 -15.76
N ALA B 54 -8.70 -3.07 -16.57
CA ALA B 54 -8.92 -2.93 -18.01
C ALA B 54 -10.41 -2.82 -18.32
N ARG B 55 -11.19 -3.68 -17.67
CA ARG B 55 -12.64 -3.71 -17.85
C ARG B 55 -13.27 -2.39 -17.41
N LYS B 56 -12.85 -1.90 -16.25
CA LYS B 56 -13.40 -0.67 -15.70
C LYS B 56 -12.71 0.55 -16.29
N GLY B 57 -11.51 0.35 -16.82
CA GLY B 57 -10.76 1.44 -17.40
C GLY B 57 -10.32 2.45 -16.36
N THR B 58 -9.71 1.96 -15.29
CA THR B 58 -9.29 2.82 -14.21
C THR B 58 -8.06 2.24 -13.51
N SER B 59 -7.48 3.00 -12.59
CA SER B 59 -6.26 2.61 -11.92
C SER B 59 -6.52 1.58 -10.82
N ILE B 60 -5.46 0.90 -10.39
CA ILE B 60 -5.55 -0.15 -9.39
C ILE B 60 -6.10 0.38 -8.06
N THR B 61 -5.85 1.64 -7.78
CA THR B 61 -6.34 2.23 -6.55
C THR B 61 -7.85 2.46 -6.60
N ASP B 62 -8.34 2.86 -7.77
CA ASP B 62 -9.73 3.22 -7.94
C ASP B 62 -10.64 2.00 -7.94
N VAL B 63 -10.15 0.87 -8.44
CA VAL B 63 -10.92 -0.36 -8.41
C VAL B 63 -11.07 -0.85 -6.97
N VAL B 64 -10.05 -0.62 -6.16
CA VAL B 64 -10.14 -0.94 -4.73
C VAL B 64 -11.14 -0.03 -4.05
N ASN B 65 -11.20 1.21 -4.51
CA ASN B 65 -12.18 2.16 -4.00
C ASN B 65 -13.60 1.70 -4.34
N GLN B 66 -13.73 0.96 -5.43
CA GLN B 66 -15.04 0.41 -5.84
C GLN B 66 -15.47 -0.74 -4.94
N LEU B 67 -14.54 -1.64 -4.62
CA LEU B 67 -14.87 -2.77 -3.76
C LEU B 67 -15.10 -2.30 -2.33
N VAL B 68 -14.30 -1.35 -1.89
CA VAL B 68 -14.47 -0.77 -0.57
C VAL B 68 -15.74 0.09 -0.53
N ASP B 69 -16.16 0.57 -1.70
CA ASP B 69 -17.42 1.29 -1.84
C ASP B 69 -18.58 0.40 -1.40
N ASN B 70 -18.68 -0.75 -2.05
CA ASN B 70 -19.73 -1.71 -1.75
C ASN B 70 -19.73 -2.09 -0.28
N TRP B 71 -18.62 -2.64 0.19
CA TRP B 71 -18.52 -3.11 1.57
C TRP B 71 -18.79 -2.00 2.58
N LEU B 72 -18.05 -0.91 2.47
CA LEU B 72 -18.08 0.15 3.49
C LEU B 72 -19.47 0.71 3.69
N LYS B 73 -20.22 0.85 2.60
CA LYS B 73 -21.50 1.51 2.65
C LYS B 73 -22.64 0.51 2.89
N GLU B 74 -22.37 -0.77 2.63
CA GLU B 74 -23.38 -1.81 2.82
C GLU B 74 -23.25 -2.49 4.19
N ASN B 75 -22.01 -2.62 4.67
CA ASN B 75 -21.73 -3.35 5.91
C ASN B 75 -22.09 -2.52 7.14
N GLU B 76 -22.07 -1.21 6.99
CA GLU B 76 -22.36 -0.32 8.11
C GLU B 76 -23.05 0.93 7.59
N MET A 1 -9.90 -83.53 -38.21
CA MET A 1 -9.12 -83.13 -37.02
C MET A 1 -9.27 -84.15 -35.91
N SER A 2 -8.34 -84.15 -34.97
CA SER A 2 -8.37 -85.09 -33.86
C SER A 2 -9.31 -84.59 -32.77
N LEU A 3 -10.59 -85.01 -32.86
CA LEU A 3 -11.63 -84.63 -31.90
C LEU A 3 -12.06 -83.17 -32.08
N GLU A 4 -11.08 -82.26 -32.11
CA GLU A 4 -11.32 -80.82 -32.21
C GLU A 4 -11.88 -80.27 -30.89
N LYS A 5 -11.90 -81.11 -29.87
CA LYS A 5 -12.37 -80.72 -28.56
C LYS A 5 -11.55 -81.43 -27.49
N ALA A 6 -10.35 -81.86 -27.85
CA ALA A 6 -9.48 -82.54 -26.89
C ALA A 6 -8.99 -81.57 -25.84
N HIS A 7 -8.67 -80.36 -26.27
CA HIS A 7 -8.23 -79.31 -25.36
C HIS A 7 -9.41 -78.40 -25.02
N THR A 8 -10.47 -78.98 -24.51
CA THR A 8 -11.66 -78.22 -24.15
C THR A 8 -11.46 -77.51 -22.82
N SER A 9 -12.12 -76.39 -22.64
CA SER A 9 -12.03 -75.64 -21.40
C SER A 9 -12.85 -76.31 -20.30
N VAL A 10 -12.18 -77.13 -19.50
CA VAL A 10 -12.85 -77.88 -18.43
C VAL A 10 -12.48 -77.31 -17.07
N LYS A 11 -13.43 -76.63 -16.45
CA LYS A 11 -13.23 -75.96 -15.15
C LYS A 11 -12.17 -74.87 -15.27
N LYS A 12 -11.95 -74.41 -16.50
CA LYS A 12 -10.94 -73.40 -16.78
C LYS A 12 -11.20 -72.76 -18.14
N MET A 13 -11.94 -71.66 -18.14
CA MET A 13 -12.25 -70.96 -19.37
C MET A 13 -11.56 -69.60 -19.40
N THR A 14 -11.74 -68.84 -18.33
CA THR A 14 -11.10 -67.54 -18.22
C THR A 14 -10.25 -67.48 -16.95
N PHE A 15 -9.04 -66.96 -17.08
CA PHE A 15 -8.08 -66.98 -15.99
C PHE A 15 -7.73 -65.57 -15.54
N GLY A 16 -7.89 -64.61 -16.45
CA GLY A 16 -7.56 -63.23 -16.14
C GLY A 16 -6.35 -62.75 -16.92
N GLU A 17 -6.53 -62.60 -18.22
CA GLU A 17 -5.47 -62.13 -19.10
C GLU A 17 -5.89 -60.82 -19.77
N ASN A 18 -6.84 -60.13 -19.15
CA ASN A 18 -7.34 -58.88 -19.69
C ASN A 18 -6.44 -57.72 -19.27
N ARG A 19 -6.10 -57.68 -17.98
CA ARG A 19 -5.20 -56.68 -17.42
C ARG A 19 -5.78 -55.28 -17.50
N ASP A 20 -6.07 -54.70 -16.34
CA ASP A 20 -6.56 -53.33 -16.28
C ASP A 20 -5.50 -52.43 -15.66
N LEU A 21 -4.35 -52.36 -16.33
CA LEU A 21 -3.22 -51.58 -15.82
C LEU A 21 -3.14 -50.24 -16.53
N GLU A 22 -3.73 -49.23 -15.92
CA GLU A 22 -3.73 -47.89 -16.48
C GLU A 22 -3.31 -46.88 -15.43
N ARG A 23 -2.15 -46.27 -15.63
CA ARG A 23 -1.61 -45.32 -14.67
C ARG A 23 -1.89 -43.89 -15.12
N VAL A 24 -2.61 -43.15 -14.29
CA VAL A 24 -2.96 -41.77 -14.61
C VAL A 24 -1.96 -40.81 -13.97
N VAL A 25 -1.12 -40.20 -14.79
CA VAL A 25 -0.11 -39.28 -14.30
C VAL A 25 -0.64 -37.86 -14.22
N THR A 26 -0.71 -37.32 -13.01
CA THR A 26 -1.18 -35.97 -12.79
C THR A 26 -0.10 -35.15 -12.10
N ALA A 27 0.12 -33.93 -12.57
CA ALA A 27 1.15 -33.06 -12.03
C ALA A 27 0.74 -31.59 -12.09
N PRO A 28 0.09 -31.10 -11.02
CA PRO A 28 -0.36 -29.72 -10.95
C PRO A 28 0.74 -28.75 -10.51
N VAL A 29 1.02 -27.76 -11.35
CA VAL A 29 2.01 -26.75 -11.02
C VAL A 29 1.33 -25.56 -10.33
N SER A 30 1.30 -25.61 -9.01
CA SER A 30 0.59 -24.61 -8.22
C SER A 30 1.48 -23.40 -7.93
N SER A 31 1.12 -22.26 -8.49
CA SER A 31 1.84 -21.03 -8.26
C SER A 31 1.42 -20.38 -6.96
N GLY A 32 2.37 -20.11 -6.08
CA GLY A 32 2.07 -19.49 -4.82
C GLY A 32 2.86 -18.20 -4.63
N LYS A 33 2.47 -17.17 -5.34
CA LYS A 33 3.17 -15.90 -5.29
C LYS A 33 2.24 -14.79 -4.82
N ILE A 34 2.63 -14.11 -3.77
CA ILE A 34 1.84 -13.00 -3.23
C ILE A 34 2.50 -11.67 -3.56
N LYS A 35 1.70 -10.73 -4.03
CA LYS A 35 2.18 -9.42 -4.40
C LYS A 35 1.74 -8.38 -3.38
N ARG A 36 2.60 -7.40 -3.13
CA ARG A 36 2.29 -6.34 -2.17
C ARG A 36 1.92 -5.05 -2.88
N VAL A 37 0.75 -4.52 -2.55
CA VAL A 37 0.23 -3.32 -3.19
C VAL A 37 -0.16 -2.28 -2.14
N ASN A 38 0.14 -1.02 -2.42
CA ASN A 38 -0.23 0.07 -1.53
C ASN A 38 -1.40 0.84 -2.12
N VAL A 39 -2.49 0.94 -1.38
CA VAL A 39 -3.69 1.62 -1.86
C VAL A 39 -4.03 2.79 -0.94
N ASN A 40 -4.90 3.67 -1.42
CA ASN A 40 -5.32 4.82 -0.64
C ASN A 40 -6.84 4.88 -0.53
N PHE A 41 -7.32 5.17 0.66
CA PHE A 41 -8.76 5.25 0.92
C PHE A 41 -9.15 6.66 1.34
N ASP A 42 -10.43 6.97 1.21
CA ASP A 42 -10.97 8.26 1.63
C ASP A 42 -11.12 8.30 3.14
N GLU A 43 -11.21 9.50 3.71
CA GLU A 43 -11.28 9.68 5.15
C GLU A 43 -12.43 8.87 5.76
N GLU A 44 -13.63 9.07 5.23
CA GLU A 44 -14.80 8.32 5.68
C GLU A 44 -14.57 6.83 5.54
N LYS A 45 -13.97 6.44 4.43
CA LYS A 45 -13.71 5.04 4.15
C LYS A 45 -12.76 4.43 5.19
N HIS A 46 -11.87 5.25 5.74
CA HIS A 46 -10.93 4.76 6.73
C HIS A 46 -11.51 4.80 8.13
N THR A 47 -12.24 5.87 8.46
CA THR A 47 -12.87 5.97 9.77
C THR A 47 -13.90 4.86 9.94
N ARG A 48 -14.61 4.58 8.86
CA ARG A 48 -15.56 3.48 8.84
C ARG A 48 -14.84 2.15 8.88
N PHE A 49 -13.72 2.08 8.15
CA PHE A 49 -12.90 0.86 8.10
C PHE A 49 -12.58 0.38 9.50
N LYS A 50 -11.95 1.24 10.28
CA LYS A 50 -11.53 0.91 11.64
C LYS A 50 -12.73 0.60 12.53
N ALA A 51 -13.77 1.41 12.43
CA ALA A 51 -14.95 1.27 13.27
C ALA A 51 -15.70 -0.03 12.99
N ALA A 52 -16.03 -0.25 11.73
CA ALA A 52 -16.79 -1.42 11.32
C ALA A 52 -15.99 -2.71 11.59
N CYS A 53 -14.71 -2.69 11.24
CA CYS A 53 -13.86 -3.86 11.43
C CYS A 53 -13.66 -4.15 12.92
N ALA A 54 -13.71 -3.11 13.75
CA ALA A 54 -13.59 -3.29 15.19
C ALA A 54 -14.85 -3.93 15.77
N ARG A 55 -15.98 -3.61 15.15
CA ARG A 55 -17.25 -4.17 15.58
C ARG A 55 -17.33 -5.66 15.26
N LYS A 56 -16.59 -6.09 14.25
CA LYS A 56 -16.67 -7.46 13.78
C LYS A 56 -15.47 -8.30 14.24
N GLY A 57 -14.36 -7.63 14.50
CA GLY A 57 -13.14 -8.33 14.90
C GLY A 57 -12.27 -8.64 13.71
N THR A 58 -12.18 -7.71 12.78
CA THR A 58 -11.43 -7.90 11.56
C THR A 58 -10.14 -7.09 11.56
N SER A 59 -9.10 -7.65 10.97
CA SER A 59 -7.84 -6.94 10.80
C SER A 59 -7.93 -6.00 9.61
N ILE A 60 -7.41 -4.78 9.76
CA ILE A 60 -7.50 -3.77 8.70
C ILE A 60 -7.10 -4.33 7.34
N THR A 61 -5.95 -4.99 7.30
CA THR A 61 -5.44 -5.57 6.07
C THR A 61 -6.39 -6.64 5.51
N ASP A 62 -6.94 -7.43 6.42
CA ASP A 62 -7.86 -8.52 6.05
C ASP A 62 -9.12 -7.96 5.40
N VAL A 63 -9.62 -6.84 5.91
CA VAL A 63 -10.81 -6.22 5.35
C VAL A 63 -10.61 -5.89 3.88
N VAL A 64 -9.50 -5.23 3.56
CA VAL A 64 -9.18 -4.86 2.19
C VAL A 64 -9.17 -6.09 1.29
N ASN A 65 -8.43 -7.11 1.72
CA ASN A 65 -8.32 -8.36 0.95
C ASN A 65 -9.69 -8.98 0.71
N GLN A 66 -10.53 -8.93 1.74
CA GLN A 66 -11.88 -9.49 1.66
C GLN A 66 -12.73 -8.73 0.65
N LEU A 67 -12.66 -7.40 0.70
CA LEU A 67 -13.48 -6.57 -0.18
C LEU A 67 -12.98 -6.64 -1.62
N VAL A 68 -11.65 -6.73 -1.77
CA VAL A 68 -11.06 -6.94 -3.09
C VAL A 68 -11.57 -8.25 -3.66
N ASP A 69 -11.64 -9.26 -2.80
CA ASP A 69 -12.17 -10.56 -3.17
C ASP A 69 -13.62 -10.44 -3.60
N ASN A 70 -14.43 -9.79 -2.76
CA ASN A 70 -15.86 -9.68 -3.01
C ASN A 70 -16.14 -8.91 -4.30
N TRP A 71 -15.48 -7.78 -4.47
CA TRP A 71 -15.62 -6.97 -5.68
C TRP A 71 -15.20 -7.77 -6.90
N LEU A 72 -14.03 -8.41 -6.80
CA LEU A 72 -13.48 -9.17 -7.90
C LEU A 72 -14.39 -10.33 -8.29
N LYS A 73 -15.00 -10.97 -7.31
CA LYS A 73 -15.82 -12.14 -7.56
C LYS A 73 -17.21 -11.76 -8.09
N GLU A 74 -17.77 -10.69 -7.54
CA GLU A 74 -19.14 -10.30 -7.88
C GLU A 74 -19.21 -9.46 -9.15
N ASN A 75 -18.21 -8.62 -9.36
CA ASN A 75 -18.22 -7.72 -10.53
C ASN A 75 -17.60 -8.40 -11.75
N GLU A 76 -17.05 -9.59 -11.54
CA GLU A 76 -16.56 -10.40 -12.64
C GLU A 76 -17.73 -11.12 -13.31
N MET B 1 -60.73 59.19 24.76
CA MET B 1 -60.85 59.39 23.30
C MET B 1 -62.29 59.69 22.93
N SER B 2 -62.49 60.37 21.82
CA SER B 2 -63.84 60.67 21.34
C SER B 2 -64.03 60.13 19.94
N LEU B 3 -65.27 59.77 19.62
CA LEU B 3 -65.63 59.18 18.34
C LEU B 3 -65.12 57.73 18.23
N GLU B 4 -63.81 57.58 18.07
CA GLU B 4 -63.18 56.27 17.97
C GLU B 4 -63.83 55.45 16.86
N LYS B 5 -63.98 56.06 15.70
CA LYS B 5 -64.70 55.42 14.60
C LYS B 5 -63.97 55.61 13.27
N ALA B 6 -62.80 56.25 13.32
CA ALA B 6 -62.04 56.50 12.12
C ALA B 6 -60.74 55.71 12.14
N HIS B 7 -60.70 54.66 12.94
CA HIS B 7 -59.52 53.81 13.04
C HIS B 7 -59.91 52.35 12.90
N THR B 8 -61.00 52.11 12.16
CA THR B 8 -61.53 50.78 11.95
C THR B 8 -60.84 50.09 10.76
N SER B 9 -59.52 49.94 10.85
CA SER B 9 -58.73 49.36 9.76
C SER B 9 -59.00 50.12 8.46
N VAL B 10 -59.01 51.45 8.56
CA VAL B 10 -59.37 52.29 7.44
C VAL B 10 -58.22 53.23 7.09
N LYS B 11 -58.16 53.61 5.81
CA LYS B 11 -57.13 54.51 5.28
C LYS B 11 -55.77 53.83 5.18
N LYS B 12 -55.30 53.27 6.28
CA LYS B 12 -54.04 52.57 6.31
C LYS B 12 -54.00 51.53 7.42
N MET B 13 -53.34 50.42 7.16
CA MET B 13 -53.21 49.36 8.14
C MET B 13 -51.73 49.13 8.44
N THR B 14 -51.42 48.05 9.14
CA THR B 14 -50.05 47.70 9.42
C THR B 14 -49.41 47.09 8.18
N PHE B 15 -48.30 47.67 7.74
CA PHE B 15 -47.64 47.25 6.50
C PHE B 15 -46.81 45.98 6.73
N GLY B 16 -46.73 45.56 7.99
CA GLY B 16 -45.90 44.44 8.35
C GLY B 16 -44.74 44.89 9.22
N GLU B 17 -45.07 45.28 10.44
CA GLU B 17 -44.08 45.81 11.37
C GLU B 17 -43.24 44.69 11.97
N ASN B 18 -43.36 43.49 11.41
CA ASN B 18 -42.57 42.35 11.84
C ASN B 18 -41.10 42.54 11.43
N ARG B 19 -40.89 42.67 10.13
CA ARG B 19 -39.56 42.91 9.56
C ARG B 19 -38.62 41.76 9.91
N ASP B 20 -38.74 40.66 9.19
CA ASP B 20 -37.91 39.49 9.40
C ASP B 20 -36.56 39.68 8.73
N LEU B 21 -35.53 39.89 9.53
CA LEU B 21 -34.19 40.11 9.02
C LEU B 21 -33.22 39.12 9.63
N GLU B 22 -33.76 38.07 10.22
CA GLU B 22 -32.97 37.06 10.89
C GLU B 22 -31.93 36.46 9.96
N ARG B 23 -30.72 36.28 10.47
CA ARG B 23 -29.61 35.75 9.70
C ARG B 23 -28.91 34.63 10.47
N VAL B 24 -28.66 33.52 9.79
CA VAL B 24 -27.99 32.39 10.41
C VAL B 24 -26.71 32.07 9.66
N VAL B 25 -25.61 31.94 10.38
CA VAL B 25 -24.33 31.62 9.78
C VAL B 25 -24.14 30.11 9.72
N THR B 26 -24.03 29.57 8.52
CA THR B 26 -23.92 28.12 8.37
C THR B 26 -22.89 27.76 7.30
N ALA B 27 -21.64 27.61 7.72
CA ALA B 27 -20.57 27.22 6.83
C ALA B 27 -20.18 25.77 7.06
N PRO B 28 -20.54 24.88 6.14
CA PRO B 28 -20.29 23.44 6.29
C PRO B 28 -18.83 23.06 6.02
N VAL B 29 -18.40 21.98 6.66
CA VAL B 29 -17.04 21.47 6.49
C VAL B 29 -17.06 19.95 6.37
N SER B 30 -16.18 19.41 5.53
CA SER B 30 -16.16 17.99 5.27
C SER B 30 -14.76 17.41 5.38
N SER B 31 -14.67 16.11 5.64
CA SER B 31 -13.39 15.43 5.74
C SER B 31 -12.71 15.35 4.37
N GLY B 32 -11.43 15.70 4.32
CA GLY B 32 -10.72 15.72 3.05
C GLY B 32 -9.28 15.31 3.16
N LYS B 33 -9.02 14.01 3.08
CA LYS B 33 -7.66 13.47 3.09
C LYS B 33 -7.68 12.01 2.66
N ILE B 34 -6.54 11.52 2.20
CA ILE B 34 -6.42 10.14 1.77
C ILE B 34 -5.55 9.35 2.73
N LYS B 35 -5.93 8.11 2.97
CA LYS B 35 -5.26 7.26 3.93
C LYS B 35 -4.54 6.12 3.21
N ARG B 36 -3.44 5.66 3.77
CA ARG B 36 -2.61 4.64 3.11
C ARG B 36 -2.80 3.26 3.73
N VAL B 37 -3.09 2.29 2.89
CA VAL B 37 -3.23 0.91 3.32
C VAL B 37 -2.36 -0.01 2.46
N ASN B 38 -1.56 -0.84 3.11
CA ASN B 38 -0.70 -1.77 2.40
C ASN B 38 -1.28 -3.17 2.50
N VAL B 39 -1.57 -3.77 1.36
CA VAL B 39 -2.19 -5.08 1.32
C VAL B 39 -1.37 -6.03 0.45
N ASN B 40 -1.63 -7.32 0.60
CA ASN B 40 -0.93 -8.34 -0.18
C ASN B 40 -1.93 -9.27 -0.84
N PHE B 41 -1.90 -9.31 -2.16
CA PHE B 41 -2.81 -10.16 -2.93
C PHE B 41 -2.02 -11.18 -3.73
N ASP B 42 -2.56 -12.38 -3.82
CA ASP B 42 -1.95 -13.44 -4.62
C ASP B 42 -1.89 -13.01 -6.09
N GLU B 43 -0.91 -13.55 -6.80
CA GLU B 43 -0.69 -13.19 -8.20
C GLU B 43 -1.92 -13.49 -9.05
N GLU B 44 -2.70 -14.49 -8.65
CA GLU B 44 -3.97 -14.79 -9.30
C GLU B 44 -4.92 -13.60 -9.14
N LYS B 45 -5.13 -13.21 -7.89
CA LYS B 45 -5.96 -12.07 -7.55
C LYS B 45 -5.44 -10.80 -8.21
N HIS B 46 -4.12 -10.71 -8.31
CA HIS B 46 -3.47 -9.56 -8.93
C HIS B 46 -3.75 -9.51 -10.43
N THR B 47 -3.63 -10.65 -11.09
CA THR B 47 -3.93 -10.76 -12.52
C THR B 47 -5.40 -10.45 -12.79
N ARG B 48 -6.26 -10.93 -11.89
CA ARG B 48 -7.68 -10.65 -11.97
C ARG B 48 -7.93 -9.16 -11.79
N PHE B 49 -7.27 -8.57 -10.81
CA PHE B 49 -7.41 -7.15 -10.52
C PHE B 49 -6.98 -6.30 -11.70
N LYS B 50 -5.90 -6.73 -12.37
CA LYS B 50 -5.40 -6.03 -13.54
C LYS B 50 -6.43 -6.04 -14.66
N ALA B 51 -7.10 -7.18 -14.83
CA ALA B 51 -8.16 -7.29 -15.81
C ALA B 51 -9.37 -6.48 -15.39
N ALA B 52 -9.66 -6.50 -14.09
CA ALA B 52 -10.82 -5.79 -13.55
C ALA B 52 -10.72 -4.28 -13.76
N CYS B 53 -9.58 -3.70 -13.36
CA CYS B 53 -9.39 -2.26 -13.51
C CYS B 53 -9.35 -1.85 -14.98
N ALA B 54 -8.79 -2.74 -15.81
CA ALA B 54 -8.75 -2.51 -17.26
C ALA B 54 -10.15 -2.56 -17.85
N ARG B 55 -10.95 -3.52 -17.38
CA ARG B 55 -12.31 -3.68 -17.85
C ARG B 55 -13.16 -2.50 -17.43
N LYS B 56 -12.97 -2.05 -16.20
CA LYS B 56 -13.71 -0.92 -15.67
C LYS B 56 -13.21 0.38 -16.29
N GLY B 57 -11.99 0.35 -16.82
CA GLY B 57 -11.42 1.50 -17.47
C GLY B 57 -11.00 2.57 -16.48
N THR B 58 -10.28 2.16 -15.44
CA THR B 58 -9.86 3.07 -14.40
C THR B 58 -8.62 2.56 -13.69
N SER B 59 -8.05 3.39 -12.83
CA SER B 59 -6.84 3.05 -12.08
C SER B 59 -7.15 1.94 -11.08
N ILE B 60 -6.15 1.11 -10.80
CA ILE B 60 -6.34 -0.03 -9.91
C ILE B 60 -6.65 0.43 -8.48
N THR B 61 -6.11 1.58 -8.10
CA THR B 61 -6.36 2.12 -6.77
C THR B 61 -7.83 2.53 -6.61
N ASP B 62 -8.43 2.97 -7.72
CA ASP B 62 -9.81 3.42 -7.71
C ASP B 62 -10.77 2.26 -7.49
N VAL B 63 -10.48 1.11 -8.11
CA VAL B 63 -11.34 -0.05 -7.95
C VAL B 63 -11.25 -0.60 -6.53
N VAL B 64 -10.10 -0.42 -5.88
CA VAL B 64 -9.96 -0.80 -4.48
C VAL B 64 -10.85 0.07 -3.61
N ASN B 65 -10.89 1.35 -3.92
CA ASN B 65 -11.76 2.27 -3.21
C ASN B 65 -13.23 1.94 -3.49
N GLN B 66 -13.49 1.32 -4.64
CA GLN B 66 -14.85 0.96 -5.03
C GLN B 66 -15.36 -0.26 -4.27
N LEU B 67 -14.51 -1.26 -4.08
CA LEU B 67 -14.93 -2.45 -3.33
C LEU B 67 -15.20 -2.08 -1.89
N VAL B 68 -14.33 -1.25 -1.33
CA VAL B 68 -14.51 -0.73 0.01
C VAL B 68 -15.74 0.15 0.08
N ASP B 69 -15.99 0.89 -1.00
CA ASP B 69 -17.15 1.77 -1.10
C ASP B 69 -18.44 1.00 -0.84
N ASN B 70 -18.63 -0.06 -1.60
CA ASN B 70 -19.85 -0.87 -1.50
C ASN B 70 -20.00 -1.45 -0.12
N TRP B 71 -18.92 -2.04 0.38
CA TRP B 71 -18.91 -2.61 1.72
C TRP B 71 -19.23 -1.54 2.75
N LEU B 72 -18.51 -0.43 2.67
CA LEU B 72 -18.61 0.66 3.63
C LEU B 72 -20.04 1.15 3.78
N LYS B 73 -20.68 1.42 2.66
CA LYS B 73 -21.99 2.05 2.68
C LYS B 73 -23.12 1.02 2.86
N GLU B 74 -22.80 -0.26 2.71
CA GLU B 74 -23.79 -1.32 2.92
C GLU B 74 -23.69 -1.90 4.34
N ASN B 75 -22.47 -1.99 4.85
CA ASN B 75 -22.23 -2.62 6.14
C ASN B 75 -22.43 -1.66 7.30
N GLU B 76 -22.25 -0.36 7.04
CA GLU B 76 -22.36 0.65 8.08
C GLU B 76 -23.27 1.77 7.64
N MET A 1 83.61 -47.51 2.44
CA MET A 1 82.73 -48.48 3.11
C MET A 1 82.67 -48.19 4.61
N SER A 2 83.83 -48.11 5.25
CA SER A 2 83.90 -47.82 6.68
C SER A 2 83.37 -46.41 6.96
N LEU A 3 83.63 -45.51 6.02
CA LEU A 3 83.09 -44.16 6.11
C LEU A 3 81.81 -44.09 5.30
N GLU A 4 80.78 -43.51 5.89
CA GLU A 4 79.50 -43.35 5.23
C GLU A 4 79.07 -41.89 5.27
N LYS A 5 77.91 -41.61 4.69
CA LYS A 5 77.37 -40.27 4.71
C LYS A 5 76.02 -40.29 5.45
N ALA A 6 75.42 -39.13 5.64
CA ALA A 6 74.13 -39.03 6.30
C ALA A 6 73.04 -39.59 5.40
N HIS A 7 72.71 -40.86 5.59
CA HIS A 7 71.77 -41.56 4.74
C HIS A 7 70.40 -41.65 5.40
N THR A 8 70.06 -40.61 6.15
CA THR A 8 68.76 -40.54 6.79
C THR A 8 67.84 -39.62 5.99
N SER A 9 66.66 -40.12 5.67
CA SER A 9 65.71 -39.38 4.84
C SER A 9 65.07 -38.24 5.63
N VAL A 10 65.36 -37.01 5.23
CA VAL A 10 64.82 -35.84 5.89
C VAL A 10 63.46 -35.49 5.28
N LYS A 11 62.43 -36.17 5.75
CA LYS A 11 61.09 -35.98 5.20
C LYS A 11 60.03 -36.12 6.29
N LYS A 12 59.24 -35.07 6.45
CA LYS A 12 58.12 -35.08 7.39
C LYS A 12 56.84 -34.71 6.68
N MET A 13 55.76 -35.40 6.99
CA MET A 13 54.48 -35.16 6.33
C MET A 13 53.39 -34.87 7.35
N THR A 14 52.64 -33.81 7.12
CA THR A 14 51.55 -33.42 8.00
C THR A 14 50.23 -33.97 7.46
N PHE A 15 49.18 -33.90 8.28
CA PHE A 15 47.87 -34.41 7.90
C PHE A 15 47.15 -33.41 6.99
N GLY A 16 47.39 -32.13 7.24
CA GLY A 16 46.76 -31.09 6.45
C GLY A 16 45.27 -31.03 6.64
N GLU A 17 44.84 -30.83 7.88
CA GLU A 17 43.42 -30.74 8.19
C GLU A 17 42.90 -29.33 7.94
N ASN A 18 41.98 -29.20 7.00
CA ASN A 18 41.46 -27.90 6.61
C ASN A 18 40.41 -27.41 7.61
N ARG A 19 39.21 -27.98 7.53
CA ARG A 19 38.10 -27.64 8.42
C ARG A 19 37.82 -26.13 8.39
N ASP A 20 37.93 -25.55 7.21
CA ASP A 20 37.74 -24.11 7.05
C ASP A 20 36.80 -23.80 5.89
N LEU A 21 36.74 -24.71 4.92
CA LEU A 21 35.88 -24.55 3.75
C LEU A 21 34.43 -24.90 4.09
N GLU A 22 33.92 -24.32 5.15
CA GLU A 22 32.55 -24.58 5.58
C GLU A 22 31.62 -23.47 5.11
N ARG A 23 30.50 -23.86 4.52
CA ARG A 23 29.50 -22.91 4.06
C ARG A 23 28.13 -23.31 4.58
N VAL A 24 27.48 -22.42 5.30
CA VAL A 24 26.18 -22.70 5.88
C VAL A 24 25.07 -22.13 5.01
N VAL A 25 24.04 -22.92 4.78
CA VAL A 25 22.91 -22.48 3.96
C VAL A 25 21.65 -22.36 4.82
N THR A 26 21.33 -21.13 5.19
CA THR A 26 20.16 -20.86 6.02
C THR A 26 19.19 -19.95 5.28
N ALA A 27 18.59 -20.47 4.21
CA ALA A 27 17.71 -19.67 3.38
C ALA A 27 16.26 -20.10 3.52
N PRO A 28 15.47 -19.36 4.32
CA PRO A 28 14.05 -19.65 4.53
C PRO A 28 13.24 -19.48 3.25
N VAL A 29 12.68 -20.58 2.76
CA VAL A 29 11.90 -20.55 1.53
C VAL A 29 10.70 -19.63 1.66
N SER A 30 10.75 -18.51 0.96
CA SER A 30 9.70 -17.50 1.03
C SER A 30 8.79 -17.61 -0.18
N SER A 31 7.53 -17.95 0.07
CA SER A 31 6.56 -18.17 -0.99
C SER A 31 6.21 -16.86 -1.69
N GLY A 32 6.61 -16.74 -2.95
CA GLY A 32 6.30 -15.55 -3.72
C GLY A 32 4.93 -15.64 -4.37
N LYS A 33 3.91 -15.88 -3.56
CA LYS A 33 2.55 -16.01 -4.06
C LYS A 33 1.67 -14.91 -3.49
N ILE A 34 2.31 -13.86 -2.99
CA ILE A 34 1.60 -12.71 -2.45
C ILE A 34 1.94 -11.46 -3.23
N LYS A 35 0.93 -10.65 -3.48
CA LYS A 35 1.09 -9.43 -4.26
C LYS A 35 0.75 -8.22 -3.40
N ARG A 36 1.66 -7.25 -3.34
CA ARG A 36 1.49 -6.11 -2.45
C ARG A 36 1.05 -4.88 -3.22
N VAL A 37 0.00 -4.24 -2.74
CA VAL A 37 -0.54 -3.07 -3.38
C VAL A 37 -0.77 -1.95 -2.35
N ASN A 38 -0.20 -0.79 -2.61
CA ASN A 38 -0.30 0.35 -1.71
C ASN A 38 -1.31 1.35 -2.25
N VAL A 39 -2.31 1.68 -1.45
CA VAL A 39 -3.36 2.57 -1.88
C VAL A 39 -3.68 3.61 -0.82
N ASN A 40 -4.29 4.70 -1.25
CA ASN A 40 -4.70 5.77 -0.34
C ASN A 40 -6.21 5.73 -0.14
N PHE A 41 -6.62 5.67 1.11
CA PHE A 41 -8.04 5.61 1.44
C PHE A 41 -8.48 6.88 2.13
N ASP A 42 -9.70 7.31 1.88
CA ASP A 42 -10.24 8.53 2.46
C ASP A 42 -10.44 8.38 3.96
N GLU A 43 -10.30 9.48 4.69
CA GLU A 43 -10.44 9.46 6.14
C GLU A 43 -11.84 9.06 6.57
N GLU A 44 -12.85 9.44 5.77
CA GLU A 44 -14.23 9.07 6.04
C GLU A 44 -14.38 7.56 5.89
N LYS A 45 -13.85 7.04 4.79
CA LYS A 45 -13.86 5.62 4.53
C LYS A 45 -13.03 4.90 5.59
N HIS A 46 -11.99 5.57 6.09
CA HIS A 46 -11.13 5.00 7.12
C HIS A 46 -11.86 4.94 8.46
N THR A 47 -12.75 5.92 8.69
CA THR A 47 -13.53 5.96 9.90
C THR A 47 -14.48 4.77 9.98
N ARG A 48 -15.19 4.53 8.88
CA ARG A 48 -16.07 3.38 8.78
C ARG A 48 -15.25 2.09 8.77
N PHE A 49 -14.11 2.15 8.09
CA PHE A 49 -13.20 1.02 7.99
C PHE A 49 -12.86 0.47 9.37
N LYS A 50 -12.31 1.32 10.21
CA LYS A 50 -11.89 0.92 11.56
C LYS A 50 -13.07 0.47 12.41
N ALA A 51 -14.18 1.20 12.30
CA ALA A 51 -15.38 0.88 13.07
C ALA A 51 -15.94 -0.48 12.67
N ALA A 52 -16.11 -0.68 11.37
CA ALA A 52 -16.66 -1.91 10.84
C ALA A 52 -15.71 -3.08 11.03
N CYS A 53 -14.43 -2.83 10.84
CA CYS A 53 -13.41 -3.86 10.98
C CYS A 53 -13.34 -4.35 12.42
N ALA A 54 -13.53 -3.43 13.36
CA ALA A 54 -13.53 -3.77 14.77
C ALA A 54 -14.78 -4.57 15.12
N ARG A 55 -15.91 -4.20 14.50
CA ARG A 55 -17.17 -4.90 14.73
C ARG A 55 -17.09 -6.33 14.18
N LYS A 56 -16.53 -6.46 12.98
CA LYS A 56 -16.38 -7.77 12.36
C LYS A 56 -15.35 -8.61 13.12
N GLY A 57 -14.32 -7.96 13.62
CA GLY A 57 -13.31 -8.64 14.40
C GLY A 57 -12.12 -9.06 13.55
N THR A 58 -11.63 -8.14 12.74
CA THR A 58 -10.51 -8.41 11.87
C THR A 58 -9.70 -7.14 11.64
N SER A 59 -8.48 -7.30 11.16
CA SER A 59 -7.59 -6.18 10.92
C SER A 59 -8.05 -5.40 9.69
N ILE A 60 -7.64 -4.13 9.60
CA ILE A 60 -8.01 -3.28 8.48
C ILE A 60 -7.40 -3.81 7.19
N THR A 61 -6.24 -4.45 7.30
CA THR A 61 -5.57 -5.04 6.17
C THR A 61 -6.42 -6.17 5.58
N ASP A 62 -7.01 -6.97 6.47
CA ASP A 62 -7.89 -8.05 6.06
C ASP A 62 -9.20 -7.49 5.51
N VAL A 63 -9.59 -6.34 6.03
CA VAL A 63 -10.78 -5.66 5.58
C VAL A 63 -10.62 -5.23 4.12
N VAL A 64 -9.45 -4.68 3.79
CA VAL A 64 -9.16 -4.30 2.41
C VAL A 64 -9.16 -5.52 1.51
N ASN A 65 -8.65 -6.63 2.02
CA ASN A 65 -8.66 -7.89 1.28
C ASN A 65 -10.10 -8.37 1.08
N GLN A 66 -10.97 -8.04 2.03
CA GLN A 66 -12.37 -8.43 1.98
C GLN A 66 -13.12 -7.69 0.87
N LEU A 67 -12.87 -6.38 0.76
CA LEU A 67 -13.54 -5.59 -0.28
C LEU A 67 -13.08 -6.05 -1.65
N VAL A 68 -11.79 -6.32 -1.78
CA VAL A 68 -11.24 -6.83 -3.03
C VAL A 68 -11.80 -8.20 -3.34
N ASP A 69 -11.92 -9.02 -2.29
CA ASP A 69 -12.53 -10.34 -2.41
C ASP A 69 -13.94 -10.22 -2.96
N ASN A 70 -14.73 -9.39 -2.30
CA ASN A 70 -16.12 -9.13 -2.69
C ASN A 70 -16.21 -8.59 -4.10
N TRP A 71 -15.55 -7.45 -4.32
CA TRP A 71 -15.62 -6.75 -5.60
C TRP A 71 -15.15 -7.62 -6.76
N LEU A 72 -13.94 -8.14 -6.64
CA LEU A 72 -13.29 -8.83 -7.74
C LEU A 72 -14.04 -10.10 -8.15
N LYS A 73 -14.38 -10.93 -7.16
CA LYS A 73 -14.90 -12.25 -7.47
C LYS A 73 -16.42 -12.26 -7.64
N GLU A 74 -17.13 -11.52 -6.80
CA GLU A 74 -18.60 -11.56 -6.83
C GLU A 74 -19.15 -10.81 -8.05
N ASN A 75 -18.45 -9.76 -8.47
CA ASN A 75 -18.93 -8.98 -9.61
C ASN A 75 -18.31 -9.48 -10.91
N GLU A 76 -17.39 -10.43 -10.80
CA GLU A 76 -16.75 -11.06 -11.95
C GLU A 76 -17.78 -11.64 -12.92
N MET B 1 30.52 89.62 12.04
CA MET B 1 31.01 90.49 10.95
C MET B 1 32.07 89.77 10.12
N SER B 2 33.33 89.95 10.48
CA SER B 2 34.43 89.37 9.74
C SER B 2 34.76 87.96 10.23
N LEU B 3 34.53 87.73 11.51
CA LEU B 3 34.81 86.43 12.11
C LEU B 3 33.62 85.50 11.90
N GLU B 4 33.53 84.91 10.73
CA GLU B 4 32.43 84.01 10.41
C GLU B 4 32.89 82.57 10.51
N LYS B 5 31.95 81.64 10.43
CA LYS B 5 32.26 80.23 10.53
C LYS B 5 31.31 79.42 9.65
N ALA B 6 31.63 78.15 9.46
CA ALA B 6 30.77 77.26 8.70
C ALA B 6 29.93 76.42 9.64
N HIS B 7 28.96 77.04 10.27
CA HIS B 7 28.10 76.37 11.24
C HIS B 7 26.86 75.81 10.56
N THR B 8 27.06 75.24 9.38
CA THR B 8 25.97 74.66 8.62
C THR B 8 25.59 73.29 9.17
N SER B 9 24.29 73.06 9.34
CA SER B 9 23.79 71.81 9.90
C SER B 9 23.77 70.71 8.84
N VAL B 10 24.95 70.41 8.29
CA VAL B 10 25.08 69.36 7.29
C VAL B 10 25.43 68.02 7.95
N LYS B 11 24.51 67.07 7.84
CA LYS B 11 24.72 65.75 8.41
C LYS B 11 24.07 64.69 7.51
N LYS B 12 24.82 64.23 6.53
CA LYS B 12 24.32 63.27 5.56
C LYS B 12 24.13 61.91 6.21
N MET B 13 22.88 61.46 6.28
CA MET B 13 22.54 60.19 6.89
C MET B 13 21.35 59.58 6.19
N THR B 14 21.45 58.30 5.86
CA THR B 14 20.37 57.61 5.19
C THR B 14 19.31 57.16 6.20
N PHE B 15 18.05 57.27 5.81
CA PHE B 15 16.94 56.98 6.72
C PHE B 15 16.60 55.49 6.73
N GLY B 16 17.05 54.78 5.71
CA GLY B 16 16.74 53.36 5.59
C GLY B 16 15.87 53.08 4.39
N GLU B 17 16.47 53.06 3.21
CA GLU B 17 15.73 52.87 1.98
C GLU B 17 16.08 51.54 1.34
N ASN B 18 16.90 50.74 2.03
CA ASN B 18 17.33 49.45 1.51
C ASN B 18 16.19 48.44 1.54
N ARG B 19 15.42 48.46 2.62
CA ARG B 19 14.27 47.57 2.80
C ARG B 19 14.65 46.12 2.56
N ASP B 20 15.47 45.59 3.45
CA ASP B 20 15.94 44.21 3.33
C ASP B 20 14.87 43.24 3.83
N LEU B 21 13.89 42.95 2.99
CA LEU B 21 12.79 42.09 3.35
C LEU B 21 12.47 41.10 2.24
N GLU B 22 13.45 40.28 1.89
CA GLU B 22 13.27 39.25 0.88
C GLU B 22 13.02 37.90 1.55
N ARG B 23 11.76 37.61 1.82
CA ARG B 23 11.40 36.38 2.50
C ARG B 23 10.27 35.67 1.76
N VAL B 24 10.55 34.44 1.34
CA VAL B 24 9.55 33.64 0.64
C VAL B 24 8.52 33.11 1.63
N VAL B 25 7.27 33.55 1.47
CA VAL B 25 6.20 33.15 2.36
C VAL B 25 5.05 32.55 1.57
N THR B 26 5.00 31.23 1.52
CA THR B 26 3.94 30.52 0.82
C THR B 26 3.64 29.20 1.52
N ALA B 27 2.76 29.25 2.51
CA ALA B 27 2.43 28.06 3.29
C ALA B 27 1.06 27.51 2.86
N PRO B 28 1.05 26.40 2.13
CA PRO B 28 -0.18 25.78 1.63
C PRO B 28 -0.95 25.06 2.73
N VAL B 29 -2.24 24.88 2.51
CA VAL B 29 -3.09 24.19 3.47
C VAL B 29 -3.83 23.03 2.78
N SER B 30 -3.06 22.09 2.24
CA SER B 30 -3.64 20.94 1.57
C SER B 30 -4.36 20.04 2.55
N SER B 31 -5.34 19.29 2.06
CA SER B 31 -6.13 18.43 2.91
C SER B 31 -5.37 17.13 3.21
N GLY B 32 -5.63 16.58 4.39
CA GLY B 32 -5.00 15.34 4.78
C GLY B 32 -6.04 14.31 5.18
N LYS B 33 -7.15 14.31 4.45
CA LYS B 33 -8.24 13.39 4.71
C LYS B 33 -8.03 12.06 3.99
N ILE B 34 -6.80 11.58 4.00
CA ILE B 34 -6.46 10.34 3.34
C ILE B 34 -5.42 9.56 4.13
N LYS B 35 -5.54 8.25 4.11
CA LYS B 35 -4.60 7.34 4.78
C LYS B 35 -3.97 6.42 3.75
N ARG B 36 -2.89 5.74 4.11
CA ARG B 36 -2.22 4.84 3.17
C ARG B 36 -2.17 3.41 3.71
N VAL B 37 -2.73 2.48 2.95
CA VAL B 37 -2.74 1.08 3.34
C VAL B 37 -2.04 0.23 2.28
N ASN B 38 -1.22 -0.71 2.74
CA ASN B 38 -0.56 -1.65 1.84
C ASN B 38 -1.15 -3.03 2.04
N VAL B 39 -1.76 -3.57 1.01
CA VAL B 39 -2.47 -4.84 1.12
C VAL B 39 -1.68 -5.97 0.51
N ASN B 40 -1.80 -7.15 1.12
CA ASN B 40 -1.17 -8.35 0.61
C ASN B 40 -2.22 -9.25 -0.04
N PHE B 41 -2.17 -9.34 -1.35
CA PHE B 41 -3.15 -10.10 -2.11
C PHE B 41 -2.57 -11.43 -2.54
N ASP B 42 -3.44 -12.33 -2.98
CA ASP B 42 -3.00 -13.59 -3.57
C ASP B 42 -2.40 -13.31 -4.94
N GLU B 43 -1.70 -14.28 -5.50
CA GLU B 43 -1.12 -14.16 -6.82
C GLU B 43 -2.20 -13.88 -7.86
N GLU B 44 -3.29 -14.62 -7.75
CA GLU B 44 -4.42 -14.45 -8.65
C GLU B 44 -5.06 -13.08 -8.50
N LYS B 45 -5.03 -12.54 -7.29
CA LYS B 45 -5.73 -11.30 -6.98
C LYS B 45 -5.16 -10.11 -7.76
N HIS B 46 -3.90 -10.19 -8.15
CA HIS B 46 -3.29 -9.12 -8.92
C HIS B 46 -3.65 -9.24 -10.39
N THR B 47 -3.54 -10.45 -10.93
CA THR B 47 -3.90 -10.72 -12.31
C THR B 47 -5.40 -10.55 -12.52
N ARG B 48 -6.16 -10.90 -11.49
CA ARG B 48 -7.60 -10.68 -11.48
C ARG B 48 -7.91 -9.20 -11.50
N PHE B 49 -7.17 -8.45 -10.69
CA PHE B 49 -7.35 -7.01 -10.59
C PHE B 49 -7.08 -6.33 -11.93
N LYS B 50 -6.09 -6.84 -12.65
CA LYS B 50 -5.78 -6.33 -13.98
C LYS B 50 -6.95 -6.54 -14.92
N ALA B 51 -7.55 -7.72 -14.85
CA ALA B 51 -8.73 -8.04 -15.65
C ALA B 51 -9.90 -7.17 -15.24
N ALA B 52 -10.08 -6.98 -13.94
CA ALA B 52 -11.16 -6.15 -13.41
C ALA B 52 -11.04 -4.71 -13.89
N CYS B 53 -9.81 -4.21 -13.94
CA CYS B 53 -9.54 -2.87 -14.44
C CYS B 53 -9.92 -2.76 -15.91
N ALA B 54 -9.69 -3.83 -16.65
CA ALA B 54 -10.05 -3.88 -18.07
C ALA B 54 -11.56 -4.04 -18.23
N ARG B 55 -12.19 -4.68 -17.26
CA ARG B 55 -13.62 -4.95 -17.29
C ARG B 55 -14.43 -3.67 -17.09
N LYS B 56 -14.02 -2.85 -16.13
CA LYS B 56 -14.77 -1.65 -15.78
C LYS B 56 -14.16 -0.39 -16.40
N GLY B 57 -12.96 -0.54 -16.95
CA GLY B 57 -12.25 0.61 -17.49
C GLY B 57 -11.74 1.51 -16.39
N THR B 58 -11.31 0.90 -15.31
CA THR B 58 -10.91 1.63 -14.11
C THR B 58 -9.40 1.58 -13.90
N SER B 59 -8.85 2.66 -13.35
CA SER B 59 -7.44 2.69 -12.98
C SER B 59 -7.20 1.78 -11.78
N ILE B 60 -5.97 1.29 -11.62
CA ILE B 60 -5.63 0.36 -10.56
C ILE B 60 -5.88 0.97 -9.18
N THR B 61 -5.90 2.29 -9.10
CA THR B 61 -6.15 2.97 -7.85
C THR B 61 -7.65 3.19 -7.66
N ASP B 62 -8.35 3.44 -8.77
CA ASP B 62 -9.78 3.68 -8.75
C ASP B 62 -10.57 2.44 -8.32
N VAL B 63 -10.11 1.26 -8.76
CA VAL B 63 -10.79 0.02 -8.40
C VAL B 63 -10.78 -0.20 -6.90
N VAL B 64 -9.63 0.03 -6.27
CA VAL B 64 -9.51 -0.16 -4.84
C VAL B 64 -10.43 0.80 -4.09
N ASN B 65 -10.45 2.05 -4.53
CA ASN B 65 -11.36 3.04 -3.97
C ASN B 65 -12.82 2.59 -4.17
N GLN B 66 -13.06 1.93 -5.29
CA GLN B 66 -14.39 1.42 -5.61
C GLN B 66 -14.82 0.32 -4.65
N LEU B 67 -13.98 -0.69 -4.47
CA LEU B 67 -14.33 -1.81 -3.60
C LEU B 67 -14.48 -1.35 -2.15
N VAL B 68 -13.69 -0.36 -1.76
CA VAL B 68 -13.80 0.21 -0.42
C VAL B 68 -15.17 0.85 -0.25
N ASP B 69 -15.60 1.58 -1.27
CA ASP B 69 -16.92 2.20 -1.27
C ASP B 69 -18.01 1.14 -1.23
N ASN B 70 -17.85 0.12 -2.07
CA ASN B 70 -18.79 -0.99 -2.15
C ASN B 70 -18.94 -1.65 -0.78
N TRP B 71 -17.82 -2.04 -0.20
CA TRP B 71 -17.79 -2.68 1.11
C TRP B 71 -18.39 -1.76 2.18
N LEU B 72 -18.05 -0.49 2.12
CA LEU B 72 -18.51 0.48 3.10
C LEU B 72 -20.03 0.59 3.10
N LYS B 73 -20.64 0.41 1.95
CA LYS B 73 -22.10 0.54 1.84
C LYS B 73 -22.79 -0.81 2.01
N GLU B 74 -22.06 -1.89 1.74
CA GLU B 74 -22.62 -3.23 1.86
C GLU B 74 -22.55 -3.73 3.29
N ASN B 75 -21.41 -3.50 3.93
CA ASN B 75 -21.18 -3.98 5.29
C ASN B 75 -21.86 -3.08 6.33
N GLU B 76 -22.22 -1.87 5.92
CA GLU B 76 -22.86 -0.93 6.83
C GLU B 76 -24.27 -1.38 7.18
#